data_4LK3
#
_entry.id   4LK3
#
_cell.length_a   83.570
_cell.length_b   92.070
_cell.length_c   290.950
_cell.angle_alpha   90.00
_cell.angle_beta   90.00
_cell.angle_gamma   90.00
#
_symmetry.space_group_name_H-M   'P 21 21 21'
#
loop_
_entity.id
_entity.type
_entity.pdbx_description
1 polymer 'UDP-glucuronic acid decarboxylase 1'
2 non-polymer NICOTINAMIDE-ADENINE-DINUCLEOTIDE
3 non-polymer "URIDINE-5'-DIPHOSPHATE"
4 non-polymer "URIDINE-5'-DIPHOSPHATE-GLUCURONIC ACID"
5 non-polymer 'SULFATE ION'
6 non-polymer 'PYROPHOSPHATE 2-'
7 water water
#
_entity_poly.entity_id   1
_entity_poly.type   'polypeptide(L)'
_entity_poly.pdbx_seq_one_letter_code
;EKDRKRILITGGAGFVGSHLTDKLMMDGHEVTVVDNFFTGRKRNVEHWIGHENFELINHDVVEPLYIEVDQIYHLASPAS
PPNYMYNPIKTLKTNTIGTLNMLGLAKRVGARLLLASTSEVYGDPEVHPQSEDYWGHVNPIGPRACYDEGKAVAETMCYA
YMKQEGVEVRVARIFNTFGPRMHMNDGRVVSNFILQALQGEPLTVYGSGSQTRAFQYVSDLVNGLVALMNSNVSSPVNLG
NPEEHTILEFAQLIKNLVGSGSEIQFLSEAQDDPQKRKPDIKKAKLMLGWEPVVPLEEGLNKAIHYFRKELEYQANNQYI
PKPKPARIKKGRTRHS
;
_entity_poly.pdbx_strand_id   A,B,C,D,E,F
#
# COMPACT_ATOMS: atom_id res chain seq x y z
N ARG A 4 -23.43 -29.99 3.42
CA ARG A 4 -23.90 -28.73 2.89
C ARG A 4 -22.82 -27.65 3.03
N LYS A 5 -22.45 -27.06 1.91
CA LYS A 5 -21.13 -26.44 1.75
C LYS A 5 -21.22 -24.96 1.38
N ARG A 6 -20.24 -24.15 1.82
CA ARG A 6 -20.16 -22.74 1.38
C ARG A 6 -19.41 -22.67 0.05
N ILE A 7 -20.11 -22.29 -1.01
CA ILE A 7 -19.56 -22.35 -2.35
C ILE A 7 -19.39 -21.00 -3.05
N LEU A 8 -18.17 -20.72 -3.52
CA LEU A 8 -17.93 -19.56 -4.39
C LEU A 8 -18.04 -19.95 -5.86
N ILE A 9 -18.84 -19.18 -6.60
CA ILE A 9 -18.95 -19.33 -8.06
C ILE A 9 -18.59 -18.03 -8.77
N THR A 10 -17.36 -17.93 -9.32
CA THR A 10 -16.99 -16.77 -10.15
C THR A 10 -17.66 -16.89 -11.51
N GLY A 11 -18.06 -15.77 -12.07
CA GLY A 11 -18.84 -15.80 -13.29
C GLY A 11 -20.24 -16.36 -13.03
N GLY A 12 -20.62 -16.41 -11.74
CA GLY A 12 -21.89 -16.97 -11.34
C GLY A 12 -23.09 -16.26 -11.96
N ALA A 13 -22.89 -15.01 -12.38
CA ALA A 13 -23.97 -14.23 -12.96
C ALA A 13 -24.02 -14.39 -14.48
N GLY A 14 -23.24 -15.35 -14.99
CA GLY A 14 -23.20 -15.58 -16.42
C GLY A 14 -24.14 -16.67 -16.89
N PHE A 15 -24.03 -17.02 -18.17
CA PHE A 15 -24.90 -18.05 -18.75
C PHE A 15 -24.81 -19.36 -17.99
N VAL A 16 -23.63 -19.96 -17.95
CA VAL A 16 -23.52 -21.22 -17.23
C VAL A 16 -23.51 -20.97 -15.73
N GLY A 17 -22.82 -19.93 -15.30
CA GLY A 17 -22.71 -19.61 -13.89
C GLY A 17 -24.04 -19.50 -13.19
N SER A 18 -25.05 -18.91 -13.84
CA SER A 18 -26.35 -18.70 -13.22
C SER A 18 -27.17 -19.99 -13.02
N HIS A 19 -27.12 -20.88 -14.03
CA HIS A 19 -27.82 -22.18 -13.96
C HIS A 19 -27.16 -23.04 -12.88
N LEU A 20 -25.83 -22.92 -12.77
CA LEU A 20 -25.08 -23.59 -11.72
C LEU A 20 -25.55 -23.08 -10.37
N THR A 21 -25.61 -21.75 -10.27
CA THR A 21 -26.13 -21.04 -9.10
C THR A 21 -27.52 -21.54 -8.69
N ASP A 22 -28.45 -21.63 -9.63
CA ASP A 22 -29.78 -22.13 -9.29
C ASP A 22 -29.71 -23.49 -8.60
N LYS A 23 -29.00 -24.42 -9.18
CA LYS A 23 -29.01 -25.77 -8.67
C LYS A 23 -28.33 -25.92 -7.34
N LEU A 24 -27.31 -25.15 -7.09
CA LEU A 24 -26.62 -25.27 -5.81
C LEU A 24 -27.41 -24.59 -4.67
N MET A 25 -28.27 -23.64 -5.03
CA MET A 25 -29.11 -22.97 -4.04
C MET A 25 -30.22 -23.91 -3.62
N MET A 26 -31.00 -24.33 -4.61
CA MET A 26 -32.05 -25.34 -4.41
C MET A 26 -31.60 -26.43 -3.46
N ASP A 27 -30.29 -26.65 -3.40
CA ASP A 27 -29.72 -27.73 -2.59
C ASP A 27 -29.40 -27.23 -1.19
N GLY A 28 -29.71 -25.96 -0.95
CA GLY A 28 -29.59 -25.40 0.37
C GLY A 28 -28.19 -25.03 0.74
N HIS A 29 -27.34 -24.75 -0.25
CA HIS A 29 -25.99 -24.37 0.10
C HIS A 29 -25.91 -22.86 0.24
N GLU A 30 -24.82 -22.39 0.85
CA GLU A 30 -24.52 -20.97 0.96
C GLU A 30 -23.65 -20.52 -0.22
N VAL A 31 -24.30 -20.32 -1.36
CA VAL A 31 -23.66 -19.93 -2.60
C VAL A 31 -23.35 -18.43 -2.56
N THR A 32 -22.09 -18.10 -2.83
CA THR A 32 -21.64 -16.73 -2.97
C THR A 32 -21.23 -16.49 -4.41
N VAL A 33 -21.89 -15.57 -5.09
CA VAL A 33 -21.52 -15.29 -6.46
C VAL A 33 -20.64 -14.08 -6.61
N VAL A 34 -19.57 -14.26 -7.37
CA VAL A 34 -18.66 -13.17 -7.71
C VAL A 34 -18.66 -12.91 -9.20
N ASP A 35 -18.89 -11.65 -9.55
CA ASP A 35 -19.03 -11.24 -10.94
C ASP A 35 -18.91 -9.71 -11.09
N ASN A 36 -18.30 -9.28 -12.19
CA ASN A 36 -18.14 -7.85 -12.44
C ASN A 36 -19.09 -7.35 -13.51
N PHE A 37 -19.98 -8.25 -13.94
CA PHE A 37 -21.01 -7.97 -14.93
C PHE A 37 -20.48 -7.50 -16.29
N PHE A 38 -19.26 -7.93 -16.59
CA PHE A 38 -18.66 -7.63 -17.89
C PHE A 38 -19.40 -8.36 -19.02
N THR A 39 -19.80 -9.61 -18.81
CA THR A 39 -20.65 -10.30 -19.83
C THR A 39 -21.90 -10.94 -19.23
N GLY A 40 -21.93 -10.99 -17.91
CA GLY A 40 -23.07 -11.56 -17.22
C GLY A 40 -23.99 -10.44 -16.80
N ARG A 41 -25.16 -10.83 -16.28
CA ARG A 41 -26.23 -9.91 -15.94
C ARG A 41 -26.81 -10.17 -14.55
N LYS A 42 -27.00 -9.10 -13.79
CA LYS A 42 -27.65 -9.18 -12.49
C LYS A 42 -29.01 -9.89 -12.61
N ARG A 43 -29.67 -9.76 -13.77
CA ARG A 43 -31.01 -10.32 -13.95
C ARG A 43 -30.94 -11.84 -13.84
N ASN A 44 -29.83 -12.41 -14.28
CA ASN A 44 -29.61 -13.87 -14.26
C ASN A 44 -29.57 -14.52 -12.87
N VAL A 45 -29.40 -13.71 -11.82
CA VAL A 45 -29.34 -14.21 -10.45
C VAL A 45 -30.22 -13.41 -9.46
N GLU A 46 -30.96 -12.41 -9.95
CA GLU A 46 -31.72 -11.55 -9.04
C GLU A 46 -32.72 -12.26 -8.11
N HIS A 47 -33.33 -13.31 -8.60
CA HIS A 47 -34.25 -14.07 -7.78
C HIS A 47 -33.72 -14.54 -6.44
N TRP A 48 -32.42 -14.71 -6.35
CA TRP A 48 -31.83 -15.29 -5.15
C TRP A 48 -31.39 -14.20 -4.20
N ILE A 49 -31.38 -12.96 -4.68
CA ILE A 49 -30.93 -11.88 -3.81
C ILE A 49 -31.87 -11.78 -2.60
N GLY A 50 -31.29 -11.78 -1.42
CA GLY A 50 -32.11 -11.74 -0.23
C GLY A 50 -32.31 -13.09 0.42
N HIS A 51 -32.33 -14.16 -0.39
CA HIS A 51 -32.47 -15.50 0.20
C HIS A 51 -31.27 -15.69 1.13
N GLU A 52 -31.48 -16.46 2.19
CA GLU A 52 -30.53 -16.52 3.29
C GLU A 52 -29.20 -17.11 2.93
N ASN A 53 -29.23 -18.14 2.10
CA ASN A 53 -28.01 -18.82 1.74
C ASN A 53 -27.34 -18.24 0.48
N PHE A 54 -27.68 -16.99 0.15
CA PHE A 54 -27.19 -16.43 -1.08
C PHE A 54 -26.50 -15.08 -0.87
N GLU A 55 -25.49 -14.79 -1.69
CA GLU A 55 -24.87 -13.46 -1.73
C GLU A 55 -24.25 -13.09 -3.08
N LEU A 56 -24.49 -11.87 -3.54
CA LEU A 56 -23.89 -11.38 -4.78
C LEU A 56 -22.85 -10.33 -4.49
N ILE A 57 -21.64 -10.54 -4.98
CA ILE A 57 -20.59 -9.55 -4.79
C ILE A 57 -20.08 -9.07 -6.14
N ASN A 58 -20.17 -7.76 -6.30
CA ASN A 58 -19.71 -7.11 -7.50
C ASN A 58 -18.20 -6.90 -7.35
N HIS A 59 -17.43 -7.89 -7.82
CA HIS A 59 -15.98 -7.93 -7.67
C HIS A 59 -15.30 -8.43 -8.94
N ASP A 60 -14.12 -7.87 -9.24
CA ASP A 60 -13.28 -8.34 -10.36
C ASP A 60 -12.20 -9.34 -9.90
N VAL A 61 -12.26 -10.57 -10.41
CA VAL A 61 -11.31 -11.60 -9.94
C VAL A 61 -9.85 -11.28 -10.22
N VAL A 62 -9.61 -10.31 -11.09
CA VAL A 62 -8.25 -9.81 -11.28
C VAL A 62 -7.78 -9.13 -10.00
N GLU A 63 -8.72 -8.71 -9.15
CA GLU A 63 -8.40 -8.16 -7.81
C GLU A 63 -8.57 -9.28 -6.79
N PRO A 64 -7.61 -9.34 -5.85
CA PRO A 64 -7.58 -10.30 -4.74
C PRO A 64 -8.91 -10.33 -4.06
N LEU A 65 -9.39 -11.51 -3.70
CA LEU A 65 -10.68 -11.70 -3.04
C LEU A 65 -10.46 -12.51 -1.76
N TYR A 66 -10.92 -12.00 -0.62
CA TYR A 66 -10.69 -12.72 0.62
C TYR A 66 -12.03 -13.16 1.13
N ILE A 67 -12.28 -14.46 1.08
CA ILE A 67 -13.54 -14.98 1.55
C ILE A 67 -13.36 -16.43 2.03
N GLU A 68 -14.39 -16.97 2.67
CA GLU A 68 -14.26 -18.28 3.30
C GLU A 68 -15.23 -19.28 2.70
N VAL A 69 -14.69 -20.27 2.01
CA VAL A 69 -15.54 -21.24 1.35
C VAL A 69 -14.87 -22.61 1.35
N ASP A 70 -15.63 -23.63 0.97
CA ASP A 70 -15.15 -24.99 0.93
C ASP A 70 -14.85 -25.36 -0.49
N GLN A 71 -15.54 -24.69 -1.41
CA GLN A 71 -15.38 -24.97 -2.83
C GLN A 71 -15.39 -23.70 -3.69
N ILE A 72 -14.72 -23.77 -4.84
CA ILE A 72 -14.74 -22.68 -5.80
C ILE A 72 -14.91 -23.22 -7.22
N TYR A 73 -16.03 -22.82 -7.83
CA TYR A 73 -16.30 -23.02 -9.25
C TYR A 73 -15.84 -21.77 -9.97
N HIS A 74 -14.71 -21.87 -10.66
CA HIS A 74 -14.10 -20.74 -11.33
C HIS A 74 -14.59 -20.61 -12.78
N LEU A 75 -15.64 -19.82 -13.01
CA LEU A 75 -16.19 -19.66 -14.35
C LEU A 75 -15.96 -18.26 -14.88
N ALA A 76 -15.17 -17.48 -14.17
CA ALA A 76 -14.96 -16.11 -14.60
C ALA A 76 -14.02 -16.08 -15.86
N SER A 77 -14.66 -16.07 -17.02
CA SER A 77 -13.99 -15.90 -18.28
C SER A 77 -15.01 -15.33 -19.21
N PRO A 78 -14.65 -14.25 -19.88
CA PRO A 78 -15.61 -13.57 -20.75
C PRO A 78 -15.76 -14.42 -21.99
N ALA A 79 -16.91 -14.35 -22.65
CA ALA A 79 -17.08 -15.01 -23.94
C ALA A 79 -16.95 -13.97 -25.05
N SER A 80 -16.89 -14.42 -26.29
CA SER A 80 -16.68 -13.47 -27.38
C SER A 80 -17.38 -13.86 -28.68
N TYR A 86 -12.88 -9.05 -27.73
CA TYR A 86 -13.53 -7.74 -27.55
C TYR A 86 -12.60 -6.72 -26.88
N ASN A 87 -12.06 -7.12 -25.74
CA ASN A 87 -11.02 -6.38 -25.02
C ASN A 87 -9.90 -7.34 -24.68
N PRO A 88 -9.10 -7.73 -25.69
CA PRO A 88 -8.21 -8.89 -25.52
C PRO A 88 -7.35 -8.84 -24.27
N ILE A 89 -6.90 -7.65 -23.87
CA ILE A 89 -6.04 -7.57 -22.71
C ILE A 89 -6.77 -7.90 -21.42
N LYS A 90 -7.98 -7.36 -21.23
CA LYS A 90 -8.73 -7.67 -20.02
C LYS A 90 -9.06 -9.15 -19.97
N THR A 91 -9.36 -9.73 -21.12
CA THR A 91 -9.63 -11.17 -21.19
C THR A 91 -8.39 -11.99 -20.73
N LEU A 92 -7.22 -11.65 -21.27
CA LEU A 92 -5.99 -12.35 -20.92
C LEU A 92 -5.61 -12.14 -19.45
N LYS A 93 -5.75 -10.89 -18.97
CA LYS A 93 -5.53 -10.62 -17.55
C LYS A 93 -6.48 -11.41 -16.66
N THR A 94 -7.75 -11.46 -17.06
CA THR A 94 -8.76 -12.16 -16.27
C THR A 94 -8.46 -13.63 -16.15
N ASN A 95 -8.13 -14.24 -17.28
CA ASN A 95 -7.81 -15.65 -17.36
C ASN A 95 -6.51 -16.06 -16.65
N THR A 96 -5.54 -15.17 -16.58
CA THR A 96 -4.27 -15.53 -15.98
C THR A 96 -4.23 -15.07 -14.52
N ILE A 97 -4.24 -13.75 -14.28
CA ILE A 97 -4.22 -13.22 -12.92
C ILE A 97 -5.44 -13.58 -12.11
N GLY A 98 -6.62 -13.50 -12.71
CA GLY A 98 -7.84 -13.88 -12.06
C GLY A 98 -7.73 -15.28 -11.49
N THR A 99 -7.23 -16.20 -12.32
CA THR A 99 -7.08 -17.60 -11.95
C THR A 99 -6.02 -17.83 -10.87
N LEU A 100 -4.89 -17.13 -10.97
CA LEU A 100 -3.87 -17.20 -9.93
C LEU A 100 -4.49 -16.81 -8.59
N ASN A 101 -5.21 -15.70 -8.56
CA ASN A 101 -5.85 -15.25 -7.33
C ASN A 101 -6.78 -16.31 -6.73
N MET A 102 -7.58 -16.94 -7.56
CA MET A 102 -8.53 -17.94 -7.07
C MET A 102 -7.83 -19.20 -6.55
N LEU A 103 -6.62 -19.45 -7.02
CA LEU A 103 -5.86 -20.59 -6.51
C LEU A 103 -5.22 -20.23 -5.18
N GLY A 104 -4.77 -18.98 -5.09
CA GLY A 104 -4.27 -18.41 -3.85
C GLY A 104 -5.35 -18.50 -2.77
N LEU A 105 -6.56 -18.03 -3.09
CA LEU A 105 -7.68 -18.16 -2.19
C LEU A 105 -7.92 -19.64 -1.82
N ALA A 106 -7.92 -20.52 -2.82
CA ALA A 106 -8.09 -21.95 -2.59
C ALA A 106 -6.98 -22.50 -1.70
N LYS A 107 -5.80 -21.89 -1.79
CA LYS A 107 -4.64 -22.34 -1.03
C LYS A 107 -4.77 -21.89 0.45
N ARG A 108 -5.22 -20.65 0.66
CA ARG A 108 -5.30 -20.05 2.01
C ARG A 108 -6.41 -20.67 2.85
N VAL A 109 -7.52 -21.04 2.23
CA VAL A 109 -8.69 -21.52 2.96
C VAL A 109 -9.05 -23.00 2.78
N GLY A 110 -8.17 -23.73 2.10
CA GLY A 110 -8.33 -25.16 1.86
C GLY A 110 -9.57 -25.49 1.01
N ALA A 111 -9.83 -24.65 0.02
CA ALA A 111 -10.98 -24.92 -0.81
C ALA A 111 -10.56 -25.75 -2.02
N ARG A 112 -11.48 -26.58 -2.47
CA ARG A 112 -11.31 -27.32 -3.70
C ARG A 112 -11.71 -26.41 -4.84
N LEU A 113 -10.92 -26.42 -5.91
CA LEU A 113 -11.20 -25.53 -7.03
C LEU A 113 -11.38 -26.32 -8.31
N LEU A 114 -12.46 -26.00 -9.03
CA LEU A 114 -12.82 -26.58 -10.32
C LEU A 114 -12.67 -25.48 -11.36
N LEU A 115 -11.98 -25.79 -12.45
CA LEU A 115 -11.78 -24.82 -13.51
C LEU A 115 -12.69 -25.13 -14.65
N ALA A 116 -13.47 -24.15 -15.08
CA ALA A 116 -14.32 -24.34 -16.26
C ALA A 116 -13.45 -24.06 -17.50
N SER A 117 -12.75 -25.07 -17.96
CA SER A 117 -11.88 -24.91 -19.12
C SER A 117 -12.73 -25.10 -20.36
N THR A 118 -12.08 -25.28 -21.50
CA THR A 118 -12.79 -25.26 -22.77
C THR A 118 -12.31 -26.34 -23.75
N SER A 119 -13.19 -26.75 -24.66
CA SER A 119 -12.81 -27.73 -25.66
C SER A 119 -11.86 -27.12 -26.67
N GLU A 120 -11.70 -25.81 -26.58
CA GLU A 120 -10.87 -25.07 -27.51
C GLU A 120 -9.37 -25.33 -27.31
N VAL A 121 -9.01 -26.02 -26.23
CA VAL A 121 -7.61 -26.39 -25.94
C VAL A 121 -7.04 -27.54 -26.79
N TYR A 122 -7.91 -28.14 -27.61
CA TYR A 122 -7.50 -29.24 -28.46
C TYR A 122 -7.02 -28.76 -29.83
N GLU A 149 -7.54 -15.88 -25.41
CA GLU A 149 -7.08 -17.17 -24.88
C GLU A 149 -6.61 -17.08 -23.42
N GLY A 150 -5.75 -17.99 -22.98
CA GLY A 150 -5.39 -17.96 -21.58
C GLY A 150 -5.93 -19.18 -20.83
N LYS A 151 -6.86 -19.94 -21.41
CA LYS A 151 -7.41 -21.09 -20.70
C LYS A 151 -6.54 -22.34 -20.71
N ALA A 152 -5.58 -22.42 -21.61
CA ALA A 152 -4.62 -23.49 -21.50
C ALA A 152 -3.71 -23.32 -20.29
N VAL A 153 -3.07 -22.17 -20.20
CA VAL A 153 -2.13 -21.94 -19.11
C VAL A 153 -2.94 -22.02 -17.81
N ALA A 154 -4.18 -21.52 -17.82
CA ALA A 154 -5.07 -21.63 -16.65
C ALA A 154 -5.12 -23.06 -16.08
N GLU A 155 -5.35 -24.04 -16.97
CA GLU A 155 -5.25 -25.46 -16.56
C GLU A 155 -3.91 -25.74 -15.87
N THR A 156 -2.81 -25.28 -16.48
CA THR A 156 -1.48 -25.51 -15.95
C THR A 156 -1.21 -24.92 -14.57
N MET A 157 -1.75 -23.73 -14.35
CA MET A 157 -1.59 -23.02 -13.09
C MET A 157 -2.27 -23.89 -12.02
N CYS A 158 -3.46 -24.39 -12.35
CA CYS A 158 -4.17 -25.29 -11.44
C CYS A 158 -3.31 -26.51 -11.04
N TYR A 159 -2.81 -27.27 -12.01
CA TYR A 159 -2.00 -28.44 -11.67
C TYR A 159 -0.69 -28.12 -10.93
N ALA A 160 -0.16 -26.93 -11.15
CA ALA A 160 1.03 -26.54 -10.43
C ALA A 160 0.69 -26.31 -8.95
N TYR A 161 -0.51 -25.81 -8.69
CA TYR A 161 -0.92 -25.63 -7.30
C TYR A 161 -1.22 -26.98 -6.65
N MET A 162 -1.82 -27.89 -7.43
CA MET A 162 -2.02 -29.25 -6.94
C MET A 162 -0.68 -29.84 -6.53
N LYS A 163 0.25 -29.91 -7.47
CA LYS A 163 1.59 -30.48 -7.25
C LYS A 163 2.40 -29.71 -6.20
N GLN A 164 2.36 -28.39 -6.24
CA GLN A 164 3.29 -27.60 -5.42
C GLN A 164 2.73 -27.16 -4.08
N GLU A 165 1.44 -26.93 -4.02
CA GLU A 165 0.82 -26.41 -2.80
C GLU A 165 -0.27 -27.35 -2.28
N GLY A 166 -0.41 -28.48 -2.95
CA GLY A 166 -1.37 -29.50 -2.54
C GLY A 166 -2.84 -29.12 -2.68
N VAL A 167 -3.13 -28.04 -3.41
CA VAL A 167 -4.52 -27.63 -3.68
C VAL A 167 -5.24 -28.70 -4.50
N GLU A 168 -6.47 -28.99 -4.12
CA GLU A 168 -7.27 -29.95 -4.86
C GLU A 168 -7.92 -29.18 -5.97
N VAL A 169 -7.82 -29.72 -7.18
CA VAL A 169 -8.29 -29.01 -8.35
C VAL A 169 -9.10 -29.99 -9.17
N ARG A 170 -10.07 -29.47 -9.90
CA ARG A 170 -10.80 -30.31 -10.83
C ARG A 170 -10.84 -29.53 -12.12
N VAL A 171 -10.71 -30.23 -13.24
CA VAL A 171 -10.66 -29.51 -14.51
C VAL A 171 -11.65 -30.08 -15.52
N ALA A 172 -12.64 -29.28 -15.89
CA ALA A 172 -13.65 -29.66 -16.89
C ALA A 172 -13.44 -29.00 -18.26
N ARG A 173 -13.44 -29.82 -19.30
CA ARG A 173 -13.34 -29.28 -20.66
C ARG A 173 -14.72 -29.19 -21.30
N ILE A 174 -15.26 -27.97 -21.30
CA ILE A 174 -16.64 -27.77 -21.69
C ILE A 174 -16.79 -27.57 -23.19
N PHE A 175 -17.74 -28.29 -23.81
CA PHE A 175 -17.99 -28.11 -25.24
C PHE A 175 -19.20 -27.22 -25.49
N ASN A 176 -19.57 -27.04 -26.75
CA ASN A 176 -20.67 -26.14 -27.08
C ASN A 176 -21.91 -26.37 -26.24
N THR A 177 -22.33 -25.35 -25.49
CA THR A 177 -23.53 -25.47 -24.69
C THR A 177 -24.59 -24.44 -25.15
N PHE A 178 -25.87 -24.76 -24.94
CA PHE A 178 -26.95 -23.84 -25.31
C PHE A 178 -28.06 -23.94 -24.27
N GLY A 179 -28.91 -22.93 -24.24
CA GLY A 179 -30.03 -22.93 -23.31
C GLY A 179 -30.44 -21.51 -22.93
N PRO A 180 -31.45 -21.38 -22.07
CA PRO A 180 -31.90 -20.10 -21.57
C PRO A 180 -30.72 -19.33 -21.02
N ARG A 181 -30.70 -18.01 -21.22
CA ARG A 181 -29.65 -17.12 -20.67
C ARG A 181 -28.36 -17.13 -21.51
N MET A 182 -28.39 -17.82 -22.64
CA MET A 182 -27.24 -17.75 -23.53
C MET A 182 -27.16 -16.38 -24.20
N HIS A 183 -25.97 -16.05 -24.71
CA HIS A 183 -25.77 -14.84 -25.50
C HIS A 183 -26.42 -15.03 -26.89
N MET A 184 -27.41 -14.19 -27.16
CA MET A 184 -28.23 -14.27 -28.35
C MET A 184 -27.56 -13.65 -29.58
N ASN A 185 -26.71 -12.66 -29.32
CA ASN A 185 -26.12 -11.85 -30.38
C ASN A 185 -24.63 -12.08 -30.54
N ASP A 186 -24.20 -13.34 -30.40
CA ASP A 186 -22.77 -13.65 -30.52
C ASP A 186 -22.44 -14.03 -31.95
N GLY A 187 -23.47 -14.43 -32.71
CA GLY A 187 -23.29 -14.88 -34.08
C GLY A 187 -22.96 -16.36 -34.16
N ARG A 188 -23.14 -17.06 -33.04
CA ARG A 188 -23.10 -18.51 -33.01
C ARG A 188 -24.31 -18.99 -33.80
N VAL A 189 -24.32 -20.26 -34.18
CA VAL A 189 -25.36 -20.80 -35.06
C VAL A 189 -26.74 -21.04 -34.43
N VAL A 190 -26.75 -21.58 -33.21
CA VAL A 190 -28.01 -21.82 -32.51
C VAL A 190 -28.75 -20.50 -32.28
N SER A 191 -27.99 -19.48 -31.90
CA SER A 191 -28.52 -18.15 -31.62
C SER A 191 -29.06 -17.54 -32.91
N ASN A 192 -28.27 -17.64 -33.97
CA ASN A 192 -28.66 -17.11 -35.27
C ASN A 192 -29.94 -17.69 -35.81
N PHE A 193 -29.99 -19.02 -35.86
CA PHE A 193 -31.15 -19.71 -36.43
C PHE A 193 -32.43 -19.40 -35.64
N ILE A 194 -32.31 -19.33 -34.33
CA ILE A 194 -33.47 -19.03 -33.48
C ILE A 194 -34.00 -17.61 -33.71
N LEU A 195 -33.07 -16.66 -33.72
CA LEU A 195 -33.34 -15.25 -33.96
C LEU A 195 -33.94 -15.00 -35.33
N GLN A 196 -33.28 -15.56 -36.35
CA GLN A 196 -33.71 -15.42 -37.71
C GLN A 196 -35.12 -15.98 -37.89
N ALA A 197 -35.36 -17.12 -37.25
CA ALA A 197 -36.65 -17.83 -37.36
C ALA A 197 -37.82 -17.12 -36.70
N LEU A 198 -37.59 -16.59 -35.50
CA LEU A 198 -38.63 -15.88 -34.76
C LEU A 198 -39.03 -14.61 -35.48
N GLN A 199 -38.05 -14.02 -36.14
CA GLN A 199 -38.21 -12.74 -36.82
C GLN A 199 -38.49 -12.92 -38.31
N GLY A 200 -38.92 -14.12 -38.70
CA GLY A 200 -39.33 -14.36 -40.09
C GLY A 200 -38.16 -14.24 -41.08
N GLU A 201 -36.97 -14.00 -40.56
CA GLU A 201 -35.79 -13.83 -41.39
C GLU A 201 -35.39 -15.12 -42.14
N PRO A 202 -34.60 -14.95 -43.22
CA PRO A 202 -34.06 -16.13 -43.91
C PRO A 202 -32.94 -16.67 -43.03
N LEU A 203 -32.76 -17.99 -42.99
CA LEU A 203 -31.74 -18.63 -42.16
C LEU A 203 -30.43 -18.85 -42.93
N THR A 204 -29.35 -18.19 -42.52
CA THR A 204 -28.12 -18.23 -43.30
C THR A 204 -27.27 -19.48 -43.04
N VAL A 205 -27.39 -20.46 -43.92
CA VAL A 205 -26.63 -21.70 -43.82
C VAL A 205 -25.42 -21.62 -44.73
N TYR A 206 -24.24 -21.39 -44.15
CA TYR A 206 -23.01 -21.32 -44.93
C TYR A 206 -22.64 -22.67 -45.57
N GLN A 211 -22.53 -29.78 -42.84
CA GLN A 211 -21.55 -30.07 -41.76
C GLN A 211 -22.28 -30.26 -40.46
N THR A 212 -21.59 -30.90 -39.52
CA THR A 212 -22.20 -31.32 -38.27
C THR A 212 -21.61 -30.60 -37.05
N ARG A 213 -22.51 -30.36 -36.10
CA ARG A 213 -22.16 -29.80 -34.78
C ARG A 213 -22.80 -30.55 -33.64
N ALA A 214 -22.09 -30.58 -32.52
CA ALA A 214 -22.60 -31.24 -31.35
C ALA A 214 -22.82 -30.23 -30.24
N PHE A 215 -24.09 -30.14 -29.86
CA PHE A 215 -24.57 -29.21 -28.85
C PHE A 215 -25.15 -29.96 -27.66
N GLN A 216 -24.87 -29.37 -26.51
CA GLN A 216 -25.24 -29.80 -25.17
C GLN A 216 -26.15 -28.82 -24.45
N TYR A 217 -27.19 -29.33 -23.79
CA TYR A 217 -28.08 -28.42 -23.07
C TYR A 217 -27.48 -28.05 -21.74
N VAL A 218 -27.70 -26.80 -21.32
CA VAL A 218 -26.97 -26.26 -20.18
C VAL A 218 -27.16 -27.00 -18.83
N SER A 219 -28.36 -27.53 -18.56
CA SER A 219 -28.58 -28.25 -17.30
C SER A 219 -27.74 -29.58 -17.20
N ASP A 220 -27.59 -30.29 -18.32
CA ASP A 220 -26.70 -31.45 -18.38
C ASP A 220 -25.25 -31.04 -18.01
N LEU A 221 -24.74 -29.97 -18.61
CA LEU A 221 -23.39 -29.50 -18.24
C LEU A 221 -23.32 -29.23 -16.74
N VAL A 222 -24.33 -28.58 -16.20
CA VAL A 222 -24.35 -28.23 -14.77
C VAL A 222 -24.26 -29.50 -13.94
N ASN A 223 -25.03 -30.50 -14.32
CA ASN A 223 -24.94 -31.79 -13.65
C ASN A 223 -23.51 -32.33 -13.62
N GLY A 224 -22.87 -32.30 -14.79
CA GLY A 224 -21.48 -32.66 -14.93
C GLY A 224 -20.51 -31.92 -14.02
N LEU A 225 -20.69 -30.60 -13.96
CA LEU A 225 -19.81 -29.76 -13.18
C LEU A 225 -19.85 -30.14 -11.72
N VAL A 226 -21.06 -30.38 -11.24
CA VAL A 226 -21.26 -30.74 -9.86
C VAL A 226 -20.67 -32.14 -9.55
N ALA A 227 -20.90 -33.10 -10.45
CA ALA A 227 -20.32 -34.46 -10.30
C ALA A 227 -18.79 -34.50 -10.24
N LEU A 228 -18.16 -33.76 -11.16
CA LEU A 228 -16.72 -33.67 -11.23
C LEU A 228 -16.14 -32.92 -10.02
N MET A 229 -16.86 -31.91 -9.55
CA MET A 229 -16.40 -31.14 -8.40
C MET A 229 -16.31 -32.04 -7.17
N ASN A 230 -17.28 -32.94 -7.01
CA ASN A 230 -17.37 -33.79 -5.83
C ASN A 230 -16.79 -35.19 -6.09
N SER A 231 -16.16 -35.35 -7.25
CA SER A 231 -15.44 -36.58 -7.55
C SER A 231 -14.00 -36.52 -7.09
N ASN A 232 -13.27 -37.60 -7.35
CA ASN A 232 -11.87 -37.60 -7.02
C ASN A 232 -11.02 -37.52 -8.27
N VAL A 233 -11.65 -37.26 -9.40
CA VAL A 233 -10.88 -37.15 -10.63
C VAL A 233 -10.25 -35.78 -10.70
N SER A 234 -8.94 -35.72 -10.48
CA SER A 234 -8.26 -34.43 -10.55
C SER A 234 -7.77 -34.20 -12.00
N SER A 235 -7.72 -35.23 -12.82
CA SER A 235 -7.35 -35.00 -14.19
C SER A 235 -8.55 -34.44 -14.98
N PRO A 236 -8.29 -33.83 -16.15
CA PRO A 236 -9.29 -33.23 -17.03
C PRO A 236 -10.36 -34.21 -17.45
N VAL A 237 -11.58 -33.69 -17.60
CA VAL A 237 -12.72 -34.48 -18.04
C VAL A 237 -13.56 -33.67 -19.01
N ASN A 238 -13.85 -34.26 -20.17
CA ASN A 238 -14.73 -33.66 -21.15
C ASN A 238 -16.18 -33.70 -20.74
N LEU A 239 -16.82 -32.55 -20.81
CA LEU A 239 -18.26 -32.44 -20.57
C LEU A 239 -18.91 -31.84 -21.81
N GLY A 240 -19.55 -32.69 -22.60
CA GLY A 240 -20.19 -32.25 -23.83
C GLY A 240 -21.21 -33.25 -24.30
N ASN A 241 -21.91 -32.95 -25.39
CA ASN A 241 -22.87 -33.91 -25.95
C ASN A 241 -22.36 -34.47 -27.29
N PRO A 242 -22.07 -35.77 -27.33
CA PRO A 242 -21.52 -36.45 -28.53
C PRO A 242 -22.42 -36.49 -29.77
N GLU A 243 -23.73 -36.36 -29.58
CA GLU A 243 -24.71 -36.41 -30.69
C GLU A 243 -24.63 -35.23 -31.68
N GLU A 244 -24.34 -35.52 -32.95
CA GLU A 244 -24.21 -34.47 -33.99
C GLU A 244 -25.40 -34.45 -34.90
N HIS A 245 -25.66 -33.27 -35.47
CA HIS A 245 -26.61 -33.13 -36.55
C HIS A 245 -25.99 -32.15 -37.57
N THR A 246 -26.53 -32.14 -38.78
CA THR A 246 -26.04 -31.18 -39.78
C THR A 246 -26.68 -29.82 -39.51
N ILE A 247 -25.92 -28.76 -39.79
CA ILE A 247 -26.42 -27.40 -39.68
C ILE A 247 -27.79 -27.26 -40.37
N LEU A 248 -27.98 -27.92 -41.52
CA LEU A 248 -29.28 -27.81 -42.22
C LEU A 248 -30.34 -28.56 -41.43
N GLU A 249 -29.94 -29.68 -40.85
CA GLU A 249 -30.82 -30.43 -39.97
C GLU A 249 -31.24 -29.56 -38.77
N PHE A 250 -30.29 -28.77 -38.23
CA PHE A 250 -30.62 -27.86 -37.11
C PHE A 250 -31.58 -26.75 -37.47
N ALA A 251 -31.24 -26.00 -38.52
CA ALA A 251 -32.07 -24.92 -38.99
C ALA A 251 -33.51 -25.39 -39.22
N GLN A 252 -33.64 -26.63 -39.71
CA GLN A 252 -34.98 -27.17 -39.94
C GLN A 252 -35.70 -27.55 -38.65
N LEU A 253 -34.96 -28.08 -37.67
CA LEU A 253 -35.58 -28.46 -36.39
C LEU A 253 -36.04 -27.18 -35.70
N ILE A 254 -35.17 -26.17 -35.70
CA ILE A 254 -35.49 -24.86 -35.14
C ILE A 254 -36.62 -24.18 -35.91
N LYS A 255 -36.54 -24.23 -37.24
CA LYS A 255 -37.59 -23.67 -38.08
C LYS A 255 -38.97 -24.19 -37.67
N ASN A 256 -39.07 -25.49 -37.43
CA ASN A 256 -40.33 -26.12 -37.04
C ASN A 256 -40.69 -25.79 -35.59
N LEU A 257 -39.73 -25.88 -34.69
CA LEU A 257 -40.05 -25.63 -33.28
C LEU A 257 -40.53 -24.19 -32.99
N VAL A 258 -40.03 -23.24 -33.78
CA VAL A 258 -40.46 -21.84 -33.70
C VAL A 258 -41.74 -21.69 -34.50
N GLY A 259 -41.80 -22.40 -35.62
CA GLY A 259 -42.95 -22.35 -36.52
C GLY A 259 -43.10 -21.17 -37.46
N SER A 260 -41.98 -20.68 -37.99
CA SER A 260 -42.01 -19.51 -38.87
C SER A 260 -41.80 -19.95 -40.32
N GLY A 261 -42.24 -19.09 -41.23
CA GLY A 261 -42.10 -19.32 -42.65
C GLY A 261 -40.78 -18.87 -43.24
N SER A 262 -39.72 -18.92 -42.46
CA SER A 262 -38.47 -18.37 -42.93
C SER A 262 -37.88 -19.32 -43.94
N GLU A 263 -37.30 -18.75 -44.97
CA GLU A 263 -36.68 -19.53 -46.02
C GLU A 263 -35.24 -19.72 -45.62
N ILE A 264 -34.74 -20.92 -45.85
CA ILE A 264 -33.36 -21.24 -45.57
C ILE A 264 -32.46 -20.89 -46.74
N GLN A 265 -31.48 -20.02 -46.53
CA GLN A 265 -30.59 -19.69 -47.63
C GLN A 265 -29.19 -20.24 -47.43
N PHE A 266 -28.42 -20.27 -48.53
CA PHE A 266 -27.06 -20.78 -48.49
C PHE A 266 -26.02 -19.80 -49.06
N ARG A 277 -15.06 -31.58 -34.67
CA ARG A 277 -14.47 -32.27 -33.52
C ARG A 277 -15.53 -32.69 -32.48
N LYS A 278 -16.09 -33.88 -32.67
CA LYS A 278 -17.11 -34.45 -31.77
C LYS A 278 -16.50 -34.84 -30.43
N PRO A 279 -17.17 -34.47 -29.32
CA PRO A 279 -16.67 -34.75 -27.97
C PRO A 279 -16.73 -36.24 -27.59
N ASP A 280 -15.68 -36.71 -26.92
CA ASP A 280 -15.65 -38.07 -26.38
C ASP A 280 -15.88 -38.01 -24.87
N ILE A 281 -17.03 -38.50 -24.41
CA ILE A 281 -17.32 -38.39 -22.99
C ILE A 281 -17.31 -39.71 -22.25
N LYS A 282 -16.66 -40.72 -22.80
CA LYS A 282 -16.58 -42.01 -22.16
C LYS A 282 -15.88 -41.95 -20.80
N LYS A 283 -14.93 -41.03 -20.65
CA LYS A 283 -14.25 -40.89 -19.37
C LYS A 283 -15.18 -40.39 -18.26
N ALA A 284 -16.13 -39.51 -18.60
CA ALA A 284 -17.13 -39.02 -17.65
C ALA A 284 -18.17 -40.08 -17.34
N LYS A 285 -18.58 -40.78 -18.37
CA LYS A 285 -19.52 -41.87 -18.21
C LYS A 285 -18.99 -42.86 -17.17
N LEU A 286 -17.69 -43.16 -17.24
CA LEU A 286 -17.11 -44.20 -16.39
C LEU A 286 -16.67 -43.70 -14.99
N MET A 287 -16.07 -42.52 -14.92
CA MET A 287 -15.56 -41.98 -13.66
C MET A 287 -16.62 -41.20 -12.83
N LEU A 288 -17.63 -40.66 -13.52
CA LEU A 288 -18.65 -39.79 -12.91
C LEU A 288 -20.08 -40.29 -13.03
N GLY A 289 -20.26 -41.32 -13.84
CA GLY A 289 -21.61 -41.79 -14.13
C GLY A 289 -22.47 -40.69 -14.75
N TRP A 290 -21.83 -39.79 -15.48
CA TRP A 290 -22.54 -38.68 -16.09
C TRP A 290 -22.78 -38.89 -17.57
N GLU A 291 -23.90 -38.36 -18.04
CA GLU A 291 -24.17 -38.20 -19.46
C GLU A 291 -25.39 -37.32 -19.69
N PRO A 292 -25.46 -36.68 -20.87
CA PRO A 292 -26.58 -35.80 -21.20
C PRO A 292 -27.88 -36.57 -21.25
N VAL A 293 -28.93 -36.04 -20.63
CA VAL A 293 -30.21 -36.76 -20.64
C VAL A 293 -31.32 -35.91 -21.26
N VAL A 294 -31.04 -34.62 -21.44
CA VAL A 294 -31.99 -33.70 -22.08
C VAL A 294 -31.99 -33.86 -23.60
N PRO A 295 -33.10 -34.36 -24.16
CA PRO A 295 -33.19 -34.52 -25.61
C PRO A 295 -33.01 -33.19 -26.33
N LEU A 296 -32.40 -33.20 -27.52
CA LEU A 296 -32.10 -31.97 -28.25
C LEU A 296 -33.36 -31.12 -28.43
N GLU A 297 -34.46 -31.76 -28.84
CA GLU A 297 -35.74 -31.06 -29.02
C GLU A 297 -36.21 -30.29 -27.76
N GLU A 298 -36.19 -30.97 -26.62
CA GLU A 298 -36.61 -30.36 -25.35
C GLU A 298 -35.72 -29.19 -24.99
N GLY A 299 -34.43 -29.33 -25.26
CA GLY A 299 -33.51 -28.26 -24.98
C GLY A 299 -33.75 -27.04 -25.84
N LEU A 300 -33.92 -27.24 -27.14
CA LEU A 300 -34.23 -26.16 -28.07
C LEU A 300 -35.55 -25.47 -27.69
N ASN A 301 -36.58 -26.24 -27.34
CA ASN A 301 -37.83 -25.62 -26.90
C ASN A 301 -37.55 -24.62 -25.79
N LYS A 302 -36.77 -25.01 -24.80
CA LYS A 302 -36.49 -24.11 -23.69
C LYS A 302 -35.69 -22.86 -24.14
N ALA A 303 -34.70 -23.06 -25.02
CA ALA A 303 -33.90 -21.94 -25.51
C ALA A 303 -34.76 -20.98 -26.37
N ILE A 304 -35.65 -21.55 -27.16
CA ILE A 304 -36.55 -20.76 -27.99
C ILE A 304 -37.51 -19.93 -27.13
N HIS A 305 -38.02 -20.52 -26.05
CA HIS A 305 -38.87 -19.81 -25.11
C HIS A 305 -38.15 -18.59 -24.51
N TYR A 306 -36.87 -18.76 -24.19
CA TYR A 306 -36.08 -17.66 -23.67
C TYR A 306 -35.90 -16.52 -24.68
N PHE A 307 -35.46 -16.88 -25.89
CA PHE A 307 -35.25 -15.89 -26.94
C PHE A 307 -36.55 -15.20 -27.32
N ARG A 308 -37.66 -15.89 -27.13
CA ARG A 308 -38.98 -15.35 -27.47
C ARG A 308 -39.44 -14.34 -26.41
N LYS A 309 -39.15 -14.64 -25.15
CA LYS A 309 -39.53 -13.76 -24.05
C LYS A 309 -38.58 -12.58 -23.93
N GLU A 310 -37.46 -12.65 -24.65
CA GLU A 310 -36.48 -11.58 -24.63
C GLU A 310 -36.76 -10.53 -25.71
N LEU A 311 -37.07 -11.01 -26.91
CA LEU A 311 -37.37 -10.13 -28.03
C LEU A 311 -38.58 -9.25 -27.74
N GLU A 312 -39.59 -9.84 -27.11
CA GLU A 312 -40.81 -9.12 -26.76
C GLU A 312 -40.53 -8.00 -25.75
N TYR A 313 -39.66 -8.30 -24.78
CA TYR A 313 -39.31 -7.32 -23.76
C TYR A 313 -38.56 -6.13 -24.37
N GLN A 314 -37.88 -6.38 -25.48
CA GLN A 314 -37.11 -5.34 -26.16
C GLN A 314 -37.93 -4.70 -27.29
N ALA A 315 -39.24 -4.63 -27.08
CA ALA A 315 -40.13 -4.04 -28.09
C ALA A 315 -40.60 -2.64 -27.65
N ARG B 4 22.14 4.96 -31.48
CA ARG B 4 22.51 4.28 -30.22
C ARG B 4 21.46 4.40 -29.13
N LYS B 5 21.02 3.25 -28.62
CA LYS B 5 19.71 3.12 -28.01
C LYS B 5 19.82 2.67 -26.56
N ARG B 6 18.91 3.13 -25.72
CA ARG B 6 18.84 2.63 -24.35
C ARG B 6 18.00 1.35 -24.35
N ILE B 7 18.67 0.25 -24.04
CA ILE B 7 18.12 -1.10 -24.11
C ILE B 7 18.02 -1.82 -22.77
N LEU B 8 16.83 -2.28 -22.44
CA LEU B 8 16.57 -3.18 -21.33
C LEU B 8 16.57 -4.63 -21.82
N ILE B 9 17.31 -5.51 -21.13
CA ILE B 9 17.31 -6.95 -21.38
C ILE B 9 16.90 -7.69 -20.09
N THR B 10 15.66 -8.17 -19.96
CA THR B 10 15.25 -8.98 -18.84
C THR B 10 15.88 -10.37 -19.03
N GLY B 11 16.25 -11.06 -17.95
CA GLY B 11 16.97 -12.30 -18.14
C GLY B 11 18.38 -12.05 -18.69
N GLY B 12 18.85 -10.81 -18.59
CA GLY B 12 20.15 -10.45 -19.11
C GLY B 12 21.35 -11.22 -18.55
N ALA B 13 21.21 -11.78 -17.35
CA ALA B 13 22.29 -12.52 -16.71
C ALA B 13 22.23 -14.01 -17.00
N GLY B 14 21.39 -14.41 -17.94
CA GLY B 14 21.26 -15.83 -18.26
C GLY B 14 22.16 -16.21 -19.42
N PHE B 15 22.00 -17.45 -19.89
CA PHE B 15 22.75 -18.01 -21.02
C PHE B 15 22.64 -17.14 -22.27
N VAL B 16 21.42 -16.97 -22.78
CA VAL B 16 21.27 -16.17 -23.99
C VAL B 16 21.39 -14.69 -23.69
N GLY B 17 20.78 -14.27 -22.60
CA GLY B 17 20.81 -12.87 -22.20
C GLY B 17 22.20 -12.28 -22.05
N SER B 18 23.14 -13.04 -21.50
CA SER B 18 24.45 -12.46 -21.28
C SER B 18 25.20 -12.30 -22.62
N HIS B 19 25.06 -13.25 -23.52
CA HIS B 19 25.71 -13.10 -24.82
C HIS B 19 25.09 -11.94 -25.61
N LEU B 20 23.79 -11.74 -25.49
CA LEU B 20 23.12 -10.58 -26.09
C LEU B 20 23.69 -9.30 -25.49
N THR B 21 23.79 -9.25 -24.17
CA THR B 21 24.42 -8.14 -23.47
C THR B 21 25.82 -7.80 -24.00
N ASP B 22 26.67 -8.80 -24.10
CA ASP B 22 28.01 -8.56 -24.62
C ASP B 22 27.92 -7.87 -25.96
N LYS B 23 27.06 -8.38 -26.83
CA LYS B 23 26.94 -7.88 -28.19
C LYS B 23 26.49 -6.42 -28.27
N LEU B 24 25.51 -6.05 -27.46
CA LEU B 24 24.93 -4.73 -27.53
C LEU B 24 25.80 -3.67 -26.82
N MET B 25 26.63 -4.13 -25.87
CA MET B 25 27.57 -3.24 -25.21
C MET B 25 28.71 -2.94 -26.18
N MET B 26 29.24 -3.97 -26.83
CA MET B 26 30.26 -3.76 -27.86
C MET B 26 29.82 -2.80 -28.98
N ASP B 27 28.51 -2.72 -29.20
CA ASP B 27 27.94 -1.94 -30.29
C ASP B 27 27.64 -0.53 -29.80
N GLY B 28 28.00 -0.28 -28.54
CA GLY B 28 27.94 1.04 -27.92
C GLY B 28 26.61 1.50 -27.39
N HIS B 29 25.75 0.56 -27.05
CA HIS B 29 24.44 0.92 -26.49
C HIS B 29 24.45 1.00 -24.97
N GLU B 30 23.43 1.65 -24.42
CA GLU B 30 23.26 1.65 -23.00
C GLU B 30 22.38 0.47 -22.61
N VAL B 31 23.02 -0.61 -22.21
CA VAL B 31 22.31 -1.81 -21.86
C VAL B 31 22.06 -1.83 -20.35
N THR B 32 20.81 -2.00 -19.97
CA THR B 32 20.43 -2.21 -18.59
C THR B 32 19.91 -3.62 -18.46
N VAL B 33 20.54 -4.41 -17.60
CA VAL B 33 20.13 -5.78 -17.35
C VAL B 33 19.27 -5.93 -16.11
N VAL B 34 18.15 -6.61 -16.25
CA VAL B 34 17.27 -6.96 -15.13
C VAL B 34 17.21 -8.46 -15.03
N ASP B 35 17.46 -8.94 -13.83
CA ASP B 35 17.54 -10.36 -13.56
C ASP B 35 17.46 -10.54 -12.04
N ASN B 36 16.82 -11.62 -11.64
CA ASN B 36 16.70 -11.93 -10.22
C ASN B 36 17.60 -13.12 -9.81
N PHE B 37 18.44 -13.55 -10.73
CA PHE B 37 19.41 -14.64 -10.53
C PHE B 37 18.77 -15.95 -10.15
N PHE B 38 17.53 -16.15 -10.53
CA PHE B 38 16.90 -17.43 -10.30
C PHE B 38 17.53 -18.53 -11.17
N THR B 39 17.89 -18.26 -12.42
CA THR B 39 18.59 -19.31 -13.15
C THR B 39 19.89 -18.78 -13.75
N GLY B 40 20.04 -17.45 -13.72
CA GLY B 40 21.23 -16.79 -14.22
C GLY B 40 22.25 -16.42 -13.16
N ARG B 41 23.41 -15.94 -13.61
CA ARG B 41 24.57 -15.65 -12.75
C ARG B 41 25.21 -14.33 -13.01
N LYS B 42 25.49 -13.62 -11.92
CA LYS B 42 26.20 -12.35 -11.93
C LYS B 42 27.54 -12.49 -12.68
N ARG B 43 28.12 -13.68 -12.62
CA ARG B 43 29.42 -13.88 -13.26
C ARG B 43 29.25 -13.68 -14.77
N ASN B 44 28.07 -14.05 -15.29
CA ASN B 44 27.76 -13.93 -16.73
C ASN B 44 27.77 -12.50 -17.27
N VAL B 45 27.69 -11.52 -16.37
CA VAL B 45 27.68 -10.14 -16.81
C VAL B 45 28.67 -9.26 -16.02
N GLU B 46 29.40 -9.85 -15.07
CA GLU B 46 30.30 -9.08 -14.19
C GLU B 46 31.34 -8.25 -14.93
N HIS B 47 31.82 -8.77 -16.04
CA HIS B 47 32.78 -8.04 -16.87
C HIS B 47 32.35 -6.58 -17.16
N TRP B 48 31.04 -6.31 -17.16
CA TRP B 48 30.52 -4.98 -17.55
C TRP B 48 30.20 -4.06 -16.42
N ILE B 49 30.19 -4.58 -15.20
CA ILE B 49 29.89 -3.74 -14.06
C ILE B 49 30.90 -2.62 -13.90
N GLY B 50 30.41 -1.40 -13.77
CA GLY B 50 31.26 -0.24 -13.67
C GLY B 50 31.38 0.52 -14.98
N HIS B 51 31.30 -0.14 -16.14
CA HIS B 51 31.34 0.59 -17.42
C HIS B 51 30.20 1.54 -17.48
N GLU B 52 30.44 2.63 -18.19
CA GLU B 52 29.57 3.77 -18.17
C GLU B 52 28.20 3.48 -18.75
N ASN B 53 28.16 2.71 -19.83
CA ASN B 53 26.87 2.47 -20.45
C ASN B 53 26.12 1.22 -19.97
N PHE B 54 26.49 0.72 -18.79
CA PHE B 54 25.92 -0.52 -18.32
C PHE B 54 25.37 -0.30 -16.92
N GLU B 55 24.30 -1.03 -16.62
CA GLU B 55 23.75 -1.09 -15.30
C GLU B 55 23.06 -2.40 -15.06
N LEU B 56 23.31 -2.96 -13.89
CA LEU B 56 22.70 -4.21 -13.45
C LEU B 56 21.72 -3.92 -12.35
N ILE B 57 20.49 -4.38 -12.55
CA ILE B 57 19.48 -4.22 -11.54
C ILE B 57 18.94 -5.57 -11.11
N ASN B 58 19.02 -5.86 -9.81
CA ASN B 58 18.48 -7.10 -9.26
C ASN B 58 17.00 -6.92 -9.02
N HIS B 59 16.21 -7.28 -10.03
CA HIS B 59 14.77 -7.03 -10.00
C HIS B 59 14.03 -8.26 -10.52
N ASP B 60 12.89 -8.57 -9.92
CA ASP B 60 11.98 -9.62 -10.43
C ASP B 60 10.87 -9.04 -11.31
N VAL B 61 10.79 -9.46 -12.57
CA VAL B 61 9.81 -8.88 -13.52
C VAL B 61 8.33 -9.07 -13.08
N VAL B 62 8.08 -9.95 -12.14
CA VAL B 62 6.75 -10.01 -11.55
C VAL B 62 6.40 -8.72 -10.80
N GLU B 63 7.41 -7.92 -10.44
CA GLU B 63 7.20 -6.62 -9.80
C GLU B 63 7.30 -5.51 -10.83
N PRO B 64 6.40 -4.55 -10.75
CA PRO B 64 6.43 -3.43 -11.68
C PRO B 64 7.83 -2.84 -11.73
N LEU B 65 8.26 -2.50 -12.92
CA LEU B 65 9.57 -1.97 -13.12
C LEU B 65 9.43 -0.67 -13.86
N TYR B 66 10.01 0.38 -13.29
CA TYR B 66 9.92 1.68 -13.92
C TYR B 66 11.28 2.16 -14.37
N ILE B 67 11.47 2.20 -15.68
CA ILE B 67 12.72 2.67 -16.25
C ILE B 67 12.40 3.27 -17.60
N GLU B 68 13.36 3.97 -18.19
CA GLU B 68 13.09 4.73 -19.39
C GLU B 68 13.97 4.16 -20.50
N VAL B 69 13.37 3.54 -21.50
CA VAL B 69 14.20 2.89 -22.51
C VAL B 69 13.56 2.93 -23.89
N ASP B 70 14.34 2.59 -24.91
CA ASP B 70 13.79 2.60 -26.27
C ASP B 70 13.43 1.19 -26.71
N GLN B 71 14.09 0.19 -26.14
CA GLN B 71 13.85 -1.20 -26.50
C GLN B 71 13.88 -2.08 -25.28
N ILE B 72 13.17 -3.18 -25.36
CA ILE B 72 13.17 -4.17 -24.30
C ILE B 72 13.28 -5.52 -24.94
N TYR B 73 14.36 -6.25 -24.66
CA TYR B 73 14.44 -7.66 -25.04
C TYR B 73 13.96 -8.47 -23.88
N HIS B 74 12.75 -9.01 -24.01
CA HIS B 74 12.17 -9.70 -22.87
C HIS B 74 12.58 -11.20 -22.84
N LEU B 75 13.67 -11.51 -22.13
CA LEU B 75 14.20 -12.89 -22.01
C LEU B 75 14.08 -13.53 -20.62
N ALA B 76 13.42 -12.83 -19.70
CA ALA B 76 13.31 -13.29 -18.31
C ALA B 76 12.34 -14.46 -18.19
N SER B 77 12.88 -15.67 -18.27
CA SER B 77 12.09 -16.85 -18.05
C SER B 77 12.98 -17.99 -17.59
N PRO B 78 12.61 -18.68 -16.51
CA PRO B 78 13.60 -19.69 -16.11
C PRO B 78 13.55 -20.89 -17.03
N ALA B 79 14.68 -21.59 -17.21
CA ALA B 79 14.65 -22.85 -17.94
C ALA B 79 14.68 -23.99 -16.93
N SER B 80 14.44 -25.21 -17.38
CA SER B 80 14.39 -26.34 -16.45
C SER B 80 14.86 -27.61 -17.13
N PRO B 81 15.05 -28.67 -16.34
CA PRO B 81 15.38 -29.98 -16.91
C PRO B 81 14.27 -30.48 -17.85
N MET B 85 10.40 -28.62 -14.65
CA MET B 85 10.15 -27.28 -14.12
C MET B 85 10.41 -27.28 -12.62
N TYR B 86 11.33 -26.44 -12.17
CA TYR B 86 11.86 -26.51 -10.80
C TYR B 86 10.85 -25.97 -9.77
N ASN B 87 10.31 -24.78 -10.03
CA ASN B 87 9.25 -24.16 -9.25
C ASN B 87 8.07 -23.69 -10.10
N PRO B 88 7.22 -24.65 -10.54
CA PRO B 88 6.24 -24.41 -11.61
C PRO B 88 5.39 -23.15 -11.40
N ILE B 89 5.08 -22.82 -10.16
CA ILE B 89 4.26 -21.65 -9.95
C ILE B 89 5.06 -20.39 -10.31
N LYS B 90 6.31 -20.31 -9.87
CA LYS B 90 7.13 -19.14 -10.21
C LYS B 90 7.36 -19.02 -11.73
N THR B 91 7.54 -20.14 -12.42
CA THR B 91 7.69 -20.12 -13.89
C THR B 91 6.42 -19.54 -14.54
N LEU B 92 5.26 -20.03 -14.12
CA LEU B 92 4.00 -19.56 -14.67
C LEU B 92 3.75 -18.10 -14.36
N LYS B 93 4.02 -17.70 -13.11
CA LYS B 93 3.92 -16.28 -12.75
C LYS B 93 4.86 -15.41 -13.60
N THR B 94 6.11 -15.86 -13.79
CA THR B 94 7.07 -15.07 -14.56
C THR B 94 6.67 -14.84 -16.01
N ASN B 95 6.25 -15.90 -16.67
CA ASN B 95 5.86 -15.82 -18.07
C ASN B 95 4.61 -14.98 -18.30
N THR B 96 3.71 -14.94 -17.32
CA THR B 96 2.46 -14.22 -17.50
C THR B 96 2.47 -12.81 -16.94
N ILE B 97 2.54 -12.72 -15.61
CA ILE B 97 2.55 -11.42 -14.93
C ILE B 97 3.83 -10.70 -15.35
N GLY B 98 4.95 -11.43 -15.41
CA GLY B 98 6.21 -10.82 -15.89
C GLY B 98 6.06 -10.15 -17.26
N THR B 99 5.46 -10.83 -18.24
CA THR B 99 5.28 -10.26 -19.59
C THR B 99 4.28 -9.07 -19.62
N LEU B 100 3.18 -9.21 -18.87
CA LEU B 100 2.24 -8.11 -18.78
C LEU B 100 2.99 -6.87 -18.25
N ASN B 101 3.77 -7.00 -17.17
CA ASN B 101 4.53 -5.84 -16.69
C ASN B 101 5.49 -5.27 -17.76
N MET B 102 6.23 -6.11 -18.48
CA MET B 102 7.13 -5.56 -19.50
C MET B 102 6.35 -4.95 -20.66
N LEU B 103 5.11 -5.40 -20.90
CA LEU B 103 4.31 -4.74 -21.95
C LEU B 103 3.72 -3.41 -21.40
N GLY B 104 3.32 -3.42 -20.12
CA GLY B 104 2.91 -2.20 -19.46
C GLY B 104 4.03 -1.18 -19.53
N LEU B 105 5.24 -1.56 -19.14
CA LEU B 105 6.39 -0.68 -19.27
C LEU B 105 6.58 -0.21 -20.69
N ALA B 106 6.51 -1.13 -21.67
CA ALA B 106 6.66 -0.73 -23.10
C ALA B 106 5.63 0.28 -23.58
N LYS B 107 4.43 0.20 -23.01
CA LYS B 107 3.31 1.07 -23.36
C LYS B 107 3.52 2.46 -22.75
N ARG B 108 3.99 2.51 -21.51
CA ARG B 108 4.13 3.79 -20.85
C ARG B 108 5.24 4.64 -21.46
N VAL B 109 6.33 4.00 -21.89
CA VAL B 109 7.50 4.75 -22.35
C VAL B 109 7.76 4.63 -23.83
N GLY B 110 6.88 3.91 -24.50
CA GLY B 110 7.00 3.74 -25.94
C GLY B 110 8.16 2.88 -26.41
N ALA B 111 8.44 1.79 -25.71
CA ALA B 111 9.54 0.92 -26.13
C ALA B 111 9.08 -0.20 -27.05
N ARG B 112 9.95 -0.62 -27.96
CA ARG B 112 9.71 -1.80 -28.75
C ARG B 112 10.14 -2.97 -27.89
N LEU B 113 9.35 -4.03 -27.87
CA LEU B 113 9.57 -5.20 -27.05
C LEU B 113 9.68 -6.46 -27.92
N LEU B 114 10.71 -7.27 -27.67
CA LEU B 114 10.90 -8.55 -28.37
C LEU B 114 10.68 -9.62 -27.34
N LEU B 115 9.89 -10.60 -27.69
CA LEU B 115 9.60 -11.70 -26.79
C LEU B 115 10.40 -12.91 -27.17
N ALA B 116 11.14 -13.49 -26.21
CA ALA B 116 11.89 -14.72 -26.49
C ALA B 116 10.98 -15.90 -26.35
N SER B 117 10.27 -16.20 -27.41
CA SER B 117 9.36 -17.30 -27.34
C SER B 117 10.13 -18.56 -27.67
N THR B 118 9.40 -19.63 -27.92
CA THR B 118 10.00 -20.93 -28.06
C THR B 118 9.40 -21.80 -29.15
N SER B 119 10.20 -22.71 -29.69
CA SER B 119 9.70 -23.64 -30.71
C SER B 119 8.75 -24.61 -30.01
N GLU B 120 8.71 -24.53 -28.69
CA GLU B 120 7.88 -25.46 -27.95
C GLU B 120 6.41 -25.13 -28.15
N VAL B 121 6.11 -24.01 -28.78
CA VAL B 121 4.72 -23.69 -29.05
C VAL B 121 4.08 -24.48 -30.18
N TYR B 122 4.87 -25.30 -30.87
CA TYR B 122 4.35 -26.09 -31.99
C TYR B 122 3.84 -27.47 -31.57
N GLU B 149 4.68 -24.28 -18.61
CA GLU B 149 4.20 -23.51 -19.75
C GLU B 149 4.14 -22.00 -19.48
N GLY B 150 3.29 -21.32 -20.23
CA GLY B 150 3.13 -19.88 -20.14
C GLY B 150 3.66 -19.05 -21.31
N LYS B 151 4.49 -19.63 -22.14
CA LYS B 151 5.03 -18.88 -23.27
C LYS B 151 4.09 -18.77 -24.49
N ALA B 152 3.07 -19.61 -24.60
CA ALA B 152 2.06 -19.40 -25.62
C ALA B 152 1.24 -18.15 -25.33
N VAL B 153 0.67 -18.07 -24.12
CA VAL B 153 -0.18 -16.93 -23.81
C VAL B 153 0.65 -15.65 -23.91
N ALA B 154 1.91 -15.72 -23.49
CA ALA B 154 2.84 -14.59 -23.62
C ALA B 154 2.86 -14.00 -25.06
N GLU B 155 3.04 -14.83 -26.08
CA GLU B 155 2.91 -14.32 -27.47
C GLU B 155 1.58 -13.56 -27.67
N THR B 156 0.50 -14.15 -27.21
CA THR B 156 -0.83 -13.55 -27.32
C THR B 156 -0.96 -12.20 -26.62
N MET B 157 -0.33 -12.10 -25.45
CA MET B 157 -0.37 -10.85 -24.71
C MET B 157 0.33 -9.78 -25.53
N CYS B 158 1.48 -10.11 -26.14
CA CYS B 158 2.21 -9.17 -27.01
C CYS B 158 1.30 -8.66 -28.11
N TYR B 159 0.73 -9.59 -28.85
CA TYR B 159 -0.18 -9.20 -29.92
C TYR B 159 -1.42 -8.41 -29.42
N ALA B 160 -1.88 -8.67 -28.19
CA ALA B 160 -3.00 -7.86 -27.66
C ALA B 160 -2.57 -6.42 -27.35
N TYR B 161 -1.34 -6.23 -26.88
CA TYR B 161 -0.86 -4.86 -26.63
C TYR B 161 -0.58 -4.13 -27.93
N MET B 162 -0.05 -4.87 -28.90
CA MET B 162 0.13 -4.32 -30.23
C MET B 162 -1.19 -3.80 -30.80
N LYS B 163 -2.19 -4.68 -30.91
CA LYS B 163 -3.50 -4.33 -31.48
C LYS B 163 -4.25 -3.26 -30.72
N GLN B 164 -4.23 -3.36 -29.40
CA GLN B 164 -5.07 -2.55 -28.53
C GLN B 164 -4.41 -1.30 -27.97
N GLU B 165 -3.08 -1.31 -27.87
CA GLU B 165 -2.39 -0.18 -27.23
C GLU B 165 -1.31 0.37 -28.11
N GLY B 166 -1.20 -0.17 -29.32
CA GLY B 166 -0.24 0.31 -30.27
C GLY B 166 1.22 0.04 -29.92
N VAL B 167 1.48 -0.86 -28.97
CA VAL B 167 2.84 -1.26 -28.65
C VAL B 167 3.55 -2.01 -29.81
N GLU B 168 4.80 -1.66 -30.10
CA GLU B 168 5.55 -2.38 -31.14
C GLU B 168 6.17 -3.63 -30.49
N VAL B 169 5.98 -4.81 -31.09
CA VAL B 169 6.39 -6.08 -30.52
C VAL B 169 7.08 -6.89 -31.60
N ARG B 170 8.01 -7.73 -31.19
CA ARG B 170 8.65 -8.68 -32.05
C ARG B 170 8.63 -9.99 -31.31
N VAL B 171 8.42 -11.09 -32.03
CA VAL B 171 8.31 -12.38 -31.39
C VAL B 171 9.22 -13.34 -32.09
N ALA B 172 10.21 -13.82 -31.35
CA ALA B 172 11.15 -14.78 -31.87
C ALA B 172 10.80 -16.13 -31.31
N ARG B 173 10.68 -17.13 -32.20
CA ARG B 173 10.46 -18.50 -31.79
C ARG B 173 11.79 -19.25 -31.80
N ILE B 174 12.38 -19.37 -30.61
CA ILE B 174 13.76 -19.88 -30.48
C ILE B 174 13.84 -21.39 -30.40
N PHE B 175 14.73 -21.98 -31.20
CA PHE B 175 14.93 -23.41 -31.15
C PHE B 175 16.18 -23.72 -30.31
N ASN B 176 16.54 -25.00 -30.22
CA ASN B 176 17.67 -25.44 -29.39
C ASN B 176 18.92 -24.63 -29.57
N THR B 177 19.42 -24.01 -28.51
CA THR B 177 20.66 -23.25 -28.63
C THR B 177 21.76 -23.80 -27.69
N PHE B 178 23.02 -23.60 -28.07
CA PHE B 178 24.10 -24.07 -27.20
C PHE B 178 25.26 -23.12 -27.23
N GLY B 179 26.11 -23.25 -26.22
CA GLY B 179 27.30 -22.42 -26.12
C GLY B 179 27.82 -22.16 -24.72
N PRO B 180 28.90 -21.40 -24.67
CA PRO B 180 29.44 -21.07 -23.36
C PRO B 180 28.35 -20.46 -22.48
N ARG B 181 28.34 -20.79 -21.18
CA ARG B 181 27.38 -20.22 -20.23
C ARG B 181 26.01 -20.91 -20.30
N MET B 182 25.90 -21.97 -21.07
CA MET B 182 24.68 -22.74 -21.07
C MET B 182 24.65 -23.49 -19.73
N HIS B 183 23.45 -23.95 -19.36
CA HIS B 183 23.25 -24.79 -18.18
C HIS B 183 23.81 -26.16 -18.48
N MET B 184 24.81 -26.56 -17.68
CA MET B 184 25.52 -27.81 -17.91
C MET B 184 24.80 -29.04 -17.38
N ASN B 185 24.03 -28.88 -16.32
CA ASN B 185 23.42 -30.02 -15.60
C ASN B 185 21.90 -30.13 -15.75
N ASP B 186 21.41 -29.84 -16.93
CA ASP B 186 19.98 -29.89 -17.23
C ASP B 186 19.54 -31.26 -17.79
N GLY B 187 20.49 -32.03 -18.29
CA GLY B 187 20.20 -33.31 -18.91
C GLY B 187 19.86 -33.26 -20.39
N ARG B 188 20.11 -32.12 -21.02
CA ARG B 188 20.03 -32.00 -22.47
C ARG B 188 21.15 -32.87 -23.04
N VAL B 189 21.10 -33.17 -24.33
CA VAL B 189 22.06 -34.09 -24.96
C VAL B 189 23.46 -33.45 -25.18
N VAL B 190 23.52 -32.19 -25.61
CA VAL B 190 24.82 -31.56 -25.77
C VAL B 190 25.57 -31.45 -24.46
N SER B 191 24.86 -31.09 -23.39
CA SER B 191 25.49 -30.94 -22.06
C SER B 191 25.95 -32.31 -21.60
N ASN B 192 25.07 -33.31 -21.71
CA ASN B 192 25.44 -34.66 -21.30
C ASN B 192 26.65 -35.18 -22.04
N PHE B 193 26.63 -35.14 -23.38
CA PHE B 193 27.76 -35.70 -24.13
C PHE B 193 29.07 -34.99 -23.78
N ILE B 194 29.02 -33.67 -23.62
CA ILE B 194 30.18 -32.89 -23.28
C ILE B 194 30.72 -33.27 -21.88
N LEU B 195 29.83 -33.36 -20.88
CA LEU B 195 30.25 -33.77 -19.52
C LEU B 195 30.83 -35.17 -19.49
N GLN B 196 30.10 -36.12 -20.07
CA GLN B 196 30.54 -37.50 -20.11
C GLN B 196 31.87 -37.60 -20.84
N ALA B 197 32.03 -36.83 -21.91
CA ALA B 197 33.26 -36.92 -22.68
C ALA B 197 34.47 -36.39 -21.90
N LEU B 198 34.28 -35.25 -21.24
CA LEU B 198 35.36 -34.67 -20.44
C LEU B 198 35.73 -35.53 -19.24
N GLN B 199 34.75 -36.24 -18.70
CA GLN B 199 34.98 -37.01 -17.50
C GLN B 199 35.27 -38.48 -17.78
N GLY B 200 35.67 -38.80 -19.00
CA GLY B 200 36.09 -40.15 -19.32
C GLY B 200 34.92 -41.11 -19.18
N GLU B 201 33.75 -40.55 -18.84
CA GLU B 201 32.53 -41.34 -18.66
C GLU B 201 32.06 -41.95 -19.98
N PRO B 202 31.22 -42.97 -19.89
CA PRO B 202 30.69 -43.52 -21.14
C PRO B 202 29.65 -42.59 -21.70
N LEU B 203 29.56 -42.49 -23.03
CA LEU B 203 28.57 -41.60 -23.63
C LEU B 203 27.33 -42.41 -23.92
N THR B 204 26.27 -42.04 -23.20
CA THR B 204 24.98 -42.73 -23.14
C THR B 204 24.10 -42.38 -24.33
N VAL B 205 23.97 -43.30 -25.27
CA VAL B 205 23.13 -43.03 -26.42
C VAL B 205 21.76 -43.73 -26.34
N TYR B 206 20.72 -42.96 -26.04
CA TYR B 206 19.37 -43.51 -25.97
C TYR B 206 18.93 -43.93 -27.37
N GLY B 207 18.27 -45.07 -27.47
CA GLY B 207 17.84 -45.58 -28.76
C GLY B 207 18.97 -46.10 -29.61
N SER B 208 18.77 -46.07 -30.93
CA SER B 208 19.78 -46.48 -31.89
C SER B 208 20.70 -45.33 -32.32
N GLY B 209 20.35 -44.13 -31.86
CA GLY B 209 21.13 -42.93 -32.10
C GLY B 209 20.96 -42.43 -33.52
N SER B 210 19.93 -42.91 -34.18
CA SER B 210 19.67 -42.50 -35.55
C SER B 210 18.75 -41.30 -35.52
N GLN B 211 18.06 -41.07 -34.39
CA GLN B 211 17.25 -39.87 -34.36
C GLN B 211 18.15 -38.64 -34.51
N THR B 212 17.50 -37.55 -34.90
CA THR B 212 18.18 -36.32 -35.29
C THR B 212 17.89 -35.11 -34.42
N ARG B 213 18.91 -34.28 -34.27
CA ARG B 213 18.77 -33.01 -33.59
C ARG B 213 19.43 -31.87 -34.36
N ALA B 214 18.86 -30.68 -34.21
CA ALA B 214 19.38 -29.48 -34.85
C ALA B 214 19.81 -28.45 -33.79
N PHE B 215 21.10 -28.10 -33.75
CA PHE B 215 21.56 -27.15 -32.72
C PHE B 215 22.17 -25.86 -33.31
N GLN B 216 21.69 -24.72 -32.84
CA GLN B 216 22.27 -23.43 -33.17
C GLN B 216 23.14 -22.87 -32.06
N TYR B 217 24.27 -22.31 -32.49
CA TYR B 217 25.22 -21.71 -31.58
C TYR B 217 24.69 -20.33 -31.21
N VAL B 218 24.93 -19.98 -29.95
CA VAL B 218 24.31 -18.83 -29.32
C VAL B 218 24.57 -17.51 -30.05
N SER B 219 25.77 -17.31 -30.62
CA SER B 219 26.04 -16.05 -31.33
C SER B 219 25.15 -15.91 -32.57
N ASP B 220 24.89 -17.01 -33.25
CA ASP B 220 23.93 -16.99 -34.32
C ASP B 220 22.58 -16.51 -33.82
N LEU B 221 22.09 -17.12 -32.72
CA LEU B 221 20.82 -16.68 -32.13
C LEU B 221 20.86 -15.20 -31.76
N VAL B 222 21.93 -14.75 -31.14
CA VAL B 222 22.02 -13.35 -30.77
C VAL B 222 21.92 -12.46 -32.01
N ASN B 223 22.66 -12.82 -33.08
CA ASN B 223 22.58 -12.09 -34.36
C ASN B 223 21.11 -12.03 -34.84
N GLY B 224 20.42 -13.17 -34.82
CA GLY B 224 18.99 -13.24 -35.14
C GLY B 224 18.08 -12.31 -34.33
N LEU B 225 18.28 -12.27 -33.02
CA LEU B 225 17.48 -11.42 -32.15
C LEU B 225 17.60 -9.94 -32.47
N VAL B 226 18.83 -9.53 -32.69
CA VAL B 226 19.10 -8.16 -32.97
C VAL B 226 18.54 -7.77 -34.29
N ALA B 227 18.72 -8.64 -35.29
CA ALA B 227 18.15 -8.44 -36.60
C ALA B 227 16.62 -8.37 -36.51
N LEU B 228 15.99 -9.29 -35.76
CA LEU B 228 14.53 -9.26 -35.63
C LEU B 228 14.03 -8.04 -34.83
N MET B 229 14.79 -7.62 -33.83
CA MET B 229 14.40 -6.46 -33.04
C MET B 229 14.34 -5.21 -33.92
N ASN B 230 15.29 -5.10 -34.83
CA ASN B 230 15.43 -3.93 -35.64
C ASN B 230 14.82 -4.02 -37.02
N SER B 231 14.10 -5.11 -37.27
CA SER B 231 13.33 -5.26 -38.51
C SER B 231 11.97 -4.67 -38.29
N ASN B 232 11.12 -4.75 -39.30
CA ASN B 232 9.76 -4.29 -39.15
C ASN B 232 8.79 -5.45 -39.09
N VAL B 233 9.32 -6.66 -38.97
CA VAL B 233 8.50 -7.85 -38.90
C VAL B 233 7.95 -8.07 -37.51
N SER B 234 6.66 -7.81 -37.33
CA SER B 234 6.00 -8.00 -36.02
C SER B 234 5.39 -9.38 -35.82
N SER B 235 5.22 -10.14 -36.89
CA SER B 235 4.71 -11.51 -36.74
C SER B 235 5.82 -12.49 -36.29
N PRO B 236 5.45 -13.65 -35.75
CA PRO B 236 6.46 -14.60 -35.25
C PRO B 236 7.49 -15.02 -36.26
N VAL B 237 8.73 -15.21 -35.79
CA VAL B 237 9.82 -15.64 -36.64
C VAL B 237 10.69 -16.67 -35.92
N ASN B 238 10.90 -17.80 -36.61
CA ASN B 238 11.76 -18.88 -36.14
C ASN B 238 13.22 -18.55 -36.26
N LEU B 239 13.94 -18.75 -35.18
CA LEU B 239 15.39 -18.60 -35.18
C LEU B 239 15.95 -19.89 -34.74
N GLY B 240 16.46 -20.68 -35.67
CA GLY B 240 17.00 -21.96 -35.33
C GLY B 240 17.95 -22.41 -36.42
N ASN B 241 18.56 -23.55 -36.23
CA ASN B 241 19.43 -24.06 -37.24
C ASN B 241 18.86 -25.28 -37.91
N PRO B 242 18.56 -25.17 -39.21
CA PRO B 242 17.96 -26.26 -39.96
C PRO B 242 18.86 -27.47 -40.13
N GLU B 243 20.16 -27.27 -40.03
CA GLU B 243 21.07 -28.38 -40.19
C GLU B 243 20.98 -29.38 -39.03
N GLU B 244 20.61 -30.62 -39.33
CA GLU B 244 20.44 -31.71 -38.39
C GLU B 244 21.59 -32.70 -38.46
N HIS B 245 21.82 -33.36 -37.34
CA HIS B 245 22.72 -34.50 -37.33
C HIS B 245 22.06 -35.57 -36.48
N THR B 246 22.55 -36.81 -36.58
CA THR B 246 22.01 -37.91 -35.78
C THR B 246 22.63 -37.74 -34.40
N ILE B 247 21.88 -38.07 -33.37
CA ILE B 247 22.41 -38.02 -32.01
C ILE B 247 23.79 -38.67 -31.91
N LEU B 248 23.99 -39.79 -32.60
CA LEU B 248 25.26 -40.55 -32.58
C LEU B 248 26.42 -39.86 -33.25
N GLU B 249 26.09 -39.22 -34.35
CA GLU B 249 27.00 -38.42 -35.12
C GLU B 249 27.51 -37.33 -34.19
N PHE B 250 26.64 -36.83 -33.31
CA PHE B 250 26.99 -35.79 -32.33
C PHE B 250 27.93 -36.39 -31.30
N ALA B 251 27.53 -37.51 -30.71
CA ALA B 251 28.38 -38.18 -29.73
C ALA B 251 29.80 -38.48 -30.26
N GLN B 252 29.94 -38.84 -31.54
CA GLN B 252 31.27 -39.14 -32.09
C GLN B 252 32.10 -37.89 -32.28
N LEU B 253 31.42 -36.81 -32.69
CA LEU B 253 32.07 -35.52 -32.89
C LEU B 253 32.56 -34.89 -31.57
N ILE B 254 31.72 -34.95 -30.54
CA ILE B 254 32.10 -34.44 -29.23
C ILE B 254 33.26 -35.27 -28.68
N LYS B 255 33.17 -36.59 -28.83
CA LYS B 255 34.26 -37.47 -28.43
C LYS B 255 35.61 -37.08 -29.02
N ASN B 256 35.60 -36.74 -30.31
CA ASN B 256 36.85 -36.38 -30.98
C ASN B 256 37.39 -35.03 -30.55
N LEU B 257 36.51 -34.04 -30.49
CA LEU B 257 36.86 -32.69 -30.14
C LEU B 257 37.38 -32.56 -28.73
N VAL B 258 36.88 -33.45 -27.87
CA VAL B 258 37.37 -33.47 -26.51
C VAL B 258 38.65 -34.28 -26.45
N GLY B 259 38.69 -35.38 -27.20
CA GLY B 259 39.85 -36.24 -27.20
C GLY B 259 39.90 -37.08 -25.94
N SER B 260 38.77 -37.67 -25.56
CA SER B 260 38.68 -38.47 -24.35
C SER B 260 38.61 -39.93 -24.78
N GLY B 261 38.96 -40.85 -23.89
CA GLY B 261 38.89 -42.26 -24.23
C GLY B 261 37.52 -42.85 -23.99
N SER B 262 36.52 -41.97 -23.99
CA SER B 262 35.16 -42.38 -23.64
C SER B 262 34.58 -43.29 -24.70
N GLU B 263 33.86 -44.24 -24.13
CA GLU B 263 33.14 -45.26 -24.82
C GLU B 263 31.71 -44.88 -25.14
N ILE B 264 31.19 -45.36 -26.27
CA ILE B 264 29.79 -45.13 -26.62
C ILE B 264 28.90 -46.37 -26.39
N GLN B 265 27.86 -46.15 -25.58
CA GLN B 265 26.88 -47.15 -25.21
C GLN B 265 25.49 -46.87 -25.83
N PHE B 266 24.58 -47.83 -25.75
CA PHE B 266 23.20 -47.70 -26.26
C PHE B 266 22.12 -48.09 -25.22
N LEU B 267 20.89 -47.62 -25.40
CA LEU B 267 19.79 -47.97 -24.48
C LEU B 267 18.45 -48.11 -25.22
N ARG B 277 11.35 -32.34 -35.08
CA ARG B 277 10.77 -31.11 -35.59
C ARG B 277 11.89 -30.14 -36.03
N LYS B 278 12.35 -30.19 -37.27
CA LYS B 278 13.46 -29.37 -37.66
C LYS B 278 13.02 -27.98 -38.03
N PRO B 279 13.78 -26.95 -37.66
CA PRO B 279 13.30 -25.57 -37.87
C PRO B 279 13.36 -25.14 -39.33
N ASP B 280 12.30 -24.44 -39.74
CA ASP B 280 12.23 -23.79 -41.04
C ASP B 280 12.47 -22.33 -40.84
N ILE B 281 13.59 -21.87 -41.37
CA ILE B 281 13.98 -20.47 -41.18
C ILE B 281 13.93 -19.65 -42.44
N LYS B 282 13.16 -20.07 -43.44
CA LYS B 282 13.05 -19.25 -44.66
C LYS B 282 12.45 -17.87 -44.40
N LYS B 283 11.54 -17.77 -43.43
CA LYS B 283 10.99 -16.46 -43.15
C LYS B 283 12.08 -15.54 -42.61
N ALA B 284 13.04 -16.06 -41.84
CA ALA B 284 14.17 -15.24 -41.39
C ALA B 284 15.18 -14.97 -42.52
N LYS B 285 15.48 -15.99 -43.33
CA LYS B 285 16.39 -15.79 -44.44
C LYS B 285 15.92 -14.65 -45.30
N LEU B 286 14.61 -14.59 -45.57
CA LEU B 286 14.09 -13.58 -46.49
C LEU B 286 13.78 -12.24 -45.86
N MET B 287 13.19 -12.26 -44.67
CA MET B 287 12.80 -11.00 -44.12
C MET B 287 13.91 -10.33 -43.37
N LEU B 288 14.85 -11.12 -42.89
CA LEU B 288 15.88 -10.51 -42.04
C LEU B 288 17.28 -10.70 -42.63
N GLY B 289 17.35 -11.52 -43.68
CA GLY B 289 18.62 -11.91 -44.29
C GLY B 289 19.52 -12.60 -43.29
N TRP B 290 18.90 -13.27 -42.32
CA TRP B 290 19.63 -13.93 -41.26
C TRP B 290 19.71 -15.42 -41.52
N GLU B 291 20.82 -16.02 -41.07
CA GLU B 291 20.94 -17.47 -40.96
C GLU B 291 22.18 -17.83 -40.13
N PRO B 292 22.17 -19.02 -39.51
CA PRO B 292 23.32 -19.46 -38.71
C PRO B 292 24.55 -19.61 -39.60
N VAL B 293 25.70 -19.08 -39.17
CA VAL B 293 26.93 -19.16 -39.97
C VAL B 293 28.06 -19.82 -39.21
N VAL B 294 27.86 -20.03 -37.91
CA VAL B 294 28.90 -20.67 -37.13
C VAL B 294 29.00 -22.16 -37.38
N PRO B 295 30.11 -22.62 -37.97
CA PRO B 295 30.20 -24.05 -38.22
C PRO B 295 30.07 -24.80 -36.91
N LEU B 296 29.46 -25.97 -36.96
CA LEU B 296 29.17 -26.74 -35.77
C LEU B 296 30.42 -27.03 -34.92
N GLU B 297 31.51 -27.47 -35.56
CA GLU B 297 32.75 -27.78 -34.84
C GLU B 297 33.25 -26.60 -34.01
N GLU B 298 33.27 -25.42 -34.60
CA GLU B 298 33.72 -24.24 -33.88
C GLU B 298 32.77 -23.93 -32.71
N GLY B 299 31.47 -24.12 -32.90
CA GLY B 299 30.51 -23.87 -31.80
C GLY B 299 30.73 -24.86 -30.67
N LEU B 300 30.85 -26.15 -30.96
CA LEU B 300 31.16 -27.18 -29.98
C LEU B 300 32.52 -26.96 -29.28
N ASN B 301 33.56 -26.60 -30.04
CA ASN B 301 34.84 -26.28 -29.41
C ASN B 301 34.65 -25.26 -28.31
N LYS B 302 33.94 -24.20 -28.64
CA LYS B 302 33.72 -23.18 -27.67
C LYS B 302 32.88 -23.65 -26.48
N ALA B 303 31.84 -24.43 -26.72
CA ALA B 303 31.04 -24.89 -25.58
C ALA B 303 31.89 -25.76 -24.70
N ILE B 304 32.73 -26.60 -25.32
CA ILE B 304 33.62 -27.49 -24.59
C ILE B 304 34.66 -26.74 -23.76
N HIS B 305 35.21 -25.69 -24.32
CA HIS B 305 36.14 -24.90 -23.54
C HIS B 305 35.47 -24.39 -22.25
N TYR B 306 34.23 -23.94 -22.36
CA TYR B 306 33.47 -23.48 -21.21
C TYR B 306 33.22 -24.64 -20.19
N PHE B 307 32.75 -25.81 -20.62
CA PHE B 307 32.53 -26.96 -19.72
C PHE B 307 33.81 -27.43 -19.01
N ARG B 308 34.94 -27.30 -19.70
CA ARG B 308 36.23 -27.67 -19.17
C ARG B 308 36.63 -26.67 -18.08
N LYS B 309 36.65 -25.39 -18.42
CA LYS B 309 36.91 -24.33 -17.47
C LYS B 309 36.07 -24.40 -16.17
N GLU B 310 34.82 -24.87 -16.32
CA GLU B 310 33.93 -24.97 -15.17
C GLU B 310 34.30 -26.14 -14.30
N LEU B 311 34.52 -27.28 -14.94
CA LEU B 311 34.82 -28.50 -14.21
C LEU B 311 36.12 -28.46 -13.42
N GLU B 312 37.15 -27.80 -13.94
CA GLU B 312 38.40 -27.60 -13.22
C GLU B 312 38.13 -26.62 -12.06
N TYR B 313 37.36 -25.57 -12.32
CA TYR B 313 36.98 -24.59 -11.30
C TYR B 313 36.27 -25.28 -10.12
N GLN B 314 35.60 -26.40 -10.37
CA GLN B 314 34.86 -27.07 -9.30
C GLN B 314 35.73 -28.18 -8.69
N ALA B 315 36.98 -27.84 -8.40
CA ALA B 315 37.95 -28.77 -7.83
C ALA B 315 38.34 -28.39 -6.40
N ARG C 4 18.33 -28.65 17.36
CA ARG C 4 18.47 -28.31 15.95
C ARG C 4 17.44 -27.27 15.50
N LYS C 5 17.98 -26.18 14.97
CA LYS C 5 17.34 -24.88 14.95
C LYS C 5 17.12 -24.30 13.56
N ARG C 6 16.04 -23.54 13.39
CA ARG C 6 15.81 -22.81 12.14
C ARG C 6 16.54 -21.47 12.19
N ILE C 7 17.57 -21.36 11.33
CA ILE C 7 18.48 -20.23 11.34
C ILE C 7 18.46 -19.42 10.06
N LEU C 8 18.19 -18.12 10.21
CA LEU C 8 18.31 -17.12 9.15
C LEU C 8 19.72 -16.48 9.15
N ILE C 9 20.39 -16.42 8.01
CA ILE C 9 21.65 -15.72 7.90
C ILE C 9 21.48 -14.65 6.82
N THR C 10 21.28 -13.39 7.20
CA THR C 10 21.26 -12.31 6.25
C THR C 10 22.72 -12.05 5.83
N GLY C 11 22.94 -11.65 4.58
CA GLY C 11 24.30 -11.49 4.08
C GLY C 11 25.00 -12.83 3.94
N GLY C 12 24.20 -13.91 3.94
CA GLY C 12 24.66 -15.28 3.85
C GLY C 12 25.44 -15.67 2.61
N ALA C 13 25.27 -14.93 1.54
CA ALA C 13 25.97 -15.29 0.32
C ALA C 13 27.33 -14.58 0.18
N GLY C 14 27.76 -13.93 1.25
CA GLY C 14 29.03 -13.21 1.20
C GLY C 14 30.17 -14.06 1.74
N PHE C 15 31.33 -13.43 1.89
CA PHE C 15 32.53 -14.09 2.39
C PHE C 15 32.34 -14.78 3.76
N VAL C 16 32.02 -14.03 4.80
CA VAL C 16 31.88 -14.69 6.08
C VAL C 16 30.58 -15.45 6.20
N GLY C 17 29.52 -14.83 5.67
CA GLY C 17 28.19 -15.42 5.68
C GLY C 17 28.13 -16.81 5.06
N SER C 18 28.88 -17.03 3.98
CA SER C 18 28.82 -18.32 3.28
C SER C 18 29.50 -19.44 4.06
N HIS C 19 30.65 -19.14 4.67
CA HIS C 19 31.34 -20.11 5.49
C HIS C 19 30.52 -20.47 6.71
N LEU C 20 29.82 -19.46 7.24
CA LEU C 20 28.91 -19.70 8.35
C LEU C 20 27.81 -20.67 7.92
N THR C 21 27.22 -20.41 6.76
CA THR C 21 26.23 -21.29 6.16
C THR C 21 26.68 -22.76 6.08
N ASP C 22 27.87 -23.00 5.56
CA ASP C 22 28.44 -24.35 5.44
C ASP C 22 28.42 -25.07 6.79
N LYS C 23 28.88 -24.37 7.81
CA LYS C 23 29.07 -24.99 9.09
C LYS C 23 27.76 -25.36 9.80
N LEU C 24 26.76 -24.51 9.58
CA LEU C 24 25.47 -24.72 10.22
C LEU C 24 24.64 -25.77 9.46
N MET C 25 24.94 -25.95 8.17
CA MET C 25 24.30 -27.02 7.39
C MET C 25 24.94 -28.35 7.78
N MET C 26 26.27 -28.39 7.85
CA MET C 26 26.97 -29.59 8.32
C MET C 26 26.47 -30.03 9.70
N ASP C 27 25.92 -29.11 10.50
CA ASP C 27 25.49 -29.44 11.87
C ASP C 27 24.03 -29.88 11.93
N GLY C 28 23.41 -29.95 10.77
CA GLY C 28 22.06 -30.47 10.61
C GLY C 28 20.95 -29.46 10.93
N HIS C 29 21.23 -28.16 10.82
CA HIS C 29 20.22 -27.13 11.07
C HIS C 29 19.48 -26.74 9.79
N GLU C 30 18.34 -26.07 9.94
CA GLU C 30 17.60 -25.51 8.80
C GLU C 30 18.01 -24.07 8.52
N VAL C 31 18.91 -23.90 7.57
CA VAL C 31 19.43 -22.60 7.25
C VAL C 31 18.75 -21.88 6.10
N THR C 32 18.32 -20.64 6.34
CA THR C 32 17.80 -19.77 5.28
C THR C 32 18.75 -18.60 5.05
N VAL C 33 19.25 -18.49 3.82
CA VAL C 33 20.13 -17.41 3.50
C VAL C 33 19.34 -16.32 2.78
N VAL C 34 19.50 -15.09 3.24
CA VAL C 34 18.92 -13.90 2.60
C VAL C 34 20.04 -12.98 2.13
N ASP C 35 19.98 -12.62 0.87
CA ASP C 35 21.02 -11.82 0.26
C ASP C 35 20.50 -11.28 -1.04
N ASN C 36 20.93 -10.06 -1.36
CA ASN C 36 20.54 -9.40 -2.59
C ASN C 36 21.65 -9.39 -3.63
N PHE C 37 22.74 -10.09 -3.31
CA PHE C 37 23.93 -10.26 -4.18
C PHE C 37 24.62 -8.95 -4.57
N PHE C 38 24.48 -7.93 -3.73
CA PHE C 38 25.19 -6.69 -3.98
C PHE C 38 26.72 -6.90 -3.82
N THR C 39 27.16 -7.68 -2.84
CA THR C 39 28.60 -7.97 -2.77
C THR C 39 28.85 -9.45 -2.66
N GLY C 40 27.80 -10.20 -2.43
CA GLY C 40 27.94 -11.64 -2.31
C GLY C 40 27.62 -12.27 -3.64
N ARG C 41 27.84 -13.58 -3.72
CA ARG C 41 27.71 -14.34 -4.96
C ARG C 41 26.92 -15.66 -4.81
N LYS C 42 26.00 -15.97 -5.74
CA LYS C 42 25.31 -17.27 -5.69
C LYS C 42 26.29 -18.48 -5.61
N ARG C 43 27.47 -18.33 -6.19
CA ARG C 43 28.46 -19.42 -6.23
C ARG C 43 28.86 -19.74 -4.78
N ASN C 44 28.87 -18.73 -3.91
CA ASN C 44 29.26 -18.96 -2.52
C ASN C 44 28.35 -19.89 -1.74
N VAL C 45 27.15 -20.14 -2.27
CA VAL C 45 26.20 -21.02 -1.60
C VAL C 45 25.56 -22.07 -2.50
N GLU C 46 25.92 -22.14 -3.79
CA GLU C 46 25.25 -23.07 -4.72
C GLU C 46 25.29 -24.55 -4.29
N HIS C 47 26.38 -24.97 -3.66
CA HIS C 47 26.46 -26.34 -3.16
C HIS C 47 25.22 -26.82 -2.38
N TRP C 48 24.51 -25.88 -1.74
CA TRP C 48 23.41 -26.26 -0.87
C TRP C 48 22.02 -26.13 -1.46
N ILE C 49 21.92 -25.45 -2.59
CA ILE C 49 20.61 -25.26 -3.23
C ILE C 49 19.99 -26.58 -3.62
N GLY C 50 18.74 -26.82 -3.23
CA GLY C 50 18.14 -28.09 -3.53
C GLY C 50 18.16 -28.99 -2.30
N HIS C 51 19.16 -28.80 -1.46
CA HIS C 51 19.23 -29.56 -0.22
C HIS C 51 17.98 -29.32 0.65
N GLU C 52 17.61 -30.34 1.42
CA GLU C 52 16.35 -30.34 2.13
C GLU C 52 16.30 -29.26 3.20
N ASN C 53 17.40 -29.09 3.92
CA ASN C 53 17.42 -28.15 5.01
C ASN C 53 17.89 -26.76 4.62
N PHE C 54 17.87 -26.46 3.33
CA PHE C 54 18.42 -25.20 2.87
C PHE C 54 17.48 -24.41 2.00
N GLU C 55 17.61 -23.09 2.09
CA GLU C 55 16.89 -22.22 1.18
C GLU C 55 17.56 -20.88 0.94
N LEU C 56 17.60 -20.48 -0.32
CA LEU C 56 18.16 -19.22 -0.69
C LEU C 56 17.05 -18.24 -1.09
N ILE C 57 17.02 -17.07 -0.44
CA ILE C 57 16.03 -16.05 -0.78
C ILE C 57 16.71 -14.75 -1.23
N ASN C 58 16.38 -14.32 -2.42
CA ASN C 58 16.92 -13.08 -2.92
C ASN C 58 16.09 -11.92 -2.41
N HIS C 59 16.53 -11.36 -1.29
CA HIS C 59 15.78 -10.31 -0.63
C HIS C 59 16.72 -9.23 -0.17
N ASP C 60 16.28 -7.99 -0.26
CA ASP C 60 17.01 -6.86 0.29
C ASP C 60 16.47 -6.53 1.69
N VAL C 61 17.31 -6.60 2.71
CA VAL C 61 16.90 -6.41 4.13
C VAL C 61 16.31 -5.01 4.45
N VAL C 62 16.54 -4.07 3.54
CA VAL C 62 15.94 -2.73 3.53
C VAL C 62 14.42 -2.84 3.33
N GLU C 63 14.01 -3.99 2.81
CA GLU C 63 12.58 -4.33 2.70
C GLU C 63 12.13 -5.28 3.81
N PRO C 64 10.96 -5.03 4.40
CA PRO C 64 10.44 -5.94 5.43
C PRO C 64 10.51 -7.41 4.98
N LEU C 65 10.89 -8.31 5.87
CA LEU C 65 11.01 -9.74 5.58
C LEU C 65 10.20 -10.55 6.62
N TYR C 66 9.32 -11.40 6.16
CA TYR C 66 8.51 -12.19 7.07
C TYR C 66 8.85 -13.67 6.94
N ILE C 67 9.48 -14.19 7.98
CA ILE C 67 9.87 -15.60 8.05
C ILE C 67 9.88 -16.05 9.52
N GLU C 68 10.01 -17.36 9.75
CA GLU C 68 9.88 -17.93 11.08
C GLU C 68 11.15 -18.60 11.47
N VAL C 69 11.86 -18.06 12.45
CA VAL C 69 13.14 -18.64 12.80
C VAL C 69 13.41 -18.47 14.28
N ASP C 70 14.43 -19.17 14.77
CA ASP C 70 14.84 -19.12 16.17
C ASP C 70 16.06 -18.25 16.34
N GLN C 71 16.83 -18.10 15.27
CA GLN C 71 18.05 -17.30 15.32
C GLN C 71 18.22 -16.50 14.04
N ILE C 72 18.89 -15.38 14.17
CA ILE C 72 19.22 -14.59 13.02
C ILE C 72 20.67 -14.12 13.17
N TYR C 73 21.53 -14.55 12.25
CA TYR C 73 22.86 -13.99 12.15
C TYR C 73 22.78 -12.87 11.13
N HIS C 74 22.79 -11.64 11.61
CA HIS C 74 22.66 -10.46 10.77
C HIS C 74 24.02 -9.93 10.26
N LEU C 75 24.40 -10.41 9.06
CA LEU C 75 25.62 -10.06 8.38
C LEU C 75 25.47 -9.25 7.08
N ALA C 76 24.24 -8.82 6.78
CA ALA C 76 23.97 -8.10 5.54
C ALA C 76 24.45 -6.66 5.64
N SER C 77 25.67 -6.44 5.20
CA SER C 77 26.28 -5.12 5.10
C SER C 77 27.35 -5.22 4.02
N PRO C 78 27.36 -4.27 3.08
CA PRO C 78 28.30 -4.37 1.97
C PRO C 78 29.72 -4.03 2.40
N ALA C 79 30.75 -4.58 1.76
CA ALA C 79 32.10 -4.12 2.06
C ALA C 79 32.58 -3.15 0.98
N SER C 80 33.71 -2.50 1.23
CA SER C 80 34.25 -1.50 0.29
C SER C 80 35.76 -1.46 0.35
N TYR C 86 31.17 3.01 -1.93
CA TYR C 86 30.78 2.78 -3.32
C TYR C 86 29.42 3.40 -3.69
N ASN C 87 28.40 3.06 -2.90
CA ASN C 87 27.08 3.67 -2.98
C ASN C 87 26.76 4.02 -1.54
N PRO C 88 27.42 5.06 -1.00
CA PRO C 88 27.43 5.30 0.46
C PRO C 88 26.03 5.30 1.06
N ILE C 89 25.06 5.79 0.28
CA ILE C 89 23.69 5.86 0.78
C ILE C 89 23.08 4.48 0.98
N LYS C 90 23.26 3.61 -0.01
CA LYS C 90 22.71 2.25 0.03
C LYS C 90 23.31 1.51 1.23
N THR C 91 24.59 1.77 1.48
CA THR C 91 25.28 1.21 2.63
C THR C 91 24.65 1.65 3.98
N LEU C 92 24.43 2.96 4.13
CA LEU C 92 23.84 3.53 5.34
C LEU C 92 22.41 3.09 5.58
N LYS C 93 21.61 3.08 4.52
CA LYS C 93 20.25 2.57 4.59
C LYS C 93 20.26 1.10 5.06
N THR C 94 21.16 0.31 4.50
CA THR C 94 21.28 -1.12 4.80
C THR C 94 21.64 -1.37 6.27
N ASN C 95 22.64 -0.64 6.77
CA ASN C 95 23.04 -0.81 8.16
C ASN C 95 21.95 -0.39 9.17
N THR C 96 21.16 0.61 8.79
CA THR C 96 20.15 1.18 9.67
C THR C 96 18.75 0.59 9.47
N ILE C 97 18.15 0.84 8.31
CA ILE C 97 16.83 0.33 8.01
C ILE C 97 16.84 -1.20 8.00
N GLY C 98 17.87 -1.77 7.40
CA GLY C 98 18.04 -3.21 7.43
C GLY C 98 18.05 -3.77 8.86
N THR C 99 18.83 -3.14 9.74
CA THR C 99 18.96 -3.61 11.10
C THR C 99 17.65 -3.44 11.88
N LEU C 100 16.97 -2.31 11.67
CA LEU C 100 15.67 -2.15 12.29
C LEU C 100 14.72 -3.30 11.85
N ASN C 101 14.64 -3.57 10.54
CA ASN C 101 13.79 -4.66 10.07
C ASN C 101 14.12 -6.00 10.66
N MET C 102 15.40 -6.35 10.73
CA MET C 102 15.77 -7.66 11.30
C MET C 102 15.49 -7.76 12.78
N LEU C 103 15.47 -6.61 13.46
CA LEU C 103 15.14 -6.62 14.86
C LEU C 103 13.64 -6.70 15.02
N GLY C 104 12.89 -6.01 14.13
CA GLY C 104 11.44 -6.13 14.09
C GLY C 104 11.10 -7.60 13.92
N LEU C 105 11.72 -8.22 12.93
CA LEU C 105 11.56 -9.65 12.79
C LEU C 105 11.95 -10.43 14.08
N ALA C 106 13.09 -10.11 14.69
CA ALA C 106 13.46 -10.80 15.92
C ALA C 106 12.43 -10.62 17.02
N LYS C 107 11.77 -9.47 17.02
CA LYS C 107 10.82 -9.16 18.06
C LYS C 107 9.52 -9.92 17.92
N ARG C 108 9.03 -9.98 16.69
CA ARG C 108 7.76 -10.56 16.41
C ARG C 108 7.74 -12.09 16.56
N VAL C 109 8.84 -12.75 16.21
CA VAL C 109 8.85 -14.23 16.21
C VAL C 109 9.74 -14.81 17.29
N GLY C 110 10.24 -13.95 18.19
CA GLY C 110 11.08 -14.36 19.32
C GLY C 110 12.43 -14.99 18.98
N ALA C 111 13.08 -14.47 17.96
CA ALA C 111 14.37 -15.01 17.58
C ALA C 111 15.49 -14.25 18.28
N ARG C 112 16.57 -14.96 18.54
CA ARG C 112 17.77 -14.31 19.03
C ARG C 112 18.54 -13.72 17.82
N LEU C 113 19.06 -12.52 17.98
CA LEU C 113 19.75 -11.88 16.86
C LEU C 113 21.18 -11.56 17.22
N LEU C 114 22.11 -11.92 16.34
CA LEU C 114 23.54 -11.60 16.51
C LEU C 114 23.89 -10.61 15.44
N LEU C 115 24.52 -9.50 15.81
CA LEU C 115 24.91 -8.46 14.86
C LEU C 115 26.38 -8.57 14.58
N ALA C 116 26.73 -8.64 13.31
CA ALA C 116 28.13 -8.68 12.90
C ALA C 116 28.69 -7.27 12.87
N SER C 117 29.15 -6.81 14.02
CA SER C 117 29.69 -5.48 14.10
C SER C 117 31.16 -5.50 13.71
N THR C 118 31.85 -4.41 13.99
CA THR C 118 33.20 -4.30 13.48
C THR C 118 34.15 -3.65 14.50
N SER C 119 35.44 -3.96 14.37
CA SER C 119 36.45 -3.37 15.25
C SER C 119 36.59 -1.89 14.92
N GLU C 120 35.95 -1.47 13.82
CA GLU C 120 36.02 -0.09 13.34
C GLU C 120 35.24 0.93 14.19
N VAL C 121 34.45 0.44 15.14
CA VAL C 121 33.72 1.30 16.08
C VAL C 121 34.62 1.86 17.19
N TYR C 122 35.87 1.45 17.22
CA TYR C 122 36.80 1.95 18.24
C TYR C 122 37.56 3.20 17.78
N GLU C 149 29.77 4.38 7.18
CA GLU C 149 29.44 4.08 8.56
C GLU C 149 28.08 3.43 8.74
N GLY C 150 27.53 3.58 9.95
CA GLY C 150 26.27 2.96 10.25
C GLY C 150 26.32 1.79 11.21
N LYS C 151 27.51 1.21 11.40
CA LYS C 151 27.61 0.06 12.30
C LYS C 151 27.66 0.36 13.75
N ALA C 152 27.96 1.59 14.11
CA ALA C 152 27.84 1.99 15.48
C ALA C 152 26.36 2.05 15.91
N VAL C 153 25.54 2.79 15.17
CA VAL C 153 24.15 2.97 15.54
C VAL C 153 23.46 1.61 15.55
N ALA C 154 23.82 0.74 14.61
CA ALA C 154 23.26 -0.60 14.58
C ALA C 154 23.34 -1.28 15.95
N GLU C 155 24.54 -1.28 16.54
CA GLU C 155 24.75 -1.74 17.92
C GLU C 155 23.79 -1.09 18.87
N THR C 156 23.67 0.24 18.76
CA THR C 156 22.79 0.96 19.65
C THR C 156 21.34 0.49 19.46
N MET C 157 20.98 0.24 18.19
CA MET C 157 19.62 -0.21 17.84
C MET C 157 19.37 -1.59 18.47
N CYS C 158 20.35 -2.50 18.38
CA CYS C 158 20.21 -3.81 19.04
C CYS C 158 19.91 -3.68 20.54
N TYR C 159 20.76 -2.97 21.30
CA TYR C 159 20.53 -2.80 22.74
C TYR C 159 19.24 -2.10 23.09
N ALA C 160 18.75 -1.23 22.20
CA ALA C 160 17.46 -0.58 22.44
C ALA C 160 16.28 -1.56 22.35
N TYR C 161 16.36 -2.52 21.44
CA TYR C 161 15.33 -3.55 21.34
C TYR C 161 15.40 -4.53 22.50
N MET C 162 16.61 -4.86 22.92
CA MET C 162 16.78 -5.68 24.11
C MET C 162 16.10 -5.04 25.34
N LYS C 163 16.53 -3.83 25.66
CA LYS C 163 16.04 -3.09 26.83
C LYS C 163 14.54 -2.82 26.76
N GLN C 164 14.07 -2.44 25.58
CA GLN C 164 12.70 -1.95 25.42
C GLN C 164 11.67 -2.99 24.96
N GLU C 165 12.13 -4.02 24.27
CA GLU C 165 11.22 -5.01 23.71
C GLU C 165 11.59 -6.41 24.07
N GLY C 166 12.63 -6.53 24.89
CA GLY C 166 13.05 -7.85 25.33
C GLY C 166 13.66 -8.77 24.28
N VAL C 167 14.03 -8.23 23.12
CA VAL C 167 14.72 -9.02 22.13
C VAL C 167 16.08 -9.49 22.63
N GLU C 168 16.42 -10.76 22.42
CA GLU C 168 17.75 -11.22 22.80
C GLU C 168 18.69 -10.90 21.63
N VAL C 169 19.83 -10.28 21.96
CA VAL C 169 20.77 -9.79 20.95
C VAL C 169 22.18 -10.19 21.33
N ARG C 170 23.01 -10.38 20.33
CA ARG C 170 24.44 -10.64 20.51
C ARG C 170 25.21 -9.75 19.57
N VAL C 171 26.35 -9.25 20.02
CA VAL C 171 27.10 -8.32 19.21
C VAL C 171 28.55 -8.79 19.11
N ALA C 172 28.96 -9.12 17.89
CA ALA C 172 30.34 -9.53 17.68
C ALA C 172 31.09 -8.39 17.06
N ARG C 173 32.21 -8.04 17.68
CA ARG C 173 33.06 -7.00 17.09
C ARG C 173 34.16 -7.67 16.32
N ILE C 174 33.96 -7.75 15.01
CA ILE C 174 34.81 -8.53 14.13
C ILE C 174 36.01 -7.74 13.64
N PHE C 175 37.18 -8.35 13.73
CA PHE C 175 38.40 -7.75 13.26
C PHE C 175 38.78 -8.33 11.90
N ASN C 176 39.92 -7.91 11.38
CA ASN C 176 40.36 -8.32 10.05
C ASN C 176 40.29 -9.80 9.78
N THR C 177 39.50 -10.20 8.76
CA THR C 177 39.40 -11.61 8.43
C THR C 177 39.85 -11.89 6.99
N PHE C 178 40.35 -13.10 6.77
CA PHE C 178 40.80 -13.55 5.47
C PHE C 178 40.48 -15.04 5.32
N GLY C 179 40.47 -15.50 4.06
CA GLY C 179 40.23 -16.90 3.72
C GLY C 179 39.59 -17.03 2.33
N PRO C 180 39.32 -18.27 1.90
CA PRO C 180 38.64 -18.47 0.62
C PRO C 180 37.36 -17.65 0.54
N ARG C 181 37.07 -17.12 -0.65
CA ARG C 181 35.83 -16.36 -0.93
C ARG C 181 35.88 -14.92 -0.44
N MET C 182 37.03 -14.47 0.05
CA MET C 182 37.17 -13.07 0.41
C MET C 182 37.21 -12.30 -0.92
N HIS C 183 36.96 -11.00 -0.79
CA HIS C 183 37.05 -10.07 -1.87
C HIS C 183 38.51 -9.87 -2.25
N MET C 184 38.86 -10.24 -3.48
CA MET C 184 40.23 -10.19 -3.94
C MET C 184 40.69 -8.79 -4.36
N ASN C 185 39.74 -7.99 -4.84
CA ASN C 185 40.12 -6.73 -5.45
C ASN C 185 39.73 -5.50 -4.65
N ASP C 186 39.84 -5.60 -3.33
CA ASP C 186 39.50 -4.50 -2.46
C ASP C 186 40.68 -3.59 -2.13
N GLY C 187 41.89 -4.09 -2.33
CA GLY C 187 43.06 -3.32 -1.96
C GLY C 187 43.43 -3.58 -0.50
N ARG C 188 42.84 -4.62 0.09
CA ARG C 188 43.31 -5.04 1.39
C ARG C 188 44.74 -5.57 1.20
N VAL C 189 45.49 -5.69 2.29
CA VAL C 189 46.90 -6.06 2.17
C VAL C 189 47.14 -7.53 1.85
N VAL C 190 46.37 -8.40 2.48
CA VAL C 190 46.48 -9.82 2.20
C VAL C 190 46.15 -10.08 0.75
N SER C 191 45.12 -9.38 0.29
CA SER C 191 44.66 -9.54 -1.09
C SER C 191 45.69 -9.03 -2.07
N ASN C 192 46.24 -7.84 -1.83
CA ASN C 192 47.26 -7.31 -2.74
C ASN C 192 48.46 -8.24 -2.85
N PHE C 193 49.04 -8.63 -1.72
CA PHE C 193 50.23 -9.48 -1.73
C PHE C 193 50.02 -10.84 -2.40
N ILE C 194 48.87 -11.47 -2.18
CA ILE C 194 48.59 -12.75 -2.81
C ILE C 194 48.46 -12.59 -4.32
N LEU C 195 47.72 -11.58 -4.76
CA LEU C 195 47.60 -11.32 -6.18
C LEU C 195 48.94 -10.99 -6.81
N GLN C 196 49.70 -10.06 -6.22
CA GLN C 196 51.01 -9.68 -6.77
C GLN C 196 51.95 -10.87 -6.84
N ALA C 197 51.92 -11.70 -5.82
CA ALA C 197 52.80 -12.85 -5.78
C ALA C 197 52.39 -13.85 -6.87
N LEU C 198 51.08 -14.08 -7.01
CA LEU C 198 50.55 -14.99 -8.03
C LEU C 198 50.80 -14.49 -9.44
N GLN C 199 50.79 -13.17 -9.61
CA GLN C 199 50.92 -12.56 -10.91
C GLN C 199 52.35 -12.11 -11.24
N GLY C 200 53.30 -12.68 -10.51
CA GLY C 200 54.73 -12.52 -10.71
C GLY C 200 55.19 -11.10 -10.51
N GLU C 201 54.22 -10.26 -10.19
CA GLU C 201 54.42 -8.84 -9.92
C GLU C 201 55.19 -8.56 -8.66
N PRO C 202 55.74 -7.36 -8.55
CA PRO C 202 56.46 -6.90 -7.37
C PRO C 202 55.52 -6.59 -6.22
N LEU C 203 55.97 -6.85 -4.99
CA LEU C 203 55.17 -6.61 -3.79
C LEU C 203 55.41 -5.24 -3.14
N THR C 204 54.37 -4.43 -3.17
CA THR C 204 54.41 -3.03 -2.75
C THR C 204 54.29 -2.83 -1.24
N VAL C 205 55.40 -2.51 -0.58
CA VAL C 205 55.32 -2.30 0.86
C VAL C 205 55.37 -0.82 1.22
N TYR C 206 54.20 -0.29 1.57
CA TYR C 206 54.09 1.10 1.98
C TYR C 206 54.86 1.25 3.28
N GLY C 207 55.60 2.34 3.40
CA GLY C 207 56.42 2.57 4.57
C GLY C 207 57.60 1.63 4.54
N SER C 208 58.15 1.33 5.72
CA SER C 208 59.26 0.39 5.86
C SER C 208 58.74 -1.01 6.09
N GLY C 209 57.42 -1.11 6.24
CA GLY C 209 56.73 -2.37 6.39
C GLY C 209 56.90 -2.97 7.77
N SER C 210 57.31 -2.14 8.72
CA SER C 210 57.54 -2.61 10.07
C SER C 210 56.27 -2.47 10.92
N GLN C 211 55.31 -1.66 10.45
CA GLN C 211 54.02 -1.58 11.12
C GLN C 211 53.47 -3.00 11.28
N THR C 212 52.44 -3.16 12.10
CA THR C 212 51.89 -4.48 12.34
C THR C 212 50.43 -4.74 12.05
N ARG C 213 50.15 -5.96 11.61
CA ARG C 213 48.77 -6.39 11.41
C ARG C 213 48.46 -7.77 12.02
N ALA C 214 47.22 -7.91 12.46
CA ALA C 214 46.70 -9.13 13.05
C ALA C 214 45.58 -9.64 12.17
N PHE C 215 45.74 -10.84 11.61
CA PHE C 215 44.72 -11.39 10.71
C PHE C 215 44.10 -12.67 11.20
N GLN C 216 42.79 -12.74 11.12
CA GLN C 216 42.05 -13.91 11.56
C GLN C 216 41.52 -14.71 10.37
N TYR C 217 41.67 -16.04 10.45
CA TYR C 217 41.22 -16.94 9.40
C TYR C 217 39.71 -17.18 9.55
N VAL C 218 39.02 -17.30 8.40
CA VAL C 218 37.55 -17.30 8.37
C VAL C 218 36.90 -18.42 9.19
N SER C 219 37.52 -19.60 9.21
CA SER C 219 36.92 -20.66 10.00
C SER C 219 36.94 -20.36 11.52
N ASP C 220 38.03 -19.75 11.97
CA ASP C 220 38.13 -19.27 13.34
C ASP C 220 37.02 -18.28 13.66
N LEU C 221 36.80 -17.27 12.84
CA LEU C 221 35.70 -16.33 13.04
C LEU C 221 34.33 -17.07 13.08
N VAL C 222 34.08 -18.01 12.16
CA VAL C 222 32.79 -18.70 12.16
C VAL C 222 32.55 -19.44 13.48
N ASN C 223 33.56 -20.17 13.94
CA ASN C 223 33.46 -20.81 15.24
C ASN C 223 33.14 -19.83 16.36
N GLY C 224 33.85 -18.71 16.39
CA GLY C 224 33.60 -17.62 17.32
C GLY C 224 32.18 -17.08 17.31
N LEU C 225 31.63 -16.85 16.11
CA LEU C 225 30.27 -16.35 15.92
C LEU C 225 29.23 -17.32 16.49
N VAL C 226 29.43 -18.61 16.23
CA VAL C 226 28.49 -19.58 16.73
C VAL C 226 28.57 -19.66 18.25
N ALA C 227 29.80 -19.65 18.80
CA ALA C 227 29.97 -19.63 20.25
C ALA C 227 29.29 -18.40 20.82
N LEU C 228 29.47 -17.24 20.19
CA LEU C 228 28.81 -16.07 20.71
C LEU C 228 27.27 -16.15 20.56
N MET C 229 26.78 -16.74 19.46
CA MET C 229 25.33 -16.83 19.29
C MET C 229 24.69 -17.70 20.38
N ASN C 230 25.36 -18.78 20.75
CA ASN C 230 24.80 -19.74 21.70
C ASN C 230 25.29 -19.57 23.15
N SER C 231 25.99 -18.48 23.42
CA SER C 231 26.36 -18.13 24.78
C SER C 231 25.25 -17.29 25.36
N ASN C 232 25.48 -16.85 26.61
CA ASN C 232 24.57 -15.96 27.29
C ASN C 232 25.04 -14.54 27.45
N VAL C 233 26.12 -14.22 26.75
CA VAL C 233 26.75 -12.89 26.75
C VAL C 233 26.08 -11.90 25.82
N SER C 234 25.34 -10.92 26.33
CA SER C 234 24.72 -9.93 25.44
C SER C 234 25.56 -8.66 25.16
N SER C 235 26.60 -8.40 25.95
CA SER C 235 27.48 -7.26 25.69
C SER C 235 28.48 -7.55 24.57
N PRO C 236 29.07 -6.51 23.98
CA PRO C 236 30.00 -6.72 22.86
C PRO C 236 31.15 -7.66 23.19
N VAL C 237 31.57 -8.42 22.18
CA VAL C 237 32.69 -9.36 22.26
C VAL C 237 33.52 -9.25 20.99
N ASN C 238 34.82 -9.03 21.17
CA ASN C 238 35.80 -8.98 20.09
C ASN C 238 36.10 -10.36 19.55
N LEU C 239 36.05 -10.52 18.24
CA LEU C 239 36.46 -11.76 17.62
C LEU C 239 37.57 -11.41 16.66
N GLY C 240 38.81 -11.72 17.04
CA GLY C 240 39.95 -11.39 16.20
C GLY C 240 41.11 -12.24 16.61
N ASN C 241 42.20 -12.10 15.89
CA ASN C 241 43.42 -12.81 16.21
C ASN C 241 44.47 -11.86 16.75
N PRO C 242 44.84 -12.01 18.02
CA PRO C 242 45.84 -11.14 18.68
C PRO C 242 47.28 -11.25 18.11
N GLU C 243 47.60 -12.35 17.44
CA GLU C 243 48.94 -12.60 16.90
C GLU C 243 49.22 -11.60 15.79
N GLU C 244 50.26 -10.81 16.02
CA GLU C 244 50.64 -9.76 15.12
C GLU C 244 51.85 -10.14 14.27
N HIS C 245 51.90 -9.61 13.07
CA HIS C 245 53.09 -9.68 12.23
C HIS C 245 53.30 -8.36 11.54
N THR C 246 54.51 -8.17 11.03
CA THR C 246 54.84 -6.98 10.29
C THR C 246 54.33 -7.07 8.87
N ILE C 247 53.91 -5.93 8.35
CA ILE C 247 53.51 -5.88 6.95
C ILE C 247 54.56 -6.56 6.07
N LEU C 248 55.82 -6.35 6.40
CA LEU C 248 56.87 -6.95 5.60
C LEU C 248 56.95 -8.45 5.83
N GLU C 249 56.76 -8.93 7.06
CA GLU C 249 56.73 -10.37 7.28
C GLU C 249 55.62 -11.01 6.47
N PHE C 250 54.49 -10.34 6.37
CA PHE C 250 53.38 -10.84 5.55
C PHE C 250 53.80 -10.90 4.10
N ALA C 251 54.29 -9.79 3.58
CA ALA C 251 54.75 -9.82 2.19
C ALA C 251 55.76 -10.95 1.97
N GLN C 252 56.63 -11.19 2.95
CA GLN C 252 57.64 -12.24 2.81
C GLN C 252 57.10 -13.64 2.90
N LEU C 253 56.13 -13.83 3.80
CA LEU C 253 55.49 -15.12 4.01
C LEU C 253 54.65 -15.53 2.80
N ILE C 254 53.90 -14.59 2.26
CA ILE C 254 53.11 -14.86 1.08
C ILE C 254 53.97 -15.14 -0.15
N LYS C 255 55.02 -14.35 -0.32
CA LYS C 255 55.95 -14.60 -1.40
C LYS C 255 56.44 -16.06 -1.36
N ASN C 256 56.77 -16.59 -0.17
CA ASN C 256 57.28 -17.96 -0.09
C ASN C 256 56.20 -19.04 -0.32
N LEU C 257 55.03 -18.87 0.30
CA LEU C 257 53.93 -19.85 0.18
C LEU C 257 53.42 -19.95 -1.27
N VAL C 258 53.53 -18.86 -2.01
CA VAL C 258 53.19 -18.86 -3.42
C VAL C 258 54.34 -19.43 -4.20
N GLY C 259 55.54 -19.11 -3.78
CA GLY C 259 56.70 -19.58 -4.51
C GLY C 259 56.89 -18.71 -5.73
N SER C 260 56.81 -17.40 -5.51
CA SER C 260 56.93 -16.46 -6.60
C SER C 260 58.28 -15.72 -6.62
N GLY C 261 58.69 -15.37 -7.84
CA GLY C 261 59.91 -14.61 -8.07
C GLY C 261 59.63 -13.11 -8.03
N SER C 262 58.81 -12.69 -7.09
CA SER C 262 58.35 -11.32 -7.03
C SER C 262 59.27 -10.49 -6.20
N GLU C 263 59.54 -9.25 -6.61
CA GLU C 263 60.43 -8.46 -5.80
C GLU C 263 59.58 -7.70 -4.84
N ILE C 264 60.13 -7.52 -3.64
CA ILE C 264 59.48 -6.74 -2.63
C ILE C 264 60.06 -5.35 -2.73
N GLN C 265 59.19 -4.38 -2.95
CA GLN C 265 59.61 -2.99 -3.08
C GLN C 265 59.14 -2.15 -1.92
N PHE C 266 59.77 -1.00 -1.79
CA PHE C 266 59.44 -0.10 -0.70
C PHE C 266 59.09 1.31 -1.12
N LEU C 267 58.40 1.99 -0.21
CA LEU C 267 57.97 3.37 -0.37
C LEU C 267 58.03 4.12 0.96
N LYS C 278 45.39 -3.85 17.84
CA LYS C 278 45.51 -5.29 18.06
C LYS C 278 44.28 -5.77 18.86
N PRO C 279 43.67 -6.86 18.42
CA PRO C 279 42.47 -7.27 19.14
C PRO C 279 42.77 -7.85 20.50
N ASP C 280 41.96 -7.49 21.49
CA ASP C 280 42.04 -8.11 22.79
C ASP C 280 40.84 -9.06 22.88
N ILE C 281 41.11 -10.36 22.90
CA ILE C 281 40.10 -11.42 22.93
C ILE C 281 40.05 -12.19 24.24
N LYS C 282 40.55 -11.60 25.29
CA LYS C 282 40.52 -12.27 26.57
C LYS C 282 39.08 -12.42 27.05
N LYS C 283 38.19 -11.48 26.71
CA LYS C 283 36.80 -11.62 27.10
C LYS C 283 36.19 -12.82 26.38
N ALA C 284 36.60 -13.05 25.12
CA ALA C 284 36.15 -14.22 24.40
C ALA C 284 36.80 -15.49 24.92
N LYS C 285 38.12 -15.42 25.23
CA LYS C 285 38.82 -16.59 25.79
C LYS C 285 38.13 -17.11 27.04
N LEU C 286 37.73 -16.21 27.92
CA LEU C 286 37.14 -16.56 29.21
C LEU C 286 35.62 -16.79 29.18
N MET C 287 34.88 -15.95 28.46
CA MET C 287 33.43 -16.04 28.48
C MET C 287 32.90 -17.11 27.50
N LEU C 288 33.66 -17.41 26.44
CA LEU C 288 33.19 -18.34 25.40
C LEU C 288 34.09 -19.55 25.21
N GLY C 289 35.26 -19.53 25.84
CA GLY C 289 36.26 -20.55 25.65
C GLY C 289 36.70 -20.70 24.22
N TRP C 290 36.62 -19.59 23.50
CA TRP C 290 36.96 -19.56 22.10
C TRP C 290 38.34 -18.97 21.85
N GLU C 291 38.99 -19.44 20.81
CA GLU C 291 40.16 -18.74 20.30
C GLU C 291 40.55 -19.27 18.93
N PRO C 292 41.19 -18.41 18.14
CA PRO C 292 41.61 -18.81 16.80
C PRO C 292 42.60 -19.94 16.95
N VAL C 293 42.46 -21.01 16.16
CA VAL C 293 43.35 -22.17 16.24
C VAL C 293 44.03 -22.42 14.91
N VAL C 294 43.58 -21.76 13.85
CA VAL C 294 44.21 -21.97 12.55
C VAL C 294 45.57 -21.26 12.41
N PRO C 295 46.67 -22.03 12.34
CA PRO C 295 47.98 -21.37 12.21
C PRO C 295 48.00 -20.50 10.94
N LEU C 296 48.71 -19.39 10.99
CA LEU C 296 48.71 -18.41 9.91
C LEU C 296 49.03 -19.00 8.57
N GLU C 297 50.08 -19.81 8.53
CA GLU C 297 50.50 -20.48 7.29
C GLU C 297 49.41 -21.33 6.63
N GLU C 298 48.73 -22.15 7.41
CA GLU C 298 47.69 -23.04 6.91
C GLU C 298 46.52 -22.22 6.32
N GLY C 299 46.19 -21.13 6.99
CA GLY C 299 45.15 -20.22 6.53
C GLY C 299 45.53 -19.52 5.23
N LEU C 300 46.75 -19.00 5.18
CA LEU C 300 47.27 -18.36 3.98
C LEU C 300 47.30 -19.35 2.82
N ASN C 301 47.75 -20.58 3.06
CA ASN C 301 47.70 -21.59 2.00
C ASN C 301 46.31 -21.79 1.39
N LYS C 302 45.27 -21.89 2.21
CA LYS C 302 43.91 -22.11 1.70
C LYS C 302 43.44 -20.90 0.87
N ALA C 303 43.75 -19.71 1.37
CA ALA C 303 43.42 -18.47 0.68
C ALA C 303 44.14 -18.33 -0.66
N ILE C 304 45.41 -18.73 -0.67
CA ILE C 304 46.24 -18.69 -1.87
C ILE C 304 45.64 -19.66 -2.89
N HIS C 305 45.19 -20.83 -2.43
CA HIS C 305 44.52 -21.78 -3.33
C HIS C 305 43.29 -21.19 -4.03
N TYR C 306 42.48 -20.44 -3.26
CA TYR C 306 41.30 -19.76 -3.78
C TYR C 306 41.63 -18.67 -4.81
N PHE C 307 42.57 -17.80 -4.49
CA PHE C 307 42.96 -16.75 -5.41
C PHE C 307 43.47 -17.32 -6.72
N ARG C 308 44.16 -18.44 -6.63
CA ARG C 308 44.72 -19.08 -7.81
C ARG C 308 43.67 -19.73 -8.70
N LYS C 309 42.92 -20.65 -8.12
CA LYS C 309 41.83 -21.33 -8.79
C LYS C 309 40.90 -20.26 -9.42
N GLU C 310 40.80 -19.11 -8.78
CA GLU C 310 39.96 -18.02 -9.30
C GLU C 310 40.60 -17.35 -10.49
N LEU C 311 41.90 -17.06 -10.38
CA LEU C 311 42.63 -16.39 -11.44
C LEU C 311 42.66 -17.20 -12.70
N GLU C 312 42.73 -18.50 -12.53
CA GLU C 312 42.69 -19.38 -13.66
C GLU C 312 41.32 -19.33 -14.35
N TYR C 313 40.26 -19.36 -13.57
CA TYR C 313 38.92 -19.25 -14.13
C TYR C 313 38.69 -17.96 -14.92
N GLN C 314 39.37 -16.88 -14.54
CA GLN C 314 39.18 -15.61 -15.22
C GLN C 314 40.25 -15.39 -16.28
N ALA C 315 40.60 -16.45 -17.00
CA ALA C 315 41.64 -16.34 -18.01
C ALA C 315 41.07 -16.50 -19.41
N ARG D 4 13.53 36.67 -0.23
CA ARG D 4 12.87 36.09 0.95
C ARG D 4 12.40 34.66 0.69
N LYS D 5 12.62 33.77 1.66
CA LYS D 5 12.58 32.34 1.41
C LYS D 5 11.34 31.58 1.91
N ARG D 6 11.18 30.37 1.39
CA ARG D 6 10.24 29.40 1.93
C ARG D 6 11.01 28.38 2.78
N ILE D 7 10.82 28.44 4.09
CA ILE D 7 11.62 27.63 5.00
C ILE D 7 10.81 26.62 5.82
N LEU D 8 11.20 25.35 5.70
CA LEU D 8 10.75 24.24 6.54
C LEU D 8 11.61 24.06 7.80
N ILE D 9 11.03 24.21 8.98
CA ILE D 9 11.72 23.86 10.23
C ILE D 9 11.13 22.61 10.90
N THR D 10 11.79 21.47 10.76
CA THR D 10 11.33 20.29 11.49
C THR D 10 11.78 20.37 12.94
N GLY D 11 10.84 20.13 13.86
CA GLY D 11 11.09 20.23 15.28
C GLY D 11 10.90 21.66 15.69
N GLY D 12 10.13 22.40 14.89
CA GLY D 12 9.98 23.85 15.06
C GLY D 12 9.20 24.29 16.28
N ALA D 13 8.67 23.33 17.04
CA ALA D 13 7.84 23.63 18.21
C ALA D 13 8.57 23.29 19.51
N GLY D 14 9.84 22.92 19.36
CA GLY D 14 10.71 22.68 20.50
C GLY D 14 11.42 23.93 20.98
N PHE D 15 12.26 23.76 21.99
CA PHE D 15 12.98 24.87 22.60
C PHE D 15 13.75 25.67 21.58
N VAL D 16 14.62 25.01 20.82
CA VAL D 16 15.43 25.73 19.84
C VAL D 16 14.57 26.06 18.62
N GLY D 17 13.75 25.09 18.20
CA GLY D 17 12.88 25.29 17.06
C GLY D 17 12.02 26.55 17.14
N SER D 18 11.34 26.73 18.26
CA SER D 18 10.47 27.89 18.43
C SER D 18 11.18 29.24 18.31
N HIS D 19 12.35 29.38 18.93
CA HIS D 19 13.07 30.63 18.74
C HIS D 19 13.64 30.78 17.32
N LEU D 20 13.97 29.68 16.67
CA LEU D 20 14.35 29.74 15.25
C LEU D 20 13.17 30.28 14.45
N THR D 21 11.98 29.78 14.77
CA THR D 21 10.75 30.20 14.13
C THR D 21 10.44 31.66 14.37
N ASP D 22 10.59 32.12 15.61
CA ASP D 22 10.37 33.53 15.91
C ASP D 22 11.20 34.42 14.99
N LYS D 23 12.52 34.24 15.02
CA LYS D 23 13.43 35.07 14.21
C LYS D 23 13.04 35.06 12.73
N LEU D 24 13.10 33.91 12.10
CA LEU D 24 12.75 33.82 10.69
C LEU D 24 11.39 34.44 10.34
N MET D 25 10.38 34.27 11.21
CA MET D 25 9.07 34.87 11.00
C MET D 25 9.19 36.40 10.96
N MET D 26 9.78 36.97 12.01
CA MET D 26 10.03 38.40 12.08
C MET D 26 10.82 38.89 10.88
N ASP D 27 11.59 37.99 10.25
CA ASP D 27 12.36 38.30 9.05
C ASP D 27 11.53 38.21 7.76
N GLY D 28 10.24 37.88 7.91
CA GLY D 28 9.30 37.87 6.82
C GLY D 28 9.44 36.71 5.86
N HIS D 29 9.90 35.56 6.36
CA HIS D 29 9.99 34.38 5.51
C HIS D 29 8.74 33.54 5.63
N GLU D 30 8.62 32.58 4.72
CA GLU D 30 7.50 31.63 4.74
C GLU D 30 7.87 30.39 5.54
N VAL D 31 7.73 30.53 6.85
CA VAL D 31 8.11 29.49 7.80
C VAL D 31 6.98 28.47 7.96
N THR D 32 7.31 27.20 7.80
CA THR D 32 6.39 26.09 8.04
C THR D 32 6.98 25.21 9.12
N VAL D 33 6.30 25.03 10.25
CA VAL D 33 6.82 24.16 11.29
C VAL D 33 6.27 22.74 11.15
N VAL D 34 7.14 21.76 11.33
CA VAL D 34 6.77 20.36 11.34
C VAL D 34 7.22 19.71 12.64
N ASP D 35 6.26 19.10 13.34
CA ASP D 35 6.48 18.63 14.70
C ASP D 35 5.40 17.63 15.07
N ASN D 36 5.74 16.64 15.91
CA ASN D 36 4.78 15.64 16.37
C ASN D 36 4.50 15.75 17.87
N PHE D 37 4.87 16.90 18.43
CA PHE D 37 4.73 17.21 19.85
C PHE D 37 5.22 16.18 20.88
N PHE D 38 6.16 15.34 20.48
CA PHE D 38 6.74 14.38 21.40
C PHE D 38 7.41 15.06 22.57
N THR D 39 8.24 16.06 22.28
CA THR D 39 8.92 16.81 23.31
C THR D 39 8.70 18.30 23.10
N GLY D 40 8.02 18.64 22.00
CA GLY D 40 7.65 20.02 21.75
C GLY D 40 6.25 20.37 22.22
N ARG D 41 5.86 21.62 22.01
CA ARG D 41 4.64 22.21 22.56
C ARG D 41 3.97 23.13 21.55
N LYS D 42 2.69 22.93 21.30
CA LYS D 42 1.96 23.85 20.44
C LYS D 42 2.14 25.29 20.92
N ARG D 43 2.07 25.50 22.24
CA ARG D 43 2.20 26.84 22.82
C ARG D 43 3.46 27.60 22.37
N ASN D 44 4.56 26.89 22.15
CA ASN D 44 5.83 27.50 21.72
C ASN D 44 5.75 28.18 20.36
N VAL D 45 4.69 27.93 19.62
CA VAL D 45 4.51 28.61 18.36
C VAL D 45 3.18 29.33 18.23
N GLU D 46 2.23 28.98 19.08
CA GLU D 46 0.85 29.37 18.87
C GLU D 46 0.75 30.81 18.40
N HIS D 47 1.64 31.65 18.90
CA HIS D 47 1.68 33.08 18.54
C HIS D 47 1.70 33.34 17.02
N TRP D 48 2.07 32.33 16.23
CA TRP D 48 2.11 32.53 14.78
C TRP D 48 0.92 31.90 14.06
N ILE D 49 0.14 31.11 14.78
CA ILE D 49 -0.99 30.43 14.19
C ILE D 49 -1.94 31.44 13.55
N GLY D 50 -2.21 31.30 12.26
CA GLY D 50 -3.13 32.22 11.61
C GLY D 50 -2.42 33.24 10.73
N HIS D 51 -1.29 33.75 11.22
CA HIS D 51 -0.48 34.67 10.44
C HIS D 51 -0.24 34.10 9.04
N GLU D 52 -0.07 34.98 8.06
CA GLU D 52 -0.11 34.61 6.64
C GLU D 52 1.09 33.81 6.12
N ASN D 53 2.26 34.03 6.72
CA ASN D 53 3.45 33.34 6.23
C ASN D 53 3.89 32.19 7.12
N PHE D 54 2.96 31.67 7.91
CA PHE D 54 3.25 30.57 8.82
C PHE D 54 2.27 29.42 8.72
N GLU D 55 2.73 28.25 9.11
CA GLU D 55 1.95 27.04 9.04
C GLU D 55 2.51 25.92 9.90
N LEU D 56 1.66 25.41 10.80
CA LEU D 56 2.00 24.27 11.64
C LEU D 56 1.41 23.00 11.05
N ILE D 57 2.22 21.96 11.00
CA ILE D 57 1.80 20.70 10.44
C ILE D 57 2.15 19.57 11.36
N ASN D 58 1.12 18.97 11.94
CA ASN D 58 1.33 17.88 12.87
C ASN D 58 1.80 16.66 12.09
N HIS D 59 3.10 16.53 11.92
CA HIS D 59 3.66 15.45 11.13
C HIS D 59 4.82 14.77 11.83
N ASP D 60 4.99 13.48 11.56
CA ASP D 60 6.13 12.77 12.10
C ASP D 60 7.16 12.47 11.04
N VAL D 61 8.42 12.87 11.28
CA VAL D 61 9.47 12.80 10.21
C VAL D 61 9.84 11.40 9.70
N VAL D 62 9.41 10.38 10.42
CA VAL D 62 9.60 9.02 9.95
C VAL D 62 8.62 8.71 8.81
N GLU D 63 7.54 9.51 8.68
CA GLU D 63 6.61 9.38 7.57
C GLU D 63 7.05 10.35 6.48
N PRO D 64 7.00 9.90 5.22
CA PRO D 64 7.34 10.80 4.12
C PRO D 64 6.60 12.11 4.22
N LEU D 65 7.30 13.20 3.89
CA LEU D 65 6.71 14.52 3.86
C LEU D 65 6.97 15.07 2.48
N TYR D 66 5.96 15.67 1.88
CA TYR D 66 6.12 16.21 0.54
C TYR D 66 5.67 17.64 0.69
N ILE D 67 6.49 18.55 0.21
CA ILE D 67 6.24 19.97 0.39
C ILE D 67 7.31 20.66 -0.43
N GLU D 68 7.13 21.94 -0.72
CA GLU D 68 8.03 22.63 -1.62
C GLU D 68 8.69 23.73 -0.81
N VAL D 69 9.99 23.64 -0.59
CA VAL D 69 10.68 24.62 0.24
C VAL D 69 12.05 24.94 -0.35
N ASP D 70 12.64 26.04 0.11
CA ASP D 70 13.97 26.42 -0.33
C ASP D 70 15.03 25.88 0.64
N GLN D 71 14.65 25.80 1.91
CA GLN D 71 15.57 25.40 2.97
C GLN D 71 14.84 24.54 4.01
N ILE D 72 15.58 23.62 4.61
CA ILE D 72 15.08 22.84 5.74
C ILE D 72 16.03 22.91 6.92
N TYR D 73 15.58 23.45 8.03
CA TYR D 73 16.36 23.37 9.25
C TYR D 73 15.85 22.14 9.97
N HIS D 74 16.62 21.07 9.89
CA HIS D 74 16.21 19.80 10.44
C HIS D 74 16.59 19.70 11.92
N LEU D 75 15.72 20.19 12.80
CA LEU D 75 15.93 20.09 14.25
C LEU D 75 15.11 19.00 14.92
N ALA D 76 14.61 18.00 14.18
CA ALA D 76 13.68 17.05 14.83
C ALA D 76 14.39 15.89 15.43
N SER D 77 14.54 15.95 16.74
CA SER D 77 15.08 14.85 17.49
C SER D 77 14.76 15.14 18.95
N PRO D 78 14.09 14.20 19.62
CA PRO D 78 13.57 14.37 20.98
C PRO D 78 14.68 14.44 22.02
N ALA D 79 14.53 15.34 22.99
CA ALA D 79 15.47 15.46 24.10
C ALA D 79 15.24 14.37 25.16
N SER D 80 16.30 13.92 25.82
CA SER D 80 16.17 12.91 26.85
C SER D 80 16.88 13.33 28.12
N PRO D 81 16.67 12.59 29.21
CA PRO D 81 17.39 12.76 30.47
C PRO D 81 18.83 12.27 30.35
N TYR D 86 14.35 7.84 26.93
CA TYR D 86 12.97 7.66 27.36
C TYR D 86 12.23 6.59 26.53
N ASN D 87 12.24 6.79 25.23
CA ASN D 87 11.78 5.77 24.29
C ASN D 87 12.87 5.62 23.24
N PRO D 88 13.86 4.77 23.56
CA PRO D 88 15.10 4.61 22.77
C PRO D 88 14.86 4.25 21.32
N ILE D 89 13.92 3.34 21.07
CA ILE D 89 13.70 2.97 19.70
C ILE D 89 13.19 4.14 18.88
N LYS D 90 12.22 4.87 19.43
CA LYS D 90 11.63 6.00 18.69
C LYS D 90 12.65 7.13 18.36
N THR D 91 13.54 7.43 19.31
CA THR D 91 14.59 8.43 19.14
C THR D 91 15.52 8.10 17.95
N LEU D 92 15.85 6.81 17.83
CA LEU D 92 16.74 6.28 16.80
C LEU D 92 16.13 6.22 15.42
N LYS D 93 14.89 5.73 15.34
CA LYS D 93 14.18 5.74 14.07
C LYS D 93 14.06 7.18 13.62
N THR D 94 13.83 8.08 14.58
CA THR D 94 13.75 9.50 14.25
C THR D 94 15.06 10.14 13.71
N ASN D 95 16.19 9.77 14.30
CA ASN D 95 17.46 10.33 13.87
C ASN D 95 17.92 9.73 12.59
N THR D 96 17.51 8.49 12.34
CA THR D 96 17.97 7.81 11.15
C THR D 96 16.96 7.91 10.00
N ILE D 97 15.79 7.26 10.15
CA ILE D 97 14.73 7.28 9.13
C ILE D 97 14.24 8.68 8.87
N GLY D 98 14.01 9.42 9.95
CA GLY D 98 13.56 10.81 9.86
C GLY D 98 14.51 11.64 9.01
N THR D 99 15.81 11.58 9.31
CA THR D 99 16.83 12.28 8.53
C THR D 99 16.87 11.80 7.06
N LEU D 100 16.84 10.49 6.79
CA LEU D 100 16.77 10.12 5.39
C LEU D 100 15.59 10.85 4.68
N ASN D 101 14.38 10.78 5.23
CA ASN D 101 13.25 11.44 4.56
C ASN D 101 13.49 12.92 4.26
N MET D 102 13.89 13.70 5.26
CA MET D 102 14.15 15.11 4.98
C MET D 102 15.30 15.29 3.99
N LEU D 103 16.15 14.27 3.82
CA LEU D 103 17.25 14.38 2.86
C LEU D 103 16.72 13.99 1.47
N GLY D 104 15.75 13.07 1.43
CA GLY D 104 15.06 12.75 0.18
C GLY D 104 14.29 13.95 -0.30
N LEU D 105 13.51 14.52 0.62
CA LEU D 105 12.84 15.80 0.42
C LEU D 105 13.72 16.95 -0.07
N ALA D 106 14.98 17.01 0.35
CA ALA D 106 15.80 18.14 -0.03
C ALA D 106 16.36 17.87 -1.42
N LYS D 107 16.58 16.59 -1.69
CA LYS D 107 17.00 16.11 -3.00
C LYS D 107 15.97 16.43 -4.05
N ARG D 108 14.73 16.04 -3.79
CA ARG D 108 13.67 16.15 -4.79
C ARG D 108 13.34 17.61 -5.12
N VAL D 109 13.36 18.47 -4.11
CA VAL D 109 12.97 19.86 -4.33
C VAL D 109 14.13 20.84 -4.37
N GLY D 110 15.34 20.32 -4.24
CA GLY D 110 16.53 21.15 -4.33
C GLY D 110 16.69 22.06 -3.14
N ALA D 111 16.19 21.64 -1.98
CA ALA D 111 16.38 22.45 -0.77
C ALA D 111 17.77 22.26 -0.13
N ARG D 112 18.21 23.28 0.58
CA ARG D 112 19.41 23.20 1.38
C ARG D 112 19.01 22.76 2.80
N LEU D 113 19.67 21.71 3.29
CA LEU D 113 19.35 21.16 4.58
C LEU D 113 20.46 21.40 5.62
N LEU D 114 20.14 22.13 6.69
CA LEU D 114 21.02 22.25 7.85
C LEU D 114 20.69 21.22 8.94
N LEU D 115 21.60 20.32 9.24
CA LEU D 115 21.37 19.35 10.31
C LEU D 115 21.72 19.92 11.70
N ALA D 116 20.82 19.80 12.66
CA ALA D 116 21.16 20.31 13.98
C ALA D 116 21.89 19.21 14.70
N SER D 117 23.20 19.13 14.52
CA SER D 117 23.94 18.06 15.19
C SER D 117 24.37 18.46 16.60
N THR D 118 25.13 17.59 17.24
CA THR D 118 25.47 17.82 18.63
C THR D 118 26.95 17.69 18.95
N SER D 119 27.39 18.39 19.98
CA SER D 119 28.78 18.29 20.44
C SER D 119 29.05 16.89 21.01
N GLU D 120 27.98 16.18 21.32
CA GLU D 120 28.11 14.85 21.87
C GLU D 120 28.72 13.91 20.86
N VAL D 121 29.01 14.41 19.64
CA VAL D 121 29.61 13.51 18.67
C VAL D 121 31.10 13.36 18.98
N TYR D 122 31.61 14.18 19.91
CA TYR D 122 33.01 14.09 20.35
C TYR D 122 33.24 13.06 21.46
N GLU D 149 21.53 7.67 20.70
CA GLU D 149 22.35 8.00 19.53
C GLU D 149 21.54 8.11 18.22
N GLY D 150 22.24 8.07 17.10
CA GLY D 150 21.64 8.28 15.81
C GLY D 150 22.20 9.54 15.20
N LYS D 151 22.70 10.45 16.02
CA LYS D 151 23.21 11.74 15.56
C LYS D 151 24.48 11.63 14.73
N ALA D 152 25.35 10.67 15.01
CA ALA D 152 26.59 10.64 14.25
C ALA D 152 26.26 10.22 12.80
N VAL D 153 25.50 9.13 12.67
CA VAL D 153 25.22 8.57 11.36
C VAL D 153 24.39 9.56 10.55
N ALA D 154 23.68 10.45 11.23
CA ALA D 154 22.88 11.47 10.55
C ALA D 154 23.81 12.45 9.85
N GLU D 155 24.95 12.75 10.48
CA GLU D 155 25.96 13.59 9.82
C GLU D 155 26.46 12.92 8.58
N THR D 156 26.88 11.67 8.74
CA THR D 156 27.27 10.81 7.63
C THR D 156 26.18 10.77 6.55
N MET D 157 24.93 10.62 6.97
CA MET D 157 23.82 10.56 6.02
C MET D 157 23.81 11.83 5.18
N CYS D 158 23.94 12.99 5.81
CA CYS D 158 24.05 14.22 5.02
C CYS D 158 25.23 14.26 4.04
N TYR D 159 26.42 13.86 4.48
CA TYR D 159 27.57 13.93 3.57
C TYR D 159 27.48 12.87 2.46
N ALA D 160 26.85 11.74 2.77
CA ALA D 160 26.51 10.78 1.72
C ALA D 160 25.59 11.37 0.64
N TYR D 161 24.56 12.12 1.03
CA TYR D 161 23.69 12.74 0.03
C TYR D 161 24.33 13.87 -0.75
N MET D 162 25.35 14.51 -0.16
CA MET D 162 25.99 15.65 -0.81
C MET D 162 26.87 15.13 -1.92
N LYS D 163 27.63 14.11 -1.59
CA LYS D 163 28.53 13.45 -2.54
C LYS D 163 27.74 12.74 -3.65
N GLN D 164 26.79 11.92 -3.24
CA GLN D 164 26.11 11.07 -4.17
C GLN D 164 24.98 11.77 -4.92
N GLU D 165 24.43 12.84 -4.37
CA GLU D 165 23.23 13.40 -4.99
C GLU D 165 23.26 14.91 -5.14
N GLY D 166 24.37 15.53 -4.71
CA GLY D 166 24.51 16.97 -4.82
C GLY D 166 23.55 17.78 -3.95
N VAL D 167 22.96 17.17 -2.94
CA VAL D 167 22.21 17.96 -1.99
C VAL D 167 23.13 18.92 -1.20
N GLU D 168 22.76 20.19 -1.12
CA GLU D 168 23.48 21.17 -0.30
C GLU D 168 23.23 20.96 1.19
N VAL D 169 24.24 20.54 1.94
CA VAL D 169 24.03 20.33 3.37
C VAL D 169 24.86 21.21 4.29
N ARG D 170 24.37 21.43 5.50
CA ARG D 170 25.05 22.26 6.50
C ARG D 170 24.98 21.49 7.80
N VAL D 171 26.11 21.35 8.48
CA VAL D 171 26.11 20.59 9.70
C VAL D 171 26.55 21.38 10.91
N ALA D 172 25.61 21.65 11.81
CA ALA D 172 25.91 22.37 13.04
C ALA D 172 26.15 21.46 14.23
N ARG D 173 27.33 21.57 14.81
CA ARG D 173 27.52 20.96 16.11
C ARG D 173 27.22 21.98 17.21
N ILE D 174 26.10 21.71 17.89
CA ILE D 174 25.57 22.56 18.92
C ILE D 174 26.03 22.12 20.32
N PHE D 175 26.27 23.09 21.19
CA PHE D 175 26.75 22.85 22.53
C PHE D 175 25.65 23.27 23.53
N ASN D 176 25.86 22.94 24.80
CA ASN D 176 24.86 23.21 25.83
C ASN D 176 24.15 24.54 25.65
N THR D 177 22.81 24.50 25.68
CA THR D 177 22.05 25.70 25.40
C THR D 177 20.97 25.88 26.42
N PHE D 178 20.76 27.13 26.84
CA PHE D 178 19.71 27.45 27.79
C PHE D 178 18.88 28.63 27.32
N GLY D 179 17.79 28.90 28.03
CA GLY D 179 16.92 30.00 27.70
C GLY D 179 15.48 29.60 27.95
N PRO D 180 14.54 30.50 27.62
CA PRO D 180 13.09 30.26 27.69
C PRO D 180 12.69 29.08 26.84
N ARG D 181 11.74 28.30 27.32
CA ARG D 181 11.17 27.17 26.61
C ARG D 181 12.07 25.94 26.62
N MET D 182 13.13 26.02 27.39
CA MET D 182 13.97 24.85 27.57
C MET D 182 13.18 23.82 28.40
N HIS D 183 13.66 22.59 28.41
CA HIS D 183 13.07 21.55 29.22
C HIS D 183 13.51 21.76 30.65
N MET D 184 12.57 21.66 31.59
CA MET D 184 12.73 22.14 32.94
C MET D 184 12.93 21.02 33.92
N ASN D 185 12.43 19.86 33.52
CA ASN D 185 12.53 18.68 34.34
C ASN D 185 13.33 17.62 33.63
N ASP D 186 14.39 18.04 32.93
CA ASP D 186 15.38 17.12 32.39
C ASP D 186 16.45 16.80 33.43
N GLY D 187 16.51 17.61 34.49
CA GLY D 187 17.54 17.44 35.50
C GLY D 187 18.92 17.78 34.98
N ARG D 188 18.99 18.66 33.98
CA ARG D 188 20.26 19.27 33.60
C ARG D 188 20.64 20.12 34.79
N VAL D 189 21.88 20.59 34.82
CA VAL D 189 22.35 21.35 35.97
C VAL D 189 21.66 22.71 36.10
N VAL D 190 21.41 23.34 34.95
CA VAL D 190 20.83 24.68 34.94
C VAL D 190 19.37 24.68 35.36
N SER D 191 18.59 23.78 34.77
CA SER D 191 17.19 23.64 35.18
C SER D 191 17.06 23.22 36.64
N ASN D 192 17.96 22.37 37.10
CA ASN D 192 17.92 22.00 38.51
C ASN D 192 18.23 23.16 39.43
N PHE D 193 19.29 23.92 39.13
CA PHE D 193 19.63 25.04 40.00
C PHE D 193 18.52 26.10 39.99
N ILE D 194 17.96 26.37 38.82
CA ILE D 194 16.88 27.35 38.72
C ILE D 194 15.64 26.81 39.43
N LEU D 195 15.34 25.54 39.21
CA LEU D 195 14.19 24.92 39.88
C LEU D 195 14.32 24.99 41.40
N GLN D 196 15.41 24.45 41.92
CA GLN D 196 15.61 24.40 43.36
C GLN D 196 15.63 25.79 43.96
N ALA D 197 16.28 26.71 43.25
CA ALA D 197 16.39 28.08 43.72
C ALA D 197 15.02 28.75 43.89
N LEU D 198 14.14 28.58 42.92
CA LEU D 198 12.85 29.22 42.96
C LEU D 198 11.96 28.63 44.06
N GLN D 199 12.19 27.35 44.36
CA GLN D 199 11.39 26.61 45.32
C GLN D 199 11.96 26.67 46.73
N GLY D 200 13.02 27.46 46.92
CA GLY D 200 13.63 27.60 48.23
C GLY D 200 14.42 26.38 48.64
N GLU D 201 14.40 25.36 47.77
CA GLU D 201 15.09 24.08 47.99
C GLU D 201 16.59 24.21 48.06
N PRO D 202 17.24 23.19 48.64
CA PRO D 202 18.70 23.15 48.63
C PRO D 202 19.20 22.90 47.20
N LEU D 203 20.24 23.61 46.79
CA LEU D 203 20.88 23.40 45.49
C LEU D 203 21.91 22.28 45.61
N THR D 204 21.71 21.21 44.85
CA THR D 204 22.54 20.00 44.98
C THR D 204 23.75 19.99 44.06
N VAL D 205 24.91 20.29 44.64
CA VAL D 205 26.15 20.34 43.89
C VAL D 205 26.93 19.04 44.09
N TYR D 206 26.99 18.20 43.05
CA TYR D 206 27.69 16.91 43.14
C TYR D 206 29.19 17.09 43.31
N GLY D 207 29.79 16.33 44.22
CA GLY D 207 31.22 16.42 44.48
C GLY D 207 31.62 17.80 45.01
N SER D 208 32.72 18.35 44.48
CA SER D 208 33.18 19.69 44.90
C SER D 208 32.68 20.81 43.98
N GLY D 209 32.11 20.45 42.84
CA GLY D 209 31.57 21.42 41.89
C GLY D 209 32.65 22.25 41.25
N SER D 210 33.81 21.65 41.12
CA SER D 210 34.96 22.32 40.53
C SER D 210 35.02 21.96 39.06
N GLN D 211 34.26 20.94 38.68
CA GLN D 211 34.08 20.58 37.29
C GLN D 211 33.41 21.78 36.61
N THR D 212 33.59 21.91 35.29
CA THR D 212 33.18 23.11 34.58
C THR D 212 32.33 22.87 33.35
N ARG D 213 31.48 23.85 33.06
CA ARG D 213 30.55 23.75 31.94
C ARG D 213 30.47 25.05 31.16
N ALA D 214 30.38 24.91 29.83
CA ALA D 214 30.16 26.07 28.98
C ALA D 214 28.70 26.10 28.55
N PHE D 215 28.00 27.20 28.80
CA PHE D 215 26.60 27.33 28.38
C PHE D 215 26.31 28.45 27.42
N GLN D 216 25.46 28.19 26.46
CA GLN D 216 25.14 29.17 25.45
C GLN D 216 23.66 29.55 25.52
N TYR D 217 23.39 30.86 25.48
CA TYR D 217 22.01 31.38 25.46
C TYR D 217 21.38 31.11 24.09
N VAL D 218 20.07 30.91 24.06
CA VAL D 218 19.39 30.40 22.86
C VAL D 218 19.38 31.32 21.62
N SER D 219 19.18 32.61 21.81
CA SER D 219 19.19 33.54 20.68
C SER D 219 20.55 33.58 19.98
N ASP D 220 21.60 33.33 20.76
CA ASP D 220 22.94 33.19 20.22
C ASP D 220 23.01 31.95 19.36
N LEU D 221 22.52 30.84 19.87
CA LEU D 221 22.51 29.63 19.05
C LEU D 221 21.72 29.83 17.76
N VAL D 222 20.62 30.58 17.85
CA VAL D 222 19.68 30.77 16.75
C VAL D 222 20.26 31.64 15.62
N ASN D 223 20.93 32.72 16.01
CA ASN D 223 21.71 33.54 15.09
C ASN D 223 22.81 32.72 14.38
N GLY D 224 23.37 31.76 15.10
CA GLY D 224 24.47 30.95 14.59
C GLY D 224 24.01 29.97 13.52
N LEU D 225 22.89 29.29 13.81
CA LEU D 225 22.18 28.44 12.85
C LEU D 225 21.80 29.19 11.57
N VAL D 226 21.27 30.40 11.72
CA VAL D 226 20.91 31.19 10.55
C VAL D 226 22.15 31.56 9.72
N ALA D 227 23.16 32.14 10.37
CA ALA D 227 24.40 32.47 9.65
C ALA D 227 24.91 31.23 8.91
N LEU D 228 24.79 30.08 9.56
CA LEU D 228 25.40 28.85 9.08
C LEU D 228 24.68 28.37 7.84
N MET D 229 23.36 28.47 7.91
CA MET D 229 22.48 28.01 6.86
C MET D 229 22.61 28.95 5.67
N ASN D 230 23.08 30.17 5.91
CA ASN D 230 23.26 31.02 4.73
C ASN D 230 24.71 31.27 4.36
N SER D 231 25.68 30.44 4.66
CA SER D 231 27.08 30.53 4.32
C SER D 231 27.40 29.44 3.31
N ASN D 232 28.66 29.38 2.89
CA ASN D 232 29.10 28.36 1.98
C ASN D 232 29.91 27.25 2.65
N VAL D 233 29.65 27.05 3.94
CA VAL D 233 30.43 26.07 4.66
C VAL D 233 29.59 24.85 4.83
N SER D 234 30.06 23.72 4.31
CA SER D 234 29.30 22.48 4.36
C SER D 234 29.89 21.55 5.40
N SER D 235 31.12 21.84 5.82
CA SER D 235 31.82 21.08 6.85
C SER D 235 31.28 21.50 8.25
N PRO D 236 31.46 20.65 9.28
CA PRO D 236 30.83 21.00 10.55
C PRO D 236 31.36 22.26 11.21
N VAL D 237 30.47 22.99 11.87
CA VAL D 237 30.77 24.26 12.54
C VAL D 237 30.23 24.25 13.99
N ASN D 238 31.13 24.16 14.98
CA ASN D 238 30.72 24.23 16.38
C ASN D 238 29.90 25.48 16.66
N LEU D 239 28.77 25.34 17.36
CA LEU D 239 28.13 26.53 17.88
C LEU D 239 28.04 26.34 19.36
N GLY D 240 28.66 27.27 20.09
CA GLY D 240 28.76 27.13 21.53
C GLY D 240 29.33 28.37 22.11
N ASN D 241 29.30 28.46 23.45
CA ASN D 241 29.89 29.56 24.17
C ASN D 241 31.16 29.09 24.83
N PRO D 242 32.28 29.59 24.33
CA PRO D 242 33.58 29.14 24.83
C PRO D 242 33.88 29.54 26.27
N GLU D 243 33.01 30.34 26.90
CA GLU D 243 33.25 30.79 28.29
C GLU D 243 32.81 29.81 29.38
N GLU D 244 33.78 29.06 29.90
CA GLU D 244 33.51 28.05 30.92
C GLU D 244 33.26 28.60 32.32
N HIS D 245 32.49 27.86 33.11
CA HIS D 245 32.32 28.13 34.54
C HIS D 245 32.27 26.84 35.33
N THR D 246 32.39 26.95 36.64
CA THR D 246 32.37 25.79 37.49
C THR D 246 30.96 25.59 38.00
N ILE D 247 30.56 24.33 38.18
CA ILE D 247 29.25 23.99 38.70
C ILE D 247 28.88 24.78 39.96
N LEU D 248 29.87 25.02 40.82
CA LEU D 248 29.63 25.72 42.07
C LEU D 248 29.33 27.18 41.81
N GLU D 249 29.92 27.71 40.75
CA GLU D 249 29.77 29.13 40.46
C GLU D 249 28.40 29.39 39.86
N PHE D 250 27.97 28.49 38.97
CA PHE D 250 26.66 28.53 38.37
C PHE D 250 25.61 28.51 39.44
N ALA D 251 25.74 27.54 40.34
CA ALA D 251 24.81 27.40 41.48
C ALA D 251 24.80 28.64 42.38
N GLN D 252 25.98 29.22 42.57
CA GLN D 252 26.07 30.43 43.36
C GLN D 252 25.41 31.59 42.65
N LEU D 253 25.71 31.74 41.35
CA LEU D 253 25.21 32.89 40.59
C LEU D 253 23.70 32.86 40.47
N ILE D 254 23.16 31.69 40.13
CA ILE D 254 21.72 31.56 40.05
C ILE D 254 21.07 31.90 41.41
N LYS D 255 21.53 31.23 42.45
CA LYS D 255 21.10 31.56 43.82
C LYS D 255 20.99 33.07 44.04
N ASN D 256 21.99 33.82 43.58
CA ASN D 256 21.99 35.28 43.71
C ASN D 256 20.97 35.96 42.80
N LEU D 257 20.73 35.40 41.61
CA LEU D 257 19.78 35.99 40.67
C LEU D 257 18.33 35.72 41.07
N VAL D 258 18.11 34.61 41.76
CA VAL D 258 16.78 34.25 42.28
C VAL D 258 16.51 34.87 43.66
N GLY D 259 17.56 35.16 44.41
CA GLY D 259 17.38 35.71 45.74
C GLY D 259 16.54 34.81 46.62
N SER D 260 16.79 33.50 46.55
CA SER D 260 16.13 32.57 47.46
C SER D 260 17.03 32.26 48.64
N GLY D 261 16.41 31.80 49.72
CA GLY D 261 17.16 31.26 50.85
C GLY D 261 17.47 29.79 50.63
N SER D 262 18.10 29.49 49.49
CA SER D 262 18.43 28.12 49.13
C SER D 262 19.88 27.85 49.49
N GLU D 263 20.12 26.79 50.27
CA GLU D 263 21.48 26.50 50.72
C GLU D 263 22.18 25.55 49.75
N ILE D 264 23.45 25.80 49.47
CA ILE D 264 24.20 24.90 48.59
C ILE D 264 24.72 23.70 49.39
N GLN D 265 24.53 22.49 48.85
CA GLN D 265 24.92 21.27 49.56
C GLN D 265 25.67 20.24 48.68
N PHE D 266 26.81 19.75 49.18
CA PHE D 266 27.68 18.85 48.41
C PHE D 266 27.42 17.36 48.62
N LEU D 267 27.53 16.58 47.54
CA LEU D 267 27.28 15.13 47.53
C LEU D 267 28.54 14.30 47.32
N ARG D 277 34.33 19.46 28.24
CA ARG D 277 34.87 19.74 26.89
C ARG D 277 34.46 21.12 26.34
N LYS D 278 35.37 22.08 26.42
CA LYS D 278 35.08 23.47 26.04
C LYS D 278 34.79 23.56 24.53
N PRO D 279 33.84 24.44 24.12
CA PRO D 279 33.61 24.59 22.67
C PRO D 279 34.66 25.51 22.00
N ASP D 280 35.21 25.04 20.89
CA ASP D 280 36.17 25.82 20.11
C ASP D 280 35.38 26.46 18.98
N ILE D 281 35.20 27.76 19.02
CA ILE D 281 34.42 28.36 17.94
C ILE D 281 35.19 29.28 16.99
N LYS D 282 36.45 28.96 16.70
CA LYS D 282 37.22 29.88 15.88
C LYS D 282 36.70 29.79 14.43
N LYS D 283 36.44 28.59 14.00
CA LYS D 283 35.92 28.40 12.66
C LYS D 283 34.65 29.25 12.42
N ALA D 284 33.79 29.33 13.42
CA ALA D 284 32.57 30.08 13.26
C ALA D 284 32.83 31.58 13.29
N LYS D 285 33.83 31.99 14.05
CA LYS D 285 34.17 33.39 14.08
C LYS D 285 34.66 33.81 12.71
N LEU D 286 35.61 33.05 12.19
CA LEU D 286 36.21 33.33 10.90
C LEU D 286 35.30 33.12 9.69
N MET D 287 34.50 32.06 9.69
CA MET D 287 33.64 31.76 8.54
C MET D 287 32.31 32.53 8.54
N LEU D 288 31.86 32.92 9.72
CA LEU D 288 30.52 33.48 9.84
C LEU D 288 30.53 34.82 10.55
N GLY D 289 31.66 35.18 11.16
CA GLY D 289 31.70 36.40 11.95
C GLY D 289 30.71 36.31 13.11
N TRP D 290 30.39 35.09 13.53
CA TRP D 290 29.48 34.85 14.64
C TRP D 290 30.17 34.51 15.96
N GLU D 291 29.53 34.92 17.04
CA GLU D 291 29.98 34.56 18.38
C GLU D 291 28.93 35.04 19.39
N PRO D 292 28.73 34.26 20.46
CA PRO D 292 27.78 34.61 21.49
C PRO D 292 28.06 36.01 22.02
N VAL D 293 27.02 36.85 22.12
CA VAL D 293 27.13 38.21 22.65
C VAL D 293 26.17 38.49 23.80
N VAL D 294 25.30 37.54 24.13
CA VAL D 294 24.42 37.70 25.29
C VAL D 294 25.17 37.29 26.55
N PRO D 295 25.45 38.26 27.44
CA PRO D 295 26.17 37.98 28.68
C PRO D 295 25.41 37.01 29.59
N LEU D 296 26.16 36.12 30.23
CA LEU D 296 25.57 35.08 31.08
C LEU D 296 24.35 35.53 31.88
N GLU D 297 24.54 36.49 32.79
CA GLU D 297 23.52 36.85 33.74
C GLU D 297 22.25 37.38 33.10
N GLU D 298 22.50 38.12 31.95
CA GLU D 298 21.29 38.52 31.23
C GLU D 298 20.52 37.31 30.71
N GLY D 299 21.24 36.30 30.25
CA GLY D 299 20.59 35.10 29.73
C GLY D 299 20.01 34.27 30.85
N LEU D 300 20.61 34.37 32.02
CA LEU D 300 20.16 33.62 33.17
C LEU D 300 18.88 34.24 33.70
N ASN D 301 18.87 35.57 33.80
CA ASN D 301 17.67 36.29 34.19
C ASN D 301 16.49 35.84 33.34
N LYS D 302 16.67 35.89 32.03
CA LYS D 302 15.61 35.51 31.09
C LYS D 302 15.10 34.08 31.30
N ALA D 303 16.02 33.15 31.51
CA ALA D 303 15.61 31.77 31.78
C ALA D 303 14.91 31.68 33.15
N ILE D 304 15.35 32.50 34.10
CA ILE D 304 14.66 32.52 35.39
C ILE D 304 13.22 33.05 35.25
N HIS D 305 13.03 34.09 34.45
CA HIS D 305 11.70 34.66 34.20
C HIS D 305 10.72 33.65 33.56
N TYR D 306 11.23 32.76 32.72
CA TYR D 306 10.41 31.73 32.10
C TYR D 306 10.04 30.62 33.08
N PHE D 307 11.01 30.20 33.89
CA PHE D 307 10.78 29.11 34.84
C PHE D 307 9.79 29.56 35.88
N ARG D 308 9.80 30.86 36.14
CA ARG D 308 8.97 31.41 37.20
C ARG D 308 7.53 31.45 36.69
N LYS D 309 7.35 32.07 35.53
CA LYS D 309 6.05 32.15 34.88
C LYS D 309 5.40 30.77 34.77
N GLU D 310 6.19 29.73 34.49
CA GLU D 310 5.63 28.39 34.40
C GLU D 310 5.20 27.90 35.77
N LEU D 311 6.14 27.89 36.71
CA LEU D 311 5.88 27.37 38.05
C LEU D 311 4.60 27.97 38.68
N GLU D 312 4.34 29.25 38.42
CA GLU D 312 3.12 29.88 38.89
C GLU D 312 1.86 29.35 38.19
N TYR D 313 1.96 29.19 36.88
CA TYR D 313 0.89 28.64 36.06
C TYR D 313 0.49 27.25 36.57
N GLN D 314 1.48 26.48 37.01
CA GLN D 314 1.27 25.09 37.39
C GLN D 314 0.94 24.88 38.88
N ALA D 315 0.46 25.92 39.56
CA ALA D 315 0.19 25.84 40.99
C ALA D 315 -1.27 25.53 41.31
N ARG E 4 -12.75 -3.14 35.83
CA ARG E 4 -11.81 -2.08 35.42
C ARG E 4 -11.32 -2.27 33.96
N LYS E 5 -11.52 -1.23 33.15
CA LYS E 5 -11.61 -1.36 31.69
C LYS E 5 -10.59 -0.57 30.91
N ARG E 6 -10.20 -1.10 29.75
CA ARG E 6 -9.33 -0.35 28.86
C ARG E 6 -10.18 0.56 27.98
N ILE E 7 -10.02 1.87 28.17
CA ILE E 7 -10.85 2.90 27.54
C ILE E 7 -10.08 3.83 26.59
N LEU E 8 -10.57 3.91 25.36
CA LEU E 8 -10.09 4.88 24.35
C LEU E 8 -10.93 6.14 24.41
N ILE E 9 -10.27 7.29 24.47
CA ILE E 9 -10.97 8.57 24.38
C ILE E 9 -10.43 9.40 23.20
N THR E 10 -11.13 9.41 22.07
CA THR E 10 -10.73 10.30 20.98
C THR E 10 -11.12 11.71 21.36
N GLY E 11 -10.31 12.69 20.96
CA GLY E 11 -10.51 14.06 21.37
C GLY E 11 -10.23 14.21 22.84
N GLY E 12 -9.56 13.21 23.40
CA GLY E 12 -9.26 13.18 24.82
C GLY E 12 -8.44 14.35 25.36
N ALA E 13 -7.72 15.03 24.48
CA ALA E 13 -6.87 16.14 24.91
C ALA E 13 -7.56 17.51 24.87
N GLY E 14 -8.88 17.48 24.66
CA GLY E 14 -9.69 18.68 24.56
C GLY E 14 -10.37 19.09 25.86
N PHE E 15 -11.25 20.07 25.78
CA PHE E 15 -11.95 20.53 26.96
C PHE E 15 -12.69 19.42 27.71
N VAL E 16 -13.66 18.78 27.07
CA VAL E 16 -14.39 17.76 27.79
C VAL E 16 -13.56 16.47 27.90
N GLY E 17 -12.86 16.11 26.84
CA GLY E 17 -12.04 14.91 26.85
C GLY E 17 -11.04 14.87 28.01
N SER E 18 -10.44 15.99 28.34
CA SER E 18 -9.44 15.98 29.40
C SER E 18 -10.07 15.79 30.77
N HIS E 19 -11.19 16.46 30.99
CA HIS E 19 -11.85 16.29 32.28
C HIS E 19 -12.35 14.86 32.38
N LEU E 20 -12.82 14.31 31.25
CA LEU E 20 -13.23 12.91 31.20
C LEU E 20 -12.02 12.02 31.46
N THR E 21 -10.93 12.32 30.77
CA THR E 21 -9.65 11.66 30.98
C THR E 21 -9.26 11.65 32.45
N ASP E 22 -9.33 12.82 33.07
CA ASP E 22 -8.98 12.89 34.46
C ASP E 22 -9.75 11.88 35.28
N LYS E 23 -11.07 11.97 35.20
CA LYS E 23 -11.93 11.21 36.09
C LYS E 23 -11.78 9.70 35.91
N LEU E 24 -11.52 9.24 34.70
CA LEU E 24 -11.38 7.83 34.45
C LEU E 24 -10.03 7.27 34.87
N MET E 25 -9.02 8.14 34.93
CA MET E 25 -7.70 7.79 35.44
C MET E 25 -7.82 7.69 36.94
N MET E 26 -8.50 8.66 37.56
CA MET E 26 -8.77 8.61 39.00
C MET E 26 -9.44 7.29 39.39
N ASP E 27 -10.16 6.69 38.45
CA ASP E 27 -10.92 5.48 38.72
C ASP E 27 -10.15 4.18 38.46
N GLY E 28 -8.89 4.32 38.07
CA GLY E 28 -7.99 3.18 37.91
C GLY E 28 -8.14 2.39 36.61
N HIS E 29 -8.66 3.03 35.57
CA HIS E 29 -8.81 2.36 34.28
C HIS E 29 -7.58 2.62 33.45
N GLU E 30 -7.41 1.83 32.40
CA GLU E 30 -6.35 2.05 31.45
C GLU E 30 -6.86 2.98 30.35
N VAL E 31 -6.58 4.27 30.48
CA VAL E 31 -7.07 5.25 29.52
C VAL E 31 -6.01 5.54 28.44
N THR E 32 -6.41 5.40 27.17
CA THR E 32 -5.59 5.76 26.02
C THR E 32 -6.24 6.94 25.31
N VAL E 33 -5.51 8.05 25.19
CA VAL E 33 -5.99 9.24 24.48
C VAL E 33 -5.46 9.38 23.05
N VAL E 34 -6.38 9.64 22.11
CA VAL E 34 -6.13 9.95 20.71
C VAL E 34 -6.57 11.37 20.37
N ASP E 35 -5.66 12.14 19.80
CA ASP E 35 -5.92 13.53 19.53
C ASP E 35 -4.88 14.01 18.53
N ASN E 36 -5.28 14.90 17.64
CA ASN E 36 -4.33 15.44 16.67
C ASN E 36 -3.90 16.85 17.01
N PHE E 37 -4.37 17.31 18.18
CA PHE E 37 -4.08 18.63 18.75
C PHE E 37 -4.53 19.77 17.85
N PHE E 38 -5.53 19.49 17.05
CA PHE E 38 -6.13 20.50 16.21
C PHE E 38 -6.89 21.54 17.03
N THR E 39 -7.58 21.12 18.09
CA THR E 39 -8.21 22.10 18.98
C THR E 39 -7.85 21.86 20.43
N GLY E 40 -7.24 20.71 20.70
CA GLY E 40 -6.82 20.38 22.05
C GLY E 40 -5.35 20.70 22.36
N ARG E 41 -4.95 20.52 23.62
CA ARG E 41 -3.61 20.91 24.07
C ARG E 41 -2.96 19.79 24.87
N LYS E 42 -1.69 19.50 24.59
CA LYS E 42 -0.97 18.50 25.40
C LYS E 42 -1.06 18.85 26.88
N ARG E 43 -1.23 20.12 27.20
CA ARG E 43 -1.30 20.48 28.59
C ARG E 43 -2.54 19.91 29.31
N ASN E 44 -3.64 19.78 28.56
CA ASN E 44 -4.88 19.31 29.13
C ASN E 44 -4.73 17.92 29.73
N VAL E 45 -3.68 17.23 29.34
CA VAL E 45 -3.45 15.90 29.85
C VAL E 45 -2.02 15.60 30.32
N GLU E 46 -1.11 16.57 30.24
CA GLU E 46 0.29 16.30 30.58
C GLU E 46 0.44 15.74 32.00
N HIS E 47 -0.41 16.20 32.91
CA HIS E 47 -0.38 15.67 34.26
C HIS E 47 -0.34 14.11 34.18
N TRP E 48 -0.84 13.50 33.10
CA TRP E 48 -0.90 12.03 33.10
C TRP E 48 0.24 11.35 32.34
N ILE E 49 1.02 12.10 31.58
CA ILE E 49 2.11 11.50 30.85
C ILE E 49 3.09 10.87 31.82
N GLY E 50 3.41 9.60 31.56
CA GLY E 50 4.29 8.84 32.43
C GLY E 50 3.58 7.88 33.38
N HIS E 51 2.36 8.21 33.80
CA HIS E 51 1.59 7.32 34.66
C HIS E 51 1.37 5.98 33.96
N GLU E 52 1.29 4.90 34.74
CA GLU E 52 1.32 3.53 34.22
C GLU E 52 0.10 3.13 33.35
N ASN E 53 -1.07 3.59 33.78
CA ASN E 53 -2.33 3.26 33.11
C ASN E 53 -2.75 4.28 32.03
N PHE E 54 -1.80 5.05 31.53
CA PHE E 54 -2.09 6.13 30.58
C PHE E 54 -1.25 6.05 29.33
N GLU E 55 -1.82 6.50 28.21
CA GLU E 55 -1.04 6.66 26.99
C GLU E 55 -1.64 7.76 26.10
N LEU E 56 -0.76 8.60 25.56
CA LEU E 56 -1.18 9.66 24.65
C LEU E 56 -0.74 9.28 23.26
N ILE E 57 -1.68 9.26 22.33
CA ILE E 57 -1.31 8.95 20.98
C ILE E 57 -1.70 10.08 20.05
N ASN E 58 -0.71 10.60 19.35
CA ASN E 58 -0.93 11.66 18.39
C ASN E 58 -1.41 11.06 17.08
N HIS E 59 -2.73 10.94 16.95
CA HIS E 59 -3.30 10.24 15.80
C HIS E 59 -4.52 11.01 15.26
N ASP E 60 -4.69 11.03 13.95
CA ASP E 60 -5.90 11.60 13.38
C ASP E 60 -6.94 10.51 13.08
N VAL E 61 -8.12 10.62 13.72
CA VAL E 61 -9.14 9.58 13.58
C VAL E 61 -9.64 9.37 12.15
N VAL E 62 -9.35 10.32 11.28
CA VAL E 62 -9.60 10.15 9.86
C VAL E 62 -8.73 9.03 9.28
N GLU E 63 -7.65 8.69 9.97
CA GLU E 63 -6.78 7.56 9.59
C GLU E 63 -7.14 6.31 10.43
N PRO E 64 -7.17 5.14 9.77
CA PRO E 64 -7.48 3.90 10.50
C PRO E 64 -6.69 3.79 11.77
N LEU E 65 -7.36 3.35 12.81
CA LEU E 65 -6.72 3.21 14.09
C LEU E 65 -6.92 1.80 14.64
N TYR E 66 -5.83 1.15 14.97
CA TYR E 66 -5.87 -0.20 15.49
C TYR E 66 -5.40 -0.29 16.93
N ILE E 67 -6.32 -0.58 17.83
CA ILE E 67 -5.96 -0.73 19.23
C ILE E 67 -6.98 -1.70 19.82
N GLU E 68 -6.74 -2.16 21.04
CA GLU E 68 -7.57 -3.20 21.65
C GLU E 68 -8.18 -2.61 22.90
N VAL E 69 -9.50 -2.44 22.92
CA VAL E 69 -10.16 -1.78 24.07
C VAL E 69 -11.56 -2.31 24.36
N ASP E 70 -12.12 -1.90 25.50
CA ASP E 70 -13.46 -2.34 25.86
C ASP E 70 -14.43 -1.20 25.57
N GLN E 71 -13.92 0.03 25.57
CA GLN E 71 -14.76 1.20 25.35
C GLN E 71 -14.11 2.30 24.53
N ILE E 72 -14.95 3.10 23.88
CA ILE E 72 -14.51 4.28 23.16
C ILE E 72 -15.42 5.46 23.44
N TYR E 73 -14.88 6.52 24.02
CA TYR E 73 -15.64 7.77 24.12
C TYR E 73 -15.20 8.59 22.90
N HIS E 74 -16.05 8.67 21.87
CA HIS E 74 -15.68 9.37 20.64
C HIS E 74 -16.07 10.83 20.75
N LEU E 75 -15.11 11.63 21.22
CA LEU E 75 -15.31 13.06 21.43
C LEU E 75 -14.49 13.89 20.44
N ALA E 76 -13.85 13.21 19.49
CA ALA E 76 -12.97 13.90 18.56
C ALA E 76 -13.75 14.70 17.53
N SER E 77 -13.96 15.99 17.81
CA SER E 77 -14.57 16.90 16.84
C SER E 77 -14.13 18.34 17.11
N PRO E 78 -13.67 19.05 16.06
CA PRO E 78 -13.12 20.41 16.17
C PRO E 78 -14.17 21.52 16.35
N ASN E 87 -11.83 25.70 8.92
CA ASN E 87 -11.55 24.69 7.88
C ASN E 87 -12.64 23.62 7.72
N PRO E 88 -13.79 24.01 7.14
CA PRO E 88 -15.06 23.26 7.10
C PRO E 88 -14.92 21.80 6.60
N ILE E 89 -14.00 21.56 5.66
CA ILE E 89 -13.81 20.23 5.09
C ILE E 89 -13.20 19.21 6.07
N LYS E 90 -12.17 19.62 6.80
CA LYS E 90 -11.53 18.72 7.78
C LYS E 90 -12.60 18.34 8.81
N THR E 91 -13.44 19.30 9.13
CA THR E 91 -14.54 19.09 10.05
C THR E 91 -15.51 18.00 9.55
N LEU E 92 -15.92 18.09 8.28
CA LEU E 92 -16.84 17.10 7.72
C LEU E 92 -16.18 15.72 7.63
N LYS E 93 -14.93 15.68 7.17
CA LYS E 93 -14.17 14.41 7.15
C LYS E 93 -14.04 13.78 8.54
N THR E 94 -13.71 14.58 9.53
CA THR E 94 -13.53 14.08 10.89
C THR E 94 -14.84 13.49 11.40
N ASN E 95 -15.93 14.23 11.21
CA ASN E 95 -17.25 13.74 11.66
C ASN E 95 -17.77 12.50 10.95
N THR E 96 -17.41 12.33 9.68
CA THR E 96 -17.94 11.20 8.93
C THR E 96 -16.98 10.02 8.91
N ILE E 97 -15.86 10.21 8.24
CA ILE E 97 -14.83 9.20 8.13
C ILE E 97 -14.22 8.85 9.49
N GLY E 98 -13.96 9.87 10.30
CA GLY E 98 -13.46 9.64 11.64
C GLY E 98 -14.36 8.68 12.42
N THR E 99 -15.66 8.94 12.36
CA THR E 99 -16.63 8.15 13.08
C THR E 99 -16.77 6.73 12.56
N LEU E 100 -16.73 6.58 11.24
CA LEU E 100 -16.73 5.26 10.64
C LEU E 100 -15.59 4.44 11.16
N ASN E 101 -14.40 5.03 11.13
CA ASN E 101 -13.22 4.34 11.63
C ASN E 101 -13.38 3.88 13.06
N MET E 102 -13.93 4.73 13.91
CA MET E 102 -14.08 4.37 15.30
C MET E 102 -15.11 3.26 15.52
N LEU E 103 -16.07 3.16 14.60
CA LEU E 103 -17.07 2.08 14.61
C LEU E 103 -16.50 0.77 14.01
N GLY E 104 -15.67 0.91 12.97
CA GLY E 104 -14.94 -0.21 12.40
C GLY E 104 -14.13 -0.85 13.50
N LEU E 105 -13.37 -0.03 14.20
CA LEU E 105 -12.62 -0.49 15.36
C LEU E 105 -13.49 -1.14 16.44
N ALA E 106 -14.59 -0.50 16.77
CA ALA E 106 -15.50 -1.04 17.79
C ALA E 106 -16.00 -2.41 17.39
N LYS E 107 -16.12 -2.62 16.08
CA LYS E 107 -16.63 -3.87 15.57
C LYS E 107 -15.55 -4.96 15.66
N ARG E 108 -14.33 -4.59 15.33
CA ARG E 108 -13.25 -5.56 15.26
C ARG E 108 -12.89 -6.07 16.66
N VAL E 109 -12.98 -5.20 17.65
CA VAL E 109 -12.53 -5.55 19.00
C VAL E 109 -13.64 -5.65 20.04
N GLY E 110 -14.88 -5.56 19.58
CA GLY E 110 -16.02 -5.70 20.48
C GLY E 110 -16.10 -4.61 21.56
N ALA E 111 -15.76 -3.38 21.19
CA ALA E 111 -15.82 -2.30 22.17
C ALA E 111 -17.19 -1.63 22.14
N ARG E 112 -17.62 -1.13 23.29
CA ARG E 112 -18.83 -0.31 23.33
C ARG E 112 -18.40 1.10 22.95
N LEU E 113 -19.19 1.77 22.11
CA LEU E 113 -18.82 3.12 21.64
C LEU E 113 -19.87 4.16 21.97
N LEU E 114 -19.42 5.29 22.54
CA LEU E 114 -20.30 6.43 22.87
C LEU E 114 -19.94 7.60 21.96
N LEU E 115 -20.97 8.17 21.35
CA LEU E 115 -20.80 9.31 20.44
C LEU E 115 -21.19 10.52 21.18
N ALA E 116 -20.30 11.51 21.22
CA ALA E 116 -20.61 12.79 21.86
C ALA E 116 -21.33 13.68 20.87
N SER E 117 -22.64 13.53 20.77
CA SER E 117 -23.35 14.32 19.81
C SER E 117 -23.70 15.63 20.48
N THR E 118 -24.60 16.38 19.85
CA THR E 118 -24.90 17.75 20.26
C THR E 118 -26.38 18.08 20.19
N SER E 119 -26.79 19.03 21.02
CA SER E 119 -28.18 19.50 21.06
C SER E 119 -28.50 20.27 19.78
N GLU E 120 -27.45 20.49 19.00
CA GLU E 120 -27.61 21.26 17.77
C GLU E 120 -28.34 20.50 16.65
N VAL E 121 -28.59 19.20 16.84
CA VAL E 121 -29.35 18.37 15.90
C VAL E 121 -30.88 18.60 15.95
N TYR E 122 -31.32 19.44 16.89
CA TYR E 122 -32.75 19.76 17.05
C TYR E 122 -33.16 20.97 16.22
N GLU E 149 -21.24 20.61 10.05
CA GLU E 149 -22.04 19.44 10.41
C GLU E 149 -21.31 18.12 10.43
N GLY E 150 -22.09 17.07 10.27
CA GLY E 150 -21.62 15.69 10.30
C GLY E 150 -22.09 14.95 11.56
N LYS E 151 -22.52 15.69 12.58
CA LYS E 151 -22.95 15.02 13.78
C LYS E 151 -24.34 14.46 13.69
N ALA E 152 -25.15 14.93 12.75
CA ALA E 152 -26.41 14.26 12.53
C ALA E 152 -26.16 12.89 11.91
N VAL E 153 -25.44 12.89 10.79
CA VAL E 153 -25.19 11.64 10.11
C VAL E 153 -24.39 10.70 11.02
N ALA E 154 -23.46 11.24 11.80
CA ALA E 154 -22.69 10.42 12.76
C ALA E 154 -23.62 9.52 13.61
N GLU E 155 -24.65 10.11 14.22
CA GLU E 155 -25.69 9.33 14.91
C GLU E 155 -26.27 8.22 14.04
N THR E 156 -26.61 8.54 12.80
CA THR E 156 -27.21 7.54 11.92
C THR E 156 -26.23 6.39 11.72
N MET E 157 -24.93 6.69 11.60
CA MET E 157 -23.91 5.67 11.44
C MET E 157 -23.79 4.74 12.68
N CYS E 158 -23.83 5.32 13.86
CA CYS E 158 -23.79 4.53 15.08
C CYS E 158 -24.92 3.49 15.11
N TYR E 159 -26.16 3.96 14.98
CA TYR E 159 -27.31 3.07 14.99
C TYR E 159 -27.26 2.08 13.83
N ALA E 160 -26.61 2.45 12.75
CA ALA E 160 -26.45 1.53 11.64
C ALA E 160 -25.50 0.35 11.92
N TYR E 161 -24.42 0.60 12.66
CA TYR E 161 -23.50 -0.46 13.06
C TYR E 161 -24.13 -1.32 14.14
N MET E 162 -24.86 -0.67 15.02
CA MET E 162 -25.62 -1.39 16.05
C MET E 162 -26.54 -2.38 15.38
N LYS E 163 -27.42 -1.86 14.53
CA LYS E 163 -28.41 -2.70 13.86
C LYS E 163 -27.83 -3.78 12.95
N GLN E 164 -26.80 -3.45 12.20
CA GLN E 164 -26.30 -4.32 11.16
C GLN E 164 -25.10 -5.21 11.55
N GLU E 165 -24.31 -4.78 12.54
CA GLU E 165 -23.08 -5.47 12.95
C GLU E 165 -23.10 -5.72 14.48
N GLY E 166 -24.20 -5.34 15.12
CA GLY E 166 -24.34 -5.56 16.55
C GLY E 166 -23.42 -4.74 17.43
N VAL E 167 -22.78 -3.72 16.87
CA VAL E 167 -21.92 -2.85 17.69
C VAL E 167 -22.78 -2.17 18.71
N GLU E 168 -22.28 -2.14 19.94
CA GLU E 168 -23.00 -1.48 21.01
C GLU E 168 -22.66 -0.02 21.00
N VAL E 169 -23.71 0.82 21.04
CA VAL E 169 -23.51 2.25 20.90
C VAL E 169 -24.30 2.96 21.95
N ARG E 170 -23.79 4.11 22.36
CA ARG E 170 -24.49 5.01 23.24
C ARG E 170 -24.36 6.38 22.60
N VAL E 171 -25.40 7.20 22.67
CA VAL E 171 -25.40 8.51 22.01
C VAL E 171 -25.80 9.62 22.97
N ALA E 172 -24.88 10.55 23.25
CA ALA E 172 -25.18 11.69 24.13
C ALA E 172 -25.39 12.96 23.33
N ARG E 173 -26.51 13.62 23.58
CA ARG E 173 -26.80 14.91 22.98
C ARG E 173 -26.44 15.99 23.99
N ILE E 174 -25.27 16.57 23.80
CA ILE E 174 -24.65 17.46 24.77
C ILE E 174 -25.11 18.89 24.58
N PHE E 175 -25.51 19.53 25.68
CA PHE E 175 -25.89 20.93 25.56
C PHE E 175 -24.73 21.78 26.00
N ASN E 176 -24.92 23.09 26.02
CA ASN E 176 -23.83 24.01 26.35
C ASN E 176 -22.99 23.66 27.58
N THR E 177 -21.67 23.47 27.44
CA THR E 177 -20.87 23.19 28.66
C THR E 177 -19.82 24.30 28.86
N PHE E 178 -19.42 24.53 30.13
CA PHE E 178 -18.40 25.51 30.43
C PHE E 178 -17.55 25.00 31.60
N GLY E 179 -16.34 25.56 31.77
CA GLY E 179 -15.44 25.20 32.85
C GLY E 179 -13.96 25.41 32.50
N PRO E 180 -13.07 25.08 33.45
CA PRO E 180 -11.64 25.18 33.17
C PRO E 180 -11.33 24.40 31.89
N ARG E 181 -10.40 24.94 31.09
CA ARG E 181 -9.91 24.31 29.86
C ARG E 181 -10.82 24.45 28.66
N MET E 182 -11.90 25.20 28.81
CA MET E 182 -12.77 25.51 27.69
C MET E 182 -12.05 26.47 26.75
N HIS E 183 -12.53 26.58 25.51
CA HIS E 183 -11.98 27.55 24.57
C HIS E 183 -12.35 28.98 24.94
N MET E 184 -11.34 29.81 25.24
CA MET E 184 -11.62 31.16 25.70
C MET E 184 -11.95 32.15 24.56
N ASN E 185 -11.40 31.94 23.37
CA ASN E 185 -11.52 32.94 22.31
C ASN E 185 -12.42 32.51 21.16
N ASP E 186 -13.43 31.72 21.50
CA ASP E 186 -14.37 31.20 20.53
C ASP E 186 -15.50 32.20 20.22
N GLY E 187 -15.71 33.15 21.12
CA GLY E 187 -16.80 34.11 20.99
C GLY E 187 -18.11 33.62 21.59
N ARG E 188 -18.05 32.55 22.40
CA ARG E 188 -19.21 32.14 23.19
C ARG E 188 -19.52 33.21 24.23
N VAL E 189 -20.72 33.15 24.81
CA VAL E 189 -21.15 34.19 25.74
C VAL E 189 -20.48 34.10 27.11
N VAL E 190 -20.35 32.89 27.64
CA VAL E 190 -19.68 32.68 28.92
C VAL E 190 -18.22 33.13 28.79
N SER E 191 -17.61 32.78 27.67
CA SER E 191 -16.22 33.10 27.42
C SER E 191 -16.00 34.59 27.29
N ASN E 192 -16.84 35.23 26.48
CA ASN E 192 -16.75 36.67 26.29
C ASN E 192 -16.91 37.45 27.58
N PHE E 193 -17.98 37.17 28.29
CA PHE E 193 -18.28 37.89 29.52
C PHE E 193 -17.18 37.75 30.55
N ILE E 194 -16.59 36.57 30.67
CA ILE E 194 -15.50 36.35 31.61
C ILE E 194 -14.24 37.13 31.21
N LEU E 195 -13.88 37.06 29.94
CA LEU E 195 -12.72 37.80 29.44
C LEU E 195 -12.92 39.33 29.61
N GLN E 196 -14.07 39.84 29.17
CA GLN E 196 -14.34 41.27 29.28
C GLN E 196 -14.29 41.71 30.73
N ALA E 197 -14.84 40.88 31.61
CA ALA E 197 -14.93 41.20 33.02
C ALA E 197 -13.53 41.21 33.68
N LEU E 198 -12.71 40.23 33.36
CA LEU E 198 -11.39 40.21 33.97
C LEU E 198 -10.58 41.41 33.50
N GLN E 199 -10.80 41.83 32.26
CA GLN E 199 -10.03 42.92 31.67
C GLN E 199 -10.69 44.30 31.68
N GLY E 200 -11.69 44.46 32.55
CA GLY E 200 -12.32 45.75 32.75
C GLY E 200 -13.04 46.26 31.51
N GLU E 201 -13.02 45.46 30.45
CA GLU E 201 -13.68 45.82 29.19
C GLU E 201 -15.18 45.84 29.44
N PRO E 202 -15.94 46.53 28.58
CA PRO E 202 -17.40 46.53 28.73
C PRO E 202 -17.97 45.19 28.30
N LEU E 203 -19.05 44.76 28.96
CA LEU E 203 -19.65 43.48 28.64
C LEU E 203 -20.76 43.62 27.61
N THR E 204 -20.48 43.04 26.45
CA THR E 204 -21.32 43.21 25.29
C THR E 204 -22.52 42.25 25.31
N VAL E 205 -23.68 42.80 25.61
CA VAL E 205 -24.94 42.05 25.65
C VAL E 205 -25.80 42.36 24.44
N TYR E 206 -25.86 41.45 23.47
CA TYR E 206 -26.70 41.66 22.29
C TYR E 206 -28.18 41.65 22.64
N GLY E 207 -28.95 42.55 22.02
CA GLY E 207 -30.36 42.69 22.30
C GLY E 207 -30.62 43.33 23.65
N SER E 208 -31.77 43.02 24.24
CA SER E 208 -32.10 43.52 25.57
C SER E 208 -31.58 42.48 26.55
N GLY E 209 -31.08 41.37 26.01
CA GLY E 209 -30.49 40.34 26.87
C GLY E 209 -31.52 39.48 27.57
N SER E 210 -32.74 39.45 27.06
CA SER E 210 -33.83 38.71 27.67
C SER E 210 -33.89 37.28 27.20
N GLN E 211 -33.25 36.98 26.09
CA GLN E 211 -33.23 35.58 25.67
C GLN E 211 -32.59 34.66 26.72
N THR E 212 -32.88 33.37 26.69
CA THR E 212 -32.44 32.52 27.79
C THR E 212 -31.42 31.46 27.37
N ARG E 213 -30.46 31.18 28.26
CA ARG E 213 -29.53 30.10 28.04
C ARG E 213 -29.34 29.22 29.28
N ALA E 214 -29.07 27.94 29.04
CA ALA E 214 -28.85 26.96 30.10
C ALA E 214 -27.43 26.41 30.02
N PHE E 215 -26.64 26.63 31.06
CA PHE E 215 -25.25 26.16 31.05
C PHE E 215 -24.95 25.13 32.10
N GLN E 216 -24.27 24.10 31.61
CA GLN E 216 -23.85 22.96 32.38
C GLN E 216 -22.35 22.98 32.65
N TYR E 217 -21.99 22.70 33.90
CA TYR E 217 -20.60 22.66 34.29
C TYR E 217 -20.00 21.32 33.89
N VAL E 218 -18.74 21.37 33.47
CA VAL E 218 -18.08 20.23 32.82
C VAL E 218 -18.00 18.98 33.68
N SER E 219 -17.84 19.13 34.98
CA SER E 219 -17.76 17.96 35.83
C SER E 219 -19.09 17.21 35.82
N ASP E 220 -20.21 17.92 35.81
CA ASP E 220 -21.50 17.27 35.64
C ASP E 220 -21.62 16.46 34.35
N LEU E 221 -21.24 17.10 33.26
CA LEU E 221 -21.25 16.45 31.96
C LEU E 221 -20.40 15.20 31.94
N VAL E 222 -19.18 15.24 32.50
CA VAL E 222 -18.32 14.04 32.48
C VAL E 222 -18.99 12.87 33.22
N ASN E 223 -19.54 13.12 34.39
CA ASN E 223 -20.35 12.12 35.13
C ASN E 223 -21.52 11.63 34.28
N GLY E 224 -22.17 12.59 33.64
CA GLY E 224 -23.24 12.29 32.71
C GLY E 224 -22.81 11.33 31.63
N LEU E 225 -21.63 11.58 31.04
CA LEU E 225 -21.09 10.75 29.99
C LEU E 225 -20.84 9.31 30.47
N VAL E 226 -20.27 9.18 31.66
CA VAL E 226 -19.95 7.87 32.25
C VAL E 226 -21.21 7.07 32.61
N ALA E 227 -22.18 7.76 33.18
CA ALA E 227 -23.44 7.11 33.48
C ALA E 227 -24.06 6.52 32.22
N LEU E 228 -24.05 7.28 31.12
CA LEU E 228 -24.61 6.79 29.86
C LEU E 228 -23.81 5.65 29.20
N MET E 229 -22.49 5.69 29.32
CA MET E 229 -21.63 4.65 28.75
C MET E 229 -21.90 3.30 29.39
N ASN E 230 -22.13 3.33 30.68
CA ASN E 230 -22.28 2.12 31.46
C ASN E 230 -23.72 1.70 31.74
N SER E 231 -24.67 2.40 31.13
CA SER E 231 -26.06 2.01 31.16
C SER E 231 -26.34 1.07 29.98
N ASN E 232 -27.59 0.64 29.84
CA ASN E 232 -28.01 -0.20 28.72
C ASN E 232 -28.87 0.58 27.75
N VAL E 233 -28.91 1.88 27.95
CA VAL E 233 -29.67 2.77 27.09
C VAL E 233 -28.87 3.03 25.80
N SER E 234 -29.33 2.41 24.72
CA SER E 234 -28.72 2.58 23.43
C SER E 234 -29.31 3.75 22.62
N SER E 235 -30.48 4.22 23.05
CA SER E 235 -31.12 5.39 22.44
C SER E 235 -30.50 6.67 22.96
N PRO E 236 -30.71 7.78 22.24
CA PRO E 236 -30.19 9.10 22.57
C PRO E 236 -30.58 9.59 23.94
N VAL E 237 -29.67 10.32 24.58
CA VAL E 237 -29.92 10.87 25.89
C VAL E 237 -29.34 12.27 25.99
N ASN E 238 -30.13 13.24 26.38
CA ASN E 238 -29.68 14.62 26.61
C ASN E 238 -28.89 14.73 27.89
N LEU E 239 -27.73 15.35 27.79
CA LEU E 239 -26.87 15.66 28.94
C LEU E 239 -26.69 17.16 28.91
N GLY E 240 -27.42 17.85 29.77
CA GLY E 240 -27.40 19.29 29.84
C GLY E 240 -27.95 19.75 31.17
N ASN E 241 -27.98 21.06 31.40
CA ASN E 241 -28.54 21.64 32.60
C ASN E 241 -29.86 22.33 32.26
N PRO E 242 -30.98 21.80 32.78
CA PRO E 242 -32.33 22.32 32.52
C PRO E 242 -32.50 23.72 33.08
N GLU E 243 -31.66 24.08 34.04
CA GLU E 243 -31.77 25.40 34.65
C GLU E 243 -31.40 26.54 33.71
N GLU E 244 -32.37 27.41 33.43
CA GLU E 244 -32.10 28.52 32.53
C GLU E 244 -31.95 29.87 33.22
N HIS E 245 -31.16 30.75 32.61
CA HIS E 245 -31.14 32.14 33.03
C HIS E 245 -31.08 33.02 31.79
N THR E 246 -31.38 34.30 31.97
CA THR E 246 -31.29 35.27 30.89
C THR E 246 -29.83 35.71 30.73
N ILE E 247 -29.41 35.96 29.50
CA ILE E 247 -28.06 36.48 29.20
C ILE E 247 -27.60 37.67 30.04
N LEU E 248 -28.51 38.60 30.32
CA LEU E 248 -28.21 39.80 31.09
C LEU E 248 -27.97 39.40 32.54
N GLU E 249 -28.76 38.43 32.96
CA GLU E 249 -28.63 37.85 34.27
C GLU E 249 -27.26 37.22 34.45
N PHE E 250 -26.74 36.60 33.39
CA PHE E 250 -25.41 35.99 33.35
C PHE E 250 -24.30 37.01 33.47
N ALA E 251 -24.35 38.02 32.60
CA ALA E 251 -23.37 39.09 32.59
C ALA E 251 -23.24 39.74 33.96
N GLN E 252 -24.35 39.88 34.66
CA GLN E 252 -24.34 40.48 36.00
C GLN E 252 -23.74 39.54 37.04
N LEU E 253 -24.02 38.25 36.91
CA LEU E 253 -23.48 37.26 37.85
C LEU E 253 -21.97 37.16 37.70
N ILE E 254 -21.52 37.10 36.46
CA ILE E 254 -20.11 37.07 36.19
C ILE E 254 -19.42 38.38 36.62
N LYS E 255 -20.05 39.49 36.30
CA LYS E 255 -19.55 40.79 36.69
C LYS E 255 -19.29 40.83 38.22
N ASN E 256 -20.19 40.27 39.04
CA ASN E 256 -20.01 40.28 40.50
C ASN E 256 -18.92 39.33 40.99
N LEU E 257 -18.93 38.10 40.48
CA LEU E 257 -17.98 37.08 40.91
C LEU E 257 -16.55 37.46 40.55
N VAL E 258 -16.36 38.23 39.48
CA VAL E 258 -15.03 38.73 39.10
C VAL E 258 -14.68 39.98 39.90
N GLY E 259 -15.66 40.85 40.13
CA GLY E 259 -15.44 42.08 40.85
C GLY E 259 -14.76 43.15 40.01
N SER E 260 -15.24 43.34 38.78
CA SER E 260 -14.61 44.32 37.89
C SER E 260 -15.43 45.58 37.71
N GLY E 261 -14.77 46.67 37.32
CA GLY E 261 -15.48 47.90 37.07
C GLY E 261 -15.99 47.98 35.64
N SER E 262 -16.28 46.82 35.05
CA SER E 262 -16.66 46.73 33.65
C SER E 262 -18.11 47.16 33.48
N GLU E 263 -18.41 47.90 32.41
CA GLU E 263 -19.79 48.32 32.20
C GLU E 263 -20.55 47.30 31.33
N ILE E 264 -21.84 47.16 31.59
CA ILE E 264 -22.70 46.29 30.79
C ILE E 264 -23.34 47.19 29.74
N GLN E 265 -23.11 46.81 28.50
CA GLN E 265 -23.60 47.52 27.34
C GLN E 265 -24.66 46.72 26.63
N PHE E 266 -25.44 47.36 25.77
CA PHE E 266 -26.41 46.56 25.06
C PHE E 266 -26.19 46.86 23.60
N LEU E 267 -26.60 45.94 22.73
CA LEU E 267 -26.45 46.17 21.30
C LEU E 267 -27.58 45.56 20.48
N ARG E 277 -33.62 27.16 23.34
CA ARG E 277 -33.93 25.73 23.46
C ARG E 277 -33.46 25.12 24.79
N LYS E 278 -34.30 25.16 25.83
CA LYS E 278 -33.94 24.58 27.12
C LYS E 278 -33.92 23.05 27.04
N PRO E 279 -32.86 22.43 27.56
CA PRO E 279 -32.73 20.96 27.51
C PRO E 279 -33.70 20.23 28.44
N ASP E 280 -34.27 19.14 27.94
CA ASP E 280 -35.08 18.26 28.75
C ASP E 280 -34.28 17.01 29.08
N ILE E 281 -33.95 16.86 30.36
CA ILE E 281 -33.13 15.74 30.83
C ILE E 281 -33.91 14.79 31.67
N LYS E 282 -35.24 14.80 31.54
CA LYS E 282 -36.05 13.90 32.31
C LYS E 282 -35.69 12.45 31.97
N LYS E 283 -35.29 12.21 30.72
CA LYS E 283 -34.90 10.86 30.31
C LYS E 283 -33.63 10.40 31.00
N ALA E 284 -32.70 11.32 31.25
CA ALA E 284 -31.47 11.01 31.98
C ALA E 284 -31.75 10.85 33.47
N LYS E 285 -32.58 11.71 34.01
CA LYS E 285 -32.94 11.63 35.41
C LYS E 285 -33.45 10.23 35.76
N LEU E 286 -34.30 9.68 34.89
CA LEU E 286 -34.94 8.39 35.14
C LEU E 286 -34.12 7.15 34.73
N MET E 287 -33.46 7.20 33.57
CA MET E 287 -32.75 6.02 33.10
C MET E 287 -31.35 5.93 33.69
N LEU E 288 -30.79 7.08 34.07
CA LEU E 288 -29.42 7.09 34.56
C LEU E 288 -29.36 7.62 35.98
N GLY E 289 -30.48 8.16 36.47
CA GLY E 289 -30.46 8.80 37.78
C GLY E 289 -29.45 9.93 37.84
N TRP E 290 -29.19 10.57 36.71
CA TRP E 290 -28.21 11.63 36.67
C TRP E 290 -28.82 13.03 36.65
N GLU E 291 -28.12 13.99 37.24
CA GLU E 291 -28.46 15.39 37.04
C GLU E 291 -27.34 16.28 37.53
N PRO E 292 -27.26 17.48 36.94
CA PRO E 292 -26.20 18.41 37.33
C PRO E 292 -26.37 18.76 38.81
N VAL E 293 -25.23 18.74 39.48
CA VAL E 293 -25.19 19.01 40.91
C VAL E 293 -24.28 20.18 41.27
N VAL E 294 -23.50 20.63 40.31
CA VAL E 294 -22.61 21.75 40.60
C VAL E 294 -23.37 23.05 40.60
N PRO E 295 -23.51 23.68 41.77
CA PRO E 295 -24.26 24.94 41.73
C PRO E 295 -23.56 25.91 40.77
N LEU E 296 -24.36 26.71 40.07
CA LEU E 296 -23.88 27.59 39.02
C LEU E 296 -22.75 28.47 39.50
N GLU E 297 -22.95 29.03 40.69
CA GLU E 297 -21.93 29.89 41.27
C GLU E 297 -20.54 29.23 41.38
N GLU E 298 -20.51 28.00 41.90
CA GLU E 298 -19.27 27.27 42.10
C GLU E 298 -18.54 26.95 40.79
N GLY E 299 -19.31 26.63 39.76
CA GLY E 299 -18.76 26.34 38.44
C GLY E 299 -18.14 27.56 37.79
N LEU E 300 -18.88 28.67 37.83
CA LEU E 300 -18.42 29.93 37.32
C LEU E 300 -17.16 30.39 38.06
N ASN E 301 -17.16 30.24 39.38
CA ASN E 301 -15.96 30.55 40.17
C ASN E 301 -14.70 29.81 39.64
N LYS E 302 -14.86 28.51 39.42
CA LYS E 302 -13.75 27.66 38.94
C LYS E 302 -13.31 28.02 37.53
N ALA E 303 -14.28 28.30 36.68
CA ALA E 303 -14.03 28.70 35.30
C ALA E 303 -13.32 30.04 35.25
N ILE E 304 -13.73 30.95 36.14
CA ILE E 304 -13.12 32.28 36.23
C ILE E 304 -11.65 32.18 36.69
N HIS E 305 -11.40 31.30 37.66
CA HIS E 305 -10.04 31.02 38.13
C HIS E 305 -9.16 30.54 36.99
N TYR E 306 -9.69 29.66 36.14
CA TYR E 306 -8.95 29.20 34.97
C TYR E 306 -8.64 30.32 34.00
N PHE E 307 -9.64 31.11 33.64
CA PHE E 307 -9.40 32.24 32.75
C PHE E 307 -8.39 33.23 33.27
N ARG E 308 -8.39 33.41 34.58
CA ARG E 308 -7.47 34.34 35.20
C ARG E 308 -6.02 33.82 35.14
N LYS E 309 -5.83 32.61 35.68
CA LYS E 309 -4.54 31.94 35.65
C LYS E 309 -3.95 31.91 34.24
N GLU E 310 -4.82 31.84 33.23
CA GLU E 310 -4.39 31.81 31.84
C GLU E 310 -3.93 33.18 31.39
N LEU E 311 -4.71 34.20 31.75
CA LEU E 311 -4.39 35.55 31.32
C LEU E 311 -3.04 36.07 31.87
N GLU E 312 -2.70 35.72 33.11
CA GLU E 312 -1.40 36.07 33.71
C GLU E 312 -0.27 35.31 33.02
N TYR E 313 -0.52 34.03 32.77
CA TYR E 313 0.40 33.12 32.08
C TYR E 313 0.77 33.66 30.73
N GLN E 314 -0.12 34.46 30.17
CA GLN E 314 0.09 35.00 28.85
C GLN E 314 0.71 36.39 28.94
N ALA E 315 1.65 36.48 29.88
CA ALA E 315 2.41 37.69 30.17
C ALA E 315 3.86 37.47 29.78
N ARG F 4 -20.81 21.13 -26.59
CA ARG F 4 -20.79 19.68 -26.31
C ARG F 4 -19.70 19.20 -25.35
N LYS F 5 -20.15 18.54 -24.28
CA LYS F 5 -19.40 18.44 -23.03
C LYS F 5 -19.20 16.97 -22.71
N ARG F 6 -18.07 16.67 -22.06
CA ARG F 6 -17.78 15.35 -21.53
C ARG F 6 -18.40 15.24 -20.14
N ILE F 7 -19.43 14.41 -19.96
CA ILE F 7 -20.20 14.39 -18.70
C ILE F 7 -20.10 13.07 -17.97
N LEU F 8 -19.70 13.13 -16.68
CA LEU F 8 -19.77 11.94 -15.83
C LEU F 8 -21.13 11.90 -15.13
N ILE F 9 -21.78 10.73 -15.21
CA ILE F 9 -23.02 10.46 -14.49
C ILE F 9 -22.90 9.25 -13.56
N THR F 10 -22.72 9.50 -12.27
CA THR F 10 -22.75 8.45 -11.25
C THR F 10 -24.22 8.04 -11.06
N GLY F 11 -24.48 6.76 -10.81
CA GLY F 11 -25.86 6.33 -10.73
C GLY F 11 -26.55 6.35 -12.07
N GLY F 12 -25.75 6.44 -13.14
CA GLY F 12 -26.28 6.51 -14.49
C GLY F 12 -27.11 5.31 -14.92
N ALA F 13 -26.87 4.17 -14.25
CA ALA F 13 -27.60 2.96 -14.60
C ALA F 13 -28.87 2.81 -13.77
N GLY F 14 -29.26 3.86 -13.05
CA GLY F 14 -30.44 3.83 -12.21
C GLY F 14 -31.66 4.39 -12.90
N PHE F 15 -32.76 4.55 -12.15
CA PHE F 15 -34.01 5.09 -12.68
C PHE F 15 -33.82 6.47 -13.34
N VAL F 16 -33.42 7.46 -12.55
CA VAL F 16 -33.19 8.80 -13.09
C VAL F 16 -31.87 8.90 -13.85
N GLY F 17 -30.84 8.27 -13.35
CA GLY F 17 -29.56 8.36 -14.02
C GLY F 17 -29.63 7.97 -15.49
N SER F 18 -30.42 6.94 -15.83
CA SER F 18 -30.49 6.45 -17.22
C SER F 18 -31.23 7.38 -18.19
N HIS F 19 -32.34 7.95 -17.74
CA HIS F 19 -33.05 8.87 -18.62
C HIS F 19 -32.21 10.11 -18.89
N LEU F 20 -31.50 10.54 -17.86
CA LEU F 20 -30.59 11.65 -18.03
C LEU F 20 -29.56 11.19 -19.04
N THR F 21 -29.03 10.00 -18.84
CA THR F 21 -28.09 9.42 -19.79
C THR F 21 -28.61 9.45 -21.23
N ASP F 22 -29.83 8.98 -21.46
CA ASP F 22 -30.40 9.01 -22.80
C ASP F 22 -30.43 10.41 -23.40
N LYS F 23 -30.93 11.35 -22.61
CA LYS F 23 -31.23 12.69 -23.09
C LYS F 23 -29.91 13.43 -23.39
N LEU F 24 -28.85 13.14 -22.64
CA LEU F 24 -27.57 13.79 -22.88
C LEU F 24 -26.82 13.18 -24.06
N MET F 25 -27.13 11.93 -24.39
CA MET F 25 -26.55 11.31 -25.58
C MET F 25 -27.17 11.83 -26.87
N MET F 26 -28.48 11.91 -26.87
CA MET F 26 -29.20 12.46 -28.01
C MET F 26 -28.63 13.84 -28.33
N ASP F 27 -28.05 14.50 -27.33
CA ASP F 27 -27.54 15.86 -27.48
C ASP F 27 -26.06 15.87 -27.92
N GLY F 28 -25.49 14.69 -28.14
CA GLY F 28 -24.15 14.61 -28.70
C GLY F 28 -23.02 14.83 -27.73
N HIS F 29 -23.27 14.56 -26.46
CA HIS F 29 -22.23 14.73 -25.44
C HIS F 29 -21.49 13.40 -25.28
N GLU F 30 -20.30 13.45 -24.68
CA GLU F 30 -19.56 12.24 -24.35
C GLU F 30 -19.96 11.83 -22.96
N VAL F 31 -20.87 10.87 -22.87
CA VAL F 31 -21.40 10.42 -21.60
C VAL F 31 -20.64 9.21 -21.07
N THR F 32 -20.16 9.35 -19.83
CA THR F 32 -19.53 8.27 -19.08
C THR F 32 -20.39 7.89 -17.86
N VAL F 33 -20.82 6.63 -17.79
CA VAL F 33 -21.62 6.19 -16.64
C VAL F 33 -20.77 5.43 -15.63
N VAL F 34 -20.92 5.82 -14.36
CA VAL F 34 -20.28 5.14 -13.25
C VAL F 34 -21.41 4.57 -12.40
N ASP F 35 -21.34 3.27 -12.11
CA ASP F 35 -22.40 2.57 -11.38
C ASP F 35 -21.88 1.21 -10.90
N ASN F 36 -22.31 0.77 -9.71
CA ASN F 36 -21.90 -0.52 -9.17
C ASN F 36 -23.02 -1.55 -9.25
N PHE F 37 -24.11 -1.14 -9.87
CA PHE F 37 -25.27 -1.99 -10.06
C PHE F 37 -25.91 -2.48 -8.75
N PHE F 38 -25.73 -1.69 -7.68
CA PHE F 38 -26.35 -2.01 -6.39
C PHE F 38 -27.88 -1.92 -6.41
N THR F 39 -28.40 -0.89 -7.09
CA THR F 39 -29.85 -0.75 -7.30
C THR F 39 -30.22 -0.52 -8.76
N GLY F 40 -29.23 -0.28 -9.62
CA GLY F 40 -29.49 -0.07 -11.05
C GLY F 40 -29.31 -1.29 -11.95
N ARG F 41 -29.65 -1.14 -13.22
CA ARG F 41 -29.65 -2.31 -14.07
C ARG F 41 -28.90 -1.94 -15.34
N LYS F 42 -28.01 -2.85 -15.72
CA LYS F 42 -27.21 -2.78 -16.94
C LYS F 42 -28.11 -2.56 -18.13
N ARG F 43 -29.30 -3.16 -18.06
CA ARG F 43 -30.28 -3.04 -19.12
C ARG F 43 -30.72 -1.60 -19.32
N ASN F 44 -30.70 -0.83 -18.24
CA ASN F 44 -31.10 0.57 -18.32
C ASN F 44 -30.22 1.40 -19.26
N VAL F 45 -29.04 0.88 -19.57
CA VAL F 45 -28.16 1.63 -20.45
C VAL F 45 -27.53 0.83 -21.57
N GLU F 46 -27.85 -0.45 -21.67
CA GLU F 46 -27.21 -1.33 -22.65
C GLU F 46 -27.34 -0.80 -24.08
N HIS F 47 -28.48 -0.17 -24.37
CA HIS F 47 -28.73 0.46 -25.67
C HIS F 47 -27.58 1.35 -26.20
N TRP F 48 -26.80 1.93 -25.28
CA TRP F 48 -25.72 2.89 -25.61
C TRP F 48 -24.36 2.21 -25.63
N ILE F 49 -24.29 0.97 -25.15
CA ILE F 49 -23.02 0.26 -25.14
C ILE F 49 -22.54 0.11 -26.59
N GLY F 50 -21.29 0.51 -26.82
CA GLY F 50 -20.68 0.49 -28.13
C GLY F 50 -20.60 1.80 -28.91
N HIS F 51 -21.58 2.67 -28.67
CA HIS F 51 -21.70 4.00 -29.27
C HIS F 51 -20.49 4.90 -28.97
N GLU F 52 -20.17 5.81 -29.88
CA GLU F 52 -18.89 6.53 -29.77
C GLU F 52 -18.74 7.46 -28.57
N ASN F 53 -19.81 8.18 -28.24
CA ASN F 53 -19.75 9.17 -27.16
C ASN F 53 -20.14 8.64 -25.80
N PHE F 54 -20.05 7.32 -25.66
CA PHE F 54 -20.51 6.67 -24.45
C PHE F 54 -19.50 5.72 -23.84
N GLU F 55 -19.54 5.59 -22.51
CA GLU F 55 -18.77 4.55 -21.81
C GLU F 55 -19.46 4.15 -20.49
N LEU F 56 -19.52 2.85 -20.22
CA LEU F 56 -20.08 2.32 -18.97
C LEU F 56 -18.94 1.78 -18.14
N ILE F 57 -18.83 2.27 -16.92
CA ILE F 57 -17.80 1.83 -16.00
C ILE F 57 -18.34 1.25 -14.68
N ASN F 58 -17.95 0.02 -14.39
CA ASN F 58 -18.35 -0.64 -13.16
C ASN F 58 -17.44 -0.23 -12.01
N HIS F 59 -17.84 0.83 -11.31
CA HIS F 59 -17.01 1.43 -10.26
C HIS F 59 -17.92 1.79 -9.08
N ASP F 60 -17.40 1.59 -7.88
CA ASP F 60 -18.07 2.00 -6.67
C ASP F 60 -17.52 3.36 -6.23
N VAL F 61 -18.40 4.37 -6.16
CA VAL F 61 -17.97 5.75 -5.87
C VAL F 61 -17.27 5.95 -4.51
N VAL F 62 -17.40 4.97 -3.61
CA VAL F 62 -16.64 4.95 -2.37
C VAL F 62 -15.14 4.76 -2.61
N GLU F 63 -14.77 4.23 -3.79
CA GLU F 63 -13.35 4.09 -4.18
C GLU F 63 -13.00 5.24 -5.10
N PRO F 64 -11.82 5.84 -4.88
CA PRO F 64 -11.34 6.94 -5.72
C PRO F 64 -11.44 6.63 -7.20
N LEU F 65 -11.91 7.62 -7.98
CA LEU F 65 -12.10 7.54 -9.42
C LEU F 65 -11.37 8.66 -10.12
N TYR F 66 -10.53 8.28 -11.07
CA TYR F 66 -9.74 9.23 -11.82
C TYR F 66 -10.15 9.26 -13.30
N ILE F 67 -10.79 10.36 -13.69
CA ILE F 67 -11.23 10.56 -15.06
C ILE F 67 -11.32 12.05 -15.41
N GLU F 68 -11.51 12.35 -16.70
CA GLU F 68 -11.45 13.72 -17.19
C GLU F 68 -12.77 14.16 -17.79
N VAL F 69 -13.40 15.12 -17.14
CA VAL F 69 -14.71 15.58 -17.55
C VAL F 69 -14.89 17.04 -17.23
N ASP F 70 -15.98 17.60 -17.77
CA ASP F 70 -16.33 19.00 -17.58
C ASP F 70 -17.44 19.17 -16.54
N GLN F 71 -18.24 18.12 -16.42
CA GLN F 71 -19.40 18.05 -15.51
C GLN F 71 -19.56 16.69 -14.85
N ILE F 72 -20.21 16.72 -13.68
CA ILE F 72 -20.57 15.53 -12.91
C ILE F 72 -22.00 15.68 -12.38
N TYR F 73 -22.88 14.77 -12.79
CA TYR F 73 -24.21 14.64 -12.19
C TYR F 73 -24.05 13.56 -11.11
N HIS F 74 -23.98 13.91 -9.83
CA HIS F 74 -23.76 12.89 -8.79
C HIS F 74 -25.08 12.33 -8.31
N LEU F 75 -25.53 11.23 -8.92
CA LEU F 75 -26.79 10.58 -8.55
C LEU F 75 -26.52 9.22 -7.92
N ALA F 76 -25.27 8.89 -7.63
CA ALA F 76 -24.99 7.56 -7.10
C ALA F 76 -25.46 7.45 -5.62
N SER F 77 -26.68 6.96 -5.45
CA SER F 77 -27.22 6.68 -4.12
C SER F 77 -28.32 5.63 -4.19
N PRO F 78 -28.24 4.60 -3.33
CA PRO F 78 -29.24 3.53 -3.41
C PRO F 78 -30.57 3.98 -2.79
N TYR F 86 -32.07 -0.68 3.40
CA TYR F 86 -31.66 -2.05 3.07
C TYR F 86 -30.28 -2.49 3.56
N ASN F 87 -29.26 -1.71 3.23
CA ASN F 87 -27.93 -1.96 3.76
C ASN F 87 -27.38 -0.64 4.31
N PRO F 88 -27.92 -0.19 5.45
CA PRO F 88 -27.68 1.18 5.90
C PRO F 88 -26.21 1.61 5.94
N ILE F 89 -25.30 0.72 6.26
CA ILE F 89 -23.91 1.14 6.36
C ILE F 89 -23.40 1.51 4.99
N LYS F 90 -23.69 0.66 4.02
CA LYS F 90 -23.30 0.92 2.66
C LYS F 90 -23.97 2.19 2.13
N THR F 91 -25.22 2.40 2.50
CA THR F 91 -25.89 3.60 2.07
C THR F 91 -25.19 4.86 2.60
N LEU F 92 -24.89 4.89 3.89
CA LEU F 92 -24.24 6.05 4.49
C LEU F 92 -22.83 6.27 3.93
N LYS F 93 -22.09 5.18 3.77
CA LYS F 93 -20.78 5.26 3.14
C LYS F 93 -20.87 5.86 1.72
N THR F 94 -21.83 5.41 0.94
CA THR F 94 -21.99 5.90 -0.42
C THR F 94 -22.28 7.40 -0.46
N ASN F 95 -23.22 7.83 0.37
CA ASN F 95 -23.61 9.23 0.46
C ASN F 95 -22.50 10.15 1.02
N THR F 96 -21.64 9.65 1.91
CA THR F 96 -20.61 10.52 2.51
C THR F 96 -19.25 10.43 1.79
N ILE F 97 -18.60 9.28 1.86
CA ILE F 97 -17.32 9.07 1.19
C ILE F 97 -17.48 9.14 -0.34
N GLY F 98 -18.54 8.55 -0.85
CA GLY F 98 -18.84 8.59 -2.26
C GLY F 98 -18.86 10.01 -2.75
N THR F 99 -19.55 10.85 -2.00
CA THR F 99 -19.69 12.26 -2.33
C THR F 99 -18.39 13.07 -2.17
N LEU F 100 -17.61 12.77 -1.15
CA LEU F 100 -16.32 13.44 -1.00
C LEU F 100 -15.44 13.22 -2.24
N ASN F 101 -15.34 11.98 -2.70
CA ASN F 101 -14.57 11.66 -3.87
C ASN F 101 -14.97 12.45 -5.11
N MET F 102 -16.27 12.55 -5.34
CA MET F 102 -16.72 13.22 -6.54
C MET F 102 -16.42 14.70 -6.48
N LEU F 103 -16.30 15.23 -5.27
CA LEU F 103 -15.92 16.61 -5.05
C LEU F 103 -14.41 16.77 -5.17
N GLY F 104 -13.68 15.79 -4.64
CA GLY F 104 -12.23 15.72 -4.81
C GLY F 104 -11.82 15.70 -6.28
N LEU F 105 -12.43 14.78 -7.01
CA LEU F 105 -12.30 14.63 -8.46
C LEU F 105 -12.66 15.90 -9.21
N ALA F 106 -13.80 16.49 -8.84
CA ALA F 106 -14.27 17.74 -9.44
C ALA F 106 -13.22 18.84 -9.22
N LYS F 107 -12.48 18.71 -8.12
CA LYS F 107 -11.47 19.68 -7.73
C LYS F 107 -10.21 19.55 -8.56
N ARG F 108 -9.80 18.31 -8.80
CA ARG F 108 -8.55 18.03 -9.51
C ARG F 108 -8.61 18.40 -11.01
N VAL F 109 -9.77 18.22 -11.61
CA VAL F 109 -9.98 18.40 -13.06
C VAL F 109 -10.89 19.61 -13.36
N GLY F 110 -11.20 20.40 -12.34
CA GLY F 110 -11.99 21.59 -12.58
C GLY F 110 -13.35 21.34 -13.20
N ALA F 111 -14.06 20.35 -12.66
CA ALA F 111 -15.40 19.99 -13.15
C ALA F 111 -16.49 20.62 -12.30
N ARG F 112 -17.62 20.91 -12.92
CA ARG F 112 -18.80 21.35 -12.18
C ARG F 112 -19.55 20.14 -11.63
N LEU F 113 -19.99 20.23 -10.37
CA LEU F 113 -20.65 19.08 -9.76
C LEU F 113 -22.05 19.39 -9.29
N LEU F 114 -22.94 18.48 -9.65
CA LEU F 114 -24.35 18.55 -9.26
C LEU F 114 -24.71 17.44 -8.29
N LEU F 115 -25.35 17.80 -7.19
CA LEU F 115 -25.74 16.81 -6.22
C LEU F 115 -27.21 16.54 -6.38
N ALA F 116 -27.58 15.29 -6.56
CA ALA F 116 -28.99 14.97 -6.64
C ALA F 116 -29.49 14.82 -5.22
N SER F 117 -29.87 15.92 -4.57
CA SER F 117 -30.34 15.80 -3.20
C SER F 117 -31.81 15.45 -3.25
N THR F 118 -32.49 15.54 -2.12
CA THR F 118 -33.88 15.04 -2.03
C THR F 118 -34.71 16.01 -1.18
N SER F 119 -36.03 16.01 -1.39
CA SER F 119 -36.93 16.87 -0.64
C SER F 119 -37.00 16.46 0.83
N GLU F 120 -36.35 15.35 1.15
CA GLU F 120 -36.41 14.78 2.49
C GLU F 120 -35.51 15.54 3.46
N VAL F 121 -34.74 16.49 2.92
CA VAL F 121 -33.86 17.24 3.78
C VAL F 121 -34.75 18.22 4.59
N TYR F 122 -36.06 18.25 4.32
CA TYR F 122 -36.91 19.16 5.06
C TYR F 122 -37.47 18.50 6.32
N GLU F 149 -30.22 8.31 6.10
CA GLU F 149 -29.73 9.65 5.83
C GLU F 149 -28.41 9.75 5.05
N GLY F 150 -27.74 10.89 5.22
CA GLY F 150 -26.49 11.20 4.55
C GLY F 150 -26.54 12.28 3.46
N LYS F 151 -27.76 12.58 2.98
CA LYS F 151 -27.93 13.59 1.94
C LYS F 151 -27.94 15.00 2.43
N ALA F 152 -28.16 15.21 3.72
CA ALA F 152 -27.98 16.54 4.31
C ALA F 152 -26.50 16.93 4.29
N VAL F 153 -25.66 16.09 4.85
CA VAL F 153 -24.28 16.47 4.91
C VAL F 153 -23.73 16.66 3.47
N ALA F 154 -24.16 15.81 2.53
CA ALA F 154 -23.74 15.94 1.14
C ALA F 154 -23.90 17.36 0.64
N GLU F 155 -25.10 17.91 0.82
CA GLU F 155 -25.29 19.31 0.53
C GLU F 155 -24.20 20.10 1.28
N THR F 156 -24.01 19.78 2.55
CA THR F 156 -23.03 20.49 3.36
C THR F 156 -21.60 20.34 2.85
N MET F 157 -21.24 19.14 2.40
CA MET F 157 -19.91 18.89 1.85
C MET F 157 -19.66 19.68 0.54
N CYS F 158 -20.66 19.69 -0.33
CA CYS F 158 -20.56 20.42 -1.58
C CYS F 158 -20.22 21.90 -1.38
N TYR F 159 -21.03 22.58 -0.58
CA TYR F 159 -20.83 24.01 -0.30
C TYR F 159 -19.52 24.33 0.38
N ALA F 160 -19.00 23.37 1.13
CA ALA F 160 -17.71 23.52 1.77
C ALA F 160 -16.61 23.54 0.72
N TYR F 161 -16.81 22.75 -0.34
CA TYR F 161 -15.88 22.74 -1.49
C TYR F 161 -15.99 23.97 -2.38
N MET F 162 -17.22 24.44 -2.57
CA MET F 162 -17.47 25.67 -3.27
C MET F 162 -16.70 26.78 -2.57
N LYS F 163 -17.01 26.98 -1.29
CA LYS F 163 -16.40 28.01 -0.44
C LYS F 163 -14.90 27.86 -0.26
N GLN F 164 -14.46 26.63 -0.04
CA GLN F 164 -13.08 26.34 0.33
C GLN F 164 -12.19 25.97 -0.86
N GLU F 165 -12.78 25.45 -1.93
CA GLU F 165 -11.92 24.99 -3.02
C GLU F 165 -12.35 25.56 -4.37
N GLY F 166 -13.36 26.41 -4.32
CA GLY F 166 -13.83 27.07 -5.51
C GLY F 166 -14.45 26.08 -6.47
N VAL F 167 -14.73 24.87 -6.00
CA VAL F 167 -15.40 23.92 -6.86
C VAL F 167 -16.79 24.47 -7.16
N GLU F 168 -17.23 24.46 -8.40
CA GLU F 168 -18.60 24.93 -8.65
C GLU F 168 -19.57 23.76 -8.47
N VAL F 169 -20.67 24.02 -7.78
CA VAL F 169 -21.61 22.98 -7.41
C VAL F 169 -23.03 23.36 -7.68
N ARG F 170 -23.87 22.37 -7.96
CA ARG F 170 -25.31 22.64 -8.09
C ARG F 170 -26.02 21.60 -7.26
N VAL F 171 -27.11 22.03 -6.63
CA VAL F 171 -27.82 21.15 -5.73
C VAL F 171 -29.30 21.10 -6.05
N ALA F 172 -29.79 19.94 -6.48
CA ALA F 172 -31.22 19.85 -6.76
C ALA F 172 -31.94 19.12 -5.65
N ARG F 173 -32.98 19.70 -5.13
CA ARG F 173 -33.75 18.98 -4.12
C ARG F 173 -34.94 18.35 -4.80
N ILE F 174 -34.78 17.07 -5.09
CA ILE F 174 -35.69 16.29 -5.94
C ILE F 174 -36.85 15.71 -5.14
N PHE F 175 -38.05 15.84 -5.66
CA PHE F 175 -39.19 15.25 -4.98
C PHE F 175 -39.46 13.90 -5.60
N ASN F 176 -40.66 13.40 -5.40
CA ASN F 176 -40.98 12.07 -5.86
C ASN F 176 -41.30 12.06 -7.34
N THR F 177 -40.53 11.22 -8.01
CA THR F 177 -40.62 11.03 -9.44
C THR F 177 -41.07 9.64 -9.77
N PHE F 178 -41.68 9.53 -10.94
CA PHE F 178 -42.18 8.25 -11.45
C PHE F 178 -41.93 8.18 -12.93
N GLY F 179 -41.96 6.95 -13.45
CA GLY F 179 -41.78 6.69 -14.86
C GLY F 179 -41.17 5.32 -15.10
N PRO F 180 -40.97 4.98 -16.39
CA PRO F 180 -40.36 3.73 -16.79
C PRO F 180 -39.06 3.61 -16.08
N ARG F 181 -38.73 2.40 -15.69
CA ARG F 181 -37.48 2.10 -15.04
C ARG F 181 -37.45 2.45 -13.55
N MET F 182 -38.59 2.85 -13.00
CA MET F 182 -38.66 3.08 -11.55
C MET F 182 -38.65 1.77 -10.77
N HIS F 183 -38.30 1.87 -9.49
CA HIS F 183 -38.38 0.72 -8.62
C HIS F 183 -39.88 0.52 -8.40
N MET F 184 -40.36 -0.62 -8.86
CA MET F 184 -41.78 -0.97 -8.85
C MET F 184 -42.21 -1.49 -7.50
N ASN F 185 -41.25 -2.09 -6.82
CA ASN F 185 -41.49 -2.84 -5.60
C ASN F 185 -40.95 -2.11 -4.38
N ASP F 186 -41.25 -0.82 -4.31
CA ASP F 186 -40.83 0.02 -3.21
C ASP F 186 -41.99 0.24 -2.18
N GLY F 187 -43.24 0.05 -2.59
CA GLY F 187 -44.33 0.30 -1.68
C GLY F 187 -44.79 1.75 -1.64
N ARG F 188 -44.34 2.52 -2.61
CA ARG F 188 -44.85 3.86 -2.82
C ARG F 188 -46.33 3.73 -3.24
N VAL F 189 -47.14 4.78 -3.20
CA VAL F 189 -48.60 4.62 -3.47
C VAL F 189 -48.99 4.41 -4.93
N VAL F 190 -48.35 5.17 -5.81
CA VAL F 190 -48.58 5.02 -7.23
C VAL F 190 -48.18 3.62 -7.67
N SER F 191 -47.05 3.15 -7.14
CA SER F 191 -46.54 1.85 -7.48
C SER F 191 -47.49 0.76 -6.98
N ASN F 192 -47.93 0.88 -5.74
CA ASN F 192 -48.84 -0.08 -5.12
C ASN F 192 -50.14 -0.19 -5.96
N PHE F 193 -50.77 0.95 -6.25
CA PHE F 193 -52.00 0.93 -7.02
C PHE F 193 -51.79 0.33 -8.41
N ILE F 194 -50.66 0.64 -9.04
CA ILE F 194 -50.39 0.07 -10.36
C ILE F 194 -50.22 -1.45 -10.35
N LEU F 195 -49.42 -1.95 -9.39
CA LEU F 195 -49.21 -3.38 -9.24
C LEU F 195 -50.56 -4.03 -8.93
N GLN F 196 -51.28 -3.49 -7.96
CA GLN F 196 -52.57 -4.06 -7.62
C GLN F 196 -53.50 -4.03 -8.83
N ALA F 197 -53.45 -2.92 -9.57
CA ALA F 197 -54.33 -2.74 -10.73
C ALA F 197 -53.98 -3.65 -11.89
N LEU F 198 -52.67 -3.80 -12.12
CA LEU F 198 -52.15 -4.61 -13.22
C LEU F 198 -52.35 -6.09 -12.97
N GLN F 199 -52.75 -6.44 -11.75
CA GLN F 199 -52.89 -7.83 -11.32
C GLN F 199 -54.26 -8.13 -10.75
N GLY F 200 -55.26 -7.31 -11.10
CA GLY F 200 -56.63 -7.61 -10.67
C GLY F 200 -56.85 -7.48 -9.19
N GLU F 201 -55.81 -7.07 -8.47
CA GLU F 201 -55.94 -6.91 -7.03
C GLU F 201 -56.92 -5.77 -6.74
N PRO F 202 -57.49 -5.77 -5.54
CA PRO F 202 -58.37 -4.66 -5.13
C PRO F 202 -57.45 -3.47 -4.78
N LEU F 203 -57.86 -2.23 -5.04
CA LEU F 203 -56.99 -1.10 -4.74
C LEU F 203 -57.26 -0.48 -3.35
N SER F 210 -58.64 10.73 0.20
CA SER F 210 -59.05 12.14 0.23
C SER F 210 -57.84 13.07 0.31
N GLN F 211 -56.66 12.49 0.48
CA GLN F 211 -55.37 13.17 0.62
C GLN F 211 -54.67 13.36 -0.71
N THR F 212 -53.68 14.25 -0.77
CA THR F 212 -53.10 14.60 -2.05
C THR F 212 -51.70 14.11 -2.06
N ARG F 213 -51.25 13.69 -3.23
CA ARG F 213 -49.86 13.32 -3.36
C ARG F 213 -49.51 14.08 -4.62
N ALA F 214 -48.27 14.56 -4.73
CA ALA F 214 -47.85 15.32 -5.91
C ALA F 214 -46.76 14.54 -6.60
N PHE F 215 -47.02 14.14 -7.84
CA PHE F 215 -46.01 13.33 -8.45
C PHE F 215 -45.39 13.97 -9.72
N GLN F 216 -44.07 13.91 -9.86
CA GLN F 216 -43.39 14.50 -11.01
C GLN F 216 -42.92 13.42 -11.99
N TYR F 217 -43.14 13.66 -13.28
CA TYR F 217 -42.73 12.69 -14.31
C TYR F 217 -41.24 12.83 -14.65
N VAL F 218 -40.61 11.69 -14.95
CA VAL F 218 -39.16 11.56 -15.07
C VAL F 218 -38.49 12.46 -16.11
N SER F 219 -39.19 12.67 -17.22
CA SER F 219 -38.66 13.54 -18.25
C SER F 219 -38.59 14.96 -17.74
N ASP F 220 -39.63 15.31 -16.96
CA ASP F 220 -39.72 16.57 -16.25
C ASP F 220 -38.54 16.77 -15.30
N LEU F 221 -38.27 15.75 -14.48
CA LEU F 221 -37.14 15.81 -13.58
C LEU F 221 -35.83 16.00 -14.32
N VAL F 222 -35.65 15.21 -15.38
CA VAL F 222 -34.42 15.28 -16.17
C VAL F 222 -34.13 16.63 -16.83
N ASN F 223 -35.16 17.16 -17.50
CA ASN F 223 -35.10 18.46 -18.09
C ASN F 223 -34.69 19.46 -17.03
N GLY F 224 -35.37 19.34 -15.89
CA GLY F 224 -35.04 20.13 -14.71
C GLY F 224 -33.57 20.00 -14.30
N LEU F 225 -33.05 18.78 -14.25
CA LEU F 225 -31.66 18.61 -13.82
C LEU F 225 -30.65 19.31 -14.73
N VAL F 226 -30.85 19.18 -16.04
CA VAL F 226 -29.94 19.77 -17.03
C VAL F 226 -30.05 21.29 -16.94
N ALA F 227 -31.28 21.76 -16.79
CA ALA F 227 -31.51 23.18 -16.61
C ALA F 227 -30.75 23.66 -15.40
N LEU F 228 -30.71 22.85 -14.34
CA LEU F 228 -29.96 23.23 -13.14
C LEU F 228 -28.46 23.10 -13.33
N MET F 229 -28.06 22.17 -14.17
CA MET F 229 -26.63 22.01 -14.37
C MET F 229 -25.97 23.13 -15.16
N ASN F 230 -26.66 23.59 -16.20
CA ASN F 230 -26.02 24.54 -17.06
C ASN F 230 -26.42 25.99 -16.77
N SER F 231 -27.03 26.21 -15.60
CA SER F 231 -27.29 27.58 -15.11
C SER F 231 -26.18 28.02 -14.13
N ASN F 232 -26.32 29.22 -13.58
CA ASN F 232 -25.36 29.70 -12.57
C ASN F 232 -25.83 29.82 -11.11
N VAL F 233 -27.00 29.25 -10.82
CA VAL F 233 -27.57 29.21 -9.47
C VAL F 233 -26.85 28.08 -8.72
N SER F 234 -25.94 28.39 -7.80
CA SER F 234 -25.24 27.31 -7.06
C SER F 234 -25.98 26.90 -5.78
N SER F 235 -26.92 27.73 -5.38
CA SER F 235 -27.74 27.42 -4.21
C SER F 235 -28.81 26.39 -4.62
N PRO F 236 -29.42 25.74 -3.61
CA PRO F 236 -30.44 24.70 -3.75
C PRO F 236 -31.64 25.13 -4.56
N VAL F 237 -32.24 24.20 -5.32
CA VAL F 237 -33.43 24.48 -6.12
C VAL F 237 -34.43 23.31 -6.06
N ASN F 238 -35.69 23.56 -5.71
CA ASN F 238 -36.64 22.46 -5.76
C ASN F 238 -37.03 22.10 -7.17
N LEU F 239 -36.93 20.80 -7.47
CA LEU F 239 -37.36 20.29 -8.76
C LEU F 239 -38.41 19.21 -8.48
N GLY F 240 -39.66 19.57 -8.64
CA GLY F 240 -40.77 18.68 -8.37
C GLY F 240 -42.03 19.17 -9.07
N ASN F 241 -43.14 18.45 -8.93
CA ASN F 241 -44.38 18.92 -9.51
C ASN F 241 -45.38 19.39 -8.47
N PRO F 242 -45.65 20.69 -8.47
CA PRO F 242 -46.55 21.34 -7.51
C PRO F 242 -47.99 20.88 -7.65
N GLU F 243 -48.33 20.35 -8.83
CA GLU F 243 -49.69 19.89 -9.14
C GLU F 243 -50.07 18.66 -8.35
N GLU F 244 -51.09 18.80 -7.53
CA GLU F 244 -51.53 17.72 -6.66
C GLU F 244 -52.82 17.02 -7.12
N HIS F 245 -52.94 15.73 -6.77
CA HIS F 245 -54.20 14.98 -6.90
C HIS F 245 -54.43 14.08 -5.68
N THR F 246 -55.66 13.64 -5.53
CA THR F 246 -56.00 12.77 -4.43
C THR F 246 -55.65 11.31 -4.57
N ILE F 247 -55.27 10.71 -3.45
CA ILE F 247 -55.00 9.29 -3.36
C ILE F 247 -56.18 8.58 -4.01
N LEU F 248 -57.40 9.08 -3.79
CA LEU F 248 -58.58 8.45 -4.37
C LEU F 248 -58.70 8.68 -5.90
N GLU F 249 -58.35 9.88 -6.40
CA GLU F 249 -58.34 10.12 -7.85
C GLU F 249 -57.39 9.26 -8.66
N PHE F 250 -56.18 9.18 -8.13
CA PHE F 250 -55.12 8.40 -8.71
C PHE F 250 -55.58 6.98 -8.91
N ALA F 251 -56.06 6.37 -7.84
CA ALA F 251 -56.57 5.00 -7.90
C ALA F 251 -57.64 4.81 -8.98
N GLN F 252 -58.49 5.82 -9.17
CA GLN F 252 -59.55 5.71 -10.16
C GLN F 252 -58.96 5.83 -11.56
N LEU F 253 -57.96 6.68 -11.70
CA LEU F 253 -57.30 6.90 -12.99
C LEU F 253 -56.52 5.66 -13.47
N ILE F 254 -55.77 5.04 -12.57
CA ILE F 254 -54.98 3.83 -12.84
C ILE F 254 -55.87 2.63 -13.18
N LYS F 255 -56.97 2.48 -12.44
CA LYS F 255 -57.96 1.43 -12.66
C LYS F 255 -58.46 1.37 -14.11
N ASN F 256 -58.71 2.54 -14.66
CA ASN F 256 -59.20 2.68 -16.03
C ASN F 256 -58.06 2.55 -17.04
N LEU F 257 -56.91 3.17 -16.76
CA LEU F 257 -55.81 3.12 -17.73
C LEU F 257 -55.32 1.67 -17.92
N VAL F 258 -55.45 0.83 -16.90
CA VAL F 258 -55.10 -0.59 -17.01
C VAL F 258 -56.26 -1.41 -17.61
N GLY F 259 -57.47 -1.09 -17.20
CA GLY F 259 -58.68 -1.78 -17.66
C GLY F 259 -58.91 -3.13 -16.99
N SER F 260 -58.75 -3.13 -15.67
CA SER F 260 -58.86 -4.32 -14.80
C SER F 260 -60.16 -4.33 -14.00
N GLY F 261 -60.50 -5.49 -13.45
CA GLY F 261 -61.67 -5.63 -12.62
C GLY F 261 -61.35 -5.27 -11.16
N SER F 262 -60.39 -4.36 -10.96
CA SER F 262 -59.93 -4.07 -9.61
C SER F 262 -60.93 -3.23 -8.83
N GLU F 263 -61.05 -3.58 -7.55
CA GLU F 263 -61.93 -2.90 -6.60
C GLU F 263 -61.20 -1.80 -5.87
N ILE F 264 -61.93 -0.79 -5.41
CA ILE F 264 -61.30 0.26 -4.62
C ILE F 264 -61.65 0.18 -3.14
N ARG F 277 -46.43 17.58 2.00
CA ARG F 277 -45.49 18.64 1.63
C ARG F 277 -45.44 18.90 0.12
N LYS F 278 -46.32 19.78 -0.36
CA LYS F 278 -46.36 20.14 -1.78
C LYS F 278 -45.12 20.98 -2.14
N PRO F 279 -44.44 20.64 -3.26
CA PRO F 279 -43.22 21.37 -3.66
C PRO F 279 -43.49 22.80 -4.16
N ASP F 280 -42.63 23.73 -3.74
CA ASP F 280 -42.66 25.08 -4.25
C ASP F 280 -41.51 25.28 -5.25
N ILE F 281 -41.87 25.43 -6.53
CA ILE F 281 -40.92 25.57 -7.63
C ILE F 281 -40.89 26.95 -8.31
N LYS F 282 -41.38 27.95 -7.59
CA LYS F 282 -41.40 29.32 -8.09
C LYS F 282 -39.93 29.75 -8.33
N LYS F 283 -39.03 29.23 -7.52
CA LYS F 283 -37.63 29.56 -7.74
C LYS F 283 -37.07 28.98 -9.04
N ALA F 284 -37.53 27.78 -9.39
CA ALA F 284 -37.14 27.13 -10.65
C ALA F 284 -37.80 27.75 -11.87
N LYS F 285 -39.07 28.05 -11.72
CA LYS F 285 -39.82 28.68 -12.79
C LYS F 285 -39.10 29.94 -13.22
N LEU F 286 -38.63 30.70 -12.23
CA LEU F 286 -38.02 32.02 -12.41
C LEU F 286 -36.52 32.00 -12.70
N MET F 287 -35.79 31.12 -12.03
CA MET F 287 -34.34 31.10 -12.16
C MET F 287 -33.86 30.28 -13.35
N LEU F 288 -34.67 29.30 -13.73
CA LEU F 288 -34.33 28.37 -14.80
C LEU F 288 -35.38 28.42 -15.90
N GLY F 289 -36.47 29.11 -15.60
CA GLY F 289 -37.60 29.11 -16.52
C GLY F 289 -38.07 27.67 -16.70
N TRP F 290 -37.89 26.84 -15.67
CA TRP F 290 -38.25 25.43 -15.74
C TRP F 290 -39.58 25.18 -15.05
N GLU F 291 -40.31 24.19 -15.59
CA GLU F 291 -41.47 23.60 -14.93
C GLU F 291 -41.97 22.30 -15.59
N PRO F 292 -42.63 21.44 -14.79
CA PRO F 292 -43.14 20.16 -15.32
C PRO F 292 -44.18 20.45 -16.41
N VAL F 293 -44.07 19.73 -17.53
CA VAL F 293 -44.99 19.91 -18.66
C VAL F 293 -45.74 18.64 -19.08
N VAL F 294 -45.27 17.49 -18.61
CA VAL F 294 -45.88 16.21 -18.92
C VAL F 294 -47.19 16.01 -18.15
N PRO F 295 -48.31 16.00 -18.87
CA PRO F 295 -49.63 15.84 -18.23
C PRO F 295 -49.67 14.55 -17.44
N LEU F 296 -50.40 14.58 -16.33
CA LEU F 296 -50.40 13.45 -15.43
C LEU F 296 -50.78 12.12 -16.11
N GLU F 297 -51.85 12.12 -16.89
CA GLU F 297 -52.32 10.93 -17.61
C GLU F 297 -51.26 10.30 -18.53
N GLU F 298 -50.60 11.13 -19.34
CA GLU F 298 -49.58 10.63 -20.25
C GLU F 298 -48.43 10.01 -19.48
N GLY F 299 -48.07 10.65 -18.38
CA GLY F 299 -47.01 10.18 -17.51
C GLY F 299 -47.38 8.85 -16.88
N LEU F 300 -48.59 8.75 -16.34
CA LEU F 300 -49.04 7.48 -15.78
C LEU F 300 -49.08 6.37 -16.80
N ASN F 301 -49.56 6.67 -18.01
CA ASN F 301 -49.58 5.70 -19.11
C ASN F 301 -48.21 5.08 -19.36
N LYS F 302 -47.18 5.91 -19.44
CA LYS F 302 -45.85 5.40 -19.71
C LYS F 302 -45.34 4.52 -18.57
N ALA F 303 -45.61 4.96 -17.34
CA ALA F 303 -45.21 4.18 -16.17
C ALA F 303 -45.95 2.85 -16.12
N ILE F 304 -47.24 2.87 -16.45
CA ILE F 304 -48.06 1.67 -16.47
C ILE F 304 -47.57 0.66 -17.53
N HIS F 305 -47.21 1.18 -18.69
CA HIS F 305 -46.66 0.39 -19.79
C HIS F 305 -45.38 -0.32 -19.37
N TYR F 306 -44.59 0.33 -18.54
CA TYR F 306 -43.36 -0.28 -18.01
C TYR F 306 -43.65 -1.41 -17.01
N PHE F 307 -44.53 -1.12 -16.06
CA PHE F 307 -44.92 -2.09 -15.05
C PHE F 307 -45.47 -3.34 -15.71
N ARG F 308 -46.16 -3.14 -16.83
CA ARG F 308 -46.74 -4.25 -17.56
C ARG F 308 -45.67 -5.10 -18.28
N LYS F 309 -44.84 -4.47 -19.12
CA LYS F 309 -43.73 -5.13 -19.84
C LYS F 309 -42.80 -5.92 -18.93
N GLU F 310 -42.65 -5.48 -17.68
CA GLU F 310 -41.80 -6.15 -16.72
C GLU F 310 -42.47 -7.40 -16.17
N LEU F 311 -43.75 -7.27 -15.81
CA LEU F 311 -44.50 -8.39 -15.27
C LEU F 311 -44.53 -9.57 -16.25
N GLU F 312 -44.81 -9.26 -17.51
CA GLU F 312 -44.86 -10.29 -18.56
C GLU F 312 -43.49 -10.93 -18.72
N TYR F 313 -42.48 -10.08 -18.72
CA TYR F 313 -41.10 -10.56 -18.81
C TYR F 313 -40.81 -11.51 -17.67
N GLN F 314 -41.59 -11.37 -16.61
CA GLN F 314 -41.43 -12.18 -15.42
C GLN F 314 -42.49 -13.28 -15.17
N ALA F 315 -42.96 -13.97 -16.21
CA ALA F 315 -43.99 -15.01 -16.03
C ALA F 315 -43.47 -16.40 -16.36
#